data_2HGK
#
_entry.id   2HGK
#
_entity_poly.entity_id   1
_entity_poly.type   'polypeptide(L)'
_entity_poly.pdbx_seq_one_letter_code
;MTTHDRVRLQLQALEALLREHQHWRNDEPQPHQFNSTQPFFMDTMEPLEWLQWVLIPRMHDLLDNKQPLPGAFAVAPYYE
MALATDHPQRALILAELEKLDALFADDASLEHHHHHH
;
_entity_poly.pdbx_strand_id   A
#
# COMPACT_ATOMS: atom_id res chain seq x y z
N MET A 1 -10.95 -8.05 -17.26
CA MET A 1 -9.76 -7.28 -16.84
C MET A 1 -9.12 -7.94 -15.65
N THR A 2 -7.80 -8.05 -15.68
CA THR A 2 -7.04 -8.73 -14.65
C THR A 2 -7.15 -8.02 -13.31
N THR A 3 -7.51 -8.77 -12.27
CA THR A 3 -7.65 -8.23 -10.93
C THR A 3 -6.31 -7.70 -10.41
N HIS A 4 -5.25 -8.47 -10.61
CA HIS A 4 -3.91 -8.05 -10.19
C HIS A 4 -3.47 -6.80 -10.95
N ASP A 5 -4.10 -6.55 -12.09
CA ASP A 5 -3.76 -5.41 -12.92
C ASP A 5 -4.45 -4.14 -12.42
N ARG A 6 -5.70 -4.29 -11.98
CA ARG A 6 -6.45 -3.15 -11.46
C ARG A 6 -5.85 -2.64 -10.15
N VAL A 7 -5.31 -3.54 -9.34
CA VAL A 7 -4.63 -3.14 -8.11
C VAL A 7 -3.35 -2.38 -8.44
N ARG A 8 -2.74 -2.74 -9.57
CA ARG A 8 -1.57 -2.02 -10.07
C ARG A 8 -1.95 -0.58 -10.38
N LEU A 9 -3.11 -0.41 -11.01
CA LEU A 9 -3.61 0.92 -11.35
C LEU A 9 -3.86 1.72 -10.08
N GLN A 10 -4.36 1.05 -9.05
CA GLN A 10 -4.58 1.67 -7.74
C GLN A 10 -3.26 2.21 -7.17
N LEU A 11 -2.20 1.43 -7.30
CA LEU A 11 -0.88 1.86 -6.85
C LEU A 11 -0.45 3.13 -7.58
N GLN A 12 -0.79 3.20 -8.86
CA GLN A 12 -0.45 4.35 -9.67
C GLN A 12 -1.37 5.54 -9.36
N ALA A 13 -2.58 5.25 -8.87
CA ALA A 13 -3.49 6.29 -8.42
C ALA A 13 -2.96 6.97 -7.18
N LEU A 14 -2.42 6.16 -6.27
CA LEU A 14 -1.78 6.68 -5.07
C LEU A 14 -0.52 7.47 -5.45
N GLU A 15 0.20 6.95 -6.44
CA GLU A 15 1.38 7.60 -6.97
C GLU A 15 1.03 8.97 -7.56
N ALA A 16 -0.09 9.02 -8.28
CA ALA A 16 -0.57 10.26 -8.88
C ALA A 16 -0.92 11.28 -7.80
N LEU A 17 -1.48 10.79 -6.71
CA LEU A 17 -1.84 11.64 -5.58
C LEU A 17 -0.59 12.26 -4.96
N LEU A 18 0.48 11.47 -4.88
CA LEU A 18 1.75 11.94 -4.36
C LEU A 18 2.48 12.80 -5.39
N ARG A 19 2.03 12.72 -6.63
CA ARG A 19 2.60 13.52 -7.71
C ARG A 19 2.01 14.93 -7.67
N GLU A 20 0.71 15.01 -7.41
CA GLU A 20 0.05 16.30 -7.25
C GLU A 20 0.48 16.95 -5.94
N HIS A 21 0.40 16.16 -4.88
CA HIS A 21 0.78 16.62 -3.56
C HIS A 21 2.20 16.15 -3.30
N GLN A 22 3.08 16.61 -4.18
CA GLN A 22 4.49 16.24 -4.20
C GLN A 22 5.11 16.03 -2.82
N HIS A 23 5.14 14.77 -2.41
CA HIS A 23 5.83 14.35 -1.20
C HIS A 23 6.55 13.04 -1.49
N TRP A 24 6.81 12.83 -2.78
CA TRP A 24 7.44 11.60 -3.25
C TRP A 24 8.88 11.49 -2.79
N ARG A 25 9.23 10.32 -2.28
CA ARG A 25 10.58 10.07 -1.78
C ARG A 25 11.29 9.05 -2.65
N ASN A 26 12.56 9.30 -2.93
CA ASN A 26 13.38 8.38 -3.70
C ASN A 26 14.62 8.01 -2.92
N ASP A 27 14.66 6.79 -2.42
CA ASP A 27 15.80 6.32 -1.64
C ASP A 27 16.87 5.74 -2.56
N GLU A 28 18.12 5.95 -2.20
CA GLU A 28 19.22 5.30 -2.87
C GLU A 28 19.52 4.00 -2.14
N PRO A 29 18.99 2.86 -2.68
CA PRO A 29 18.84 1.58 -1.98
C PRO A 29 19.67 1.42 -0.71
N GLN A 30 19.15 1.96 0.38
CA GLN A 30 19.81 1.87 1.68
C GLN A 30 19.31 0.64 2.43
N PRO A 31 20.17 -0.38 2.55
CA PRO A 31 19.80 -1.66 3.18
C PRO A 31 19.42 -1.48 4.65
N HIS A 32 19.94 -0.42 5.25
CA HIS A 32 19.63 -0.09 6.65
C HIS A 32 18.13 0.03 6.85
N GLN A 33 17.43 0.50 5.82
CA GLN A 33 16.00 0.75 5.90
C GLN A 33 15.21 -0.56 5.88
N PHE A 34 15.80 -1.61 5.32
CA PHE A 34 15.09 -2.88 5.15
C PHE A 34 15.60 -3.93 6.13
N ASN A 35 16.84 -3.80 6.58
CA ASN A 35 17.44 -4.77 7.48
C ASN A 35 16.98 -4.57 8.91
N SER A 36 16.09 -3.61 9.11
CA SER A 36 15.37 -3.51 10.35
C SER A 36 14.30 -4.58 10.38
N THR A 37 13.80 -4.89 9.18
CA THR A 37 12.88 -6.00 8.96
C THR A 37 11.56 -5.80 9.73
N GLN A 38 11.22 -4.53 9.94
CA GLN A 38 9.94 -4.19 10.55
C GLN A 38 8.84 -4.17 9.50
N PRO A 39 7.60 -4.52 9.89
CA PRO A 39 6.46 -4.59 8.97
C PRO A 39 6.17 -3.25 8.29
N PHE A 40 6.35 -2.16 9.05
CA PHE A 40 6.07 -0.82 8.53
C PHE A 40 7.29 0.09 8.65
N PHE A 41 8.44 -0.50 9.02
CA PHE A 41 9.69 0.25 9.22
C PHE A 41 9.44 1.49 10.09
N MET A 42 8.86 1.26 11.27
CA MET A 42 8.40 2.34 12.14
C MET A 42 9.56 3.06 12.81
N ASP A 43 10.60 2.31 13.18
CA ASP A 43 11.73 2.86 13.92
C ASP A 43 12.86 3.22 12.98
N THR A 44 12.80 2.74 11.76
CA THR A 44 13.86 2.94 10.80
C THR A 44 13.71 4.29 10.10
N MET A 45 12.47 4.74 10.00
CA MET A 45 12.16 6.02 9.39
C MET A 45 10.70 6.35 9.68
N GLU A 46 10.19 7.42 9.10
CA GLU A 46 8.81 7.78 9.30
C GLU A 46 7.90 6.76 8.61
N PRO A 47 6.79 6.38 9.26
CA PRO A 47 5.85 5.37 8.73
C PRO A 47 5.28 5.75 7.37
N LEU A 48 5.50 6.99 6.96
CA LEU A 48 5.01 7.49 5.69
C LEU A 48 5.90 7.01 4.54
N GLU A 49 7.16 6.71 4.83
CA GLU A 49 8.10 6.29 3.81
C GLU A 49 7.98 4.80 3.52
N TRP A 50 7.01 4.17 4.13
CA TRP A 50 6.71 2.77 3.86
C TRP A 50 5.69 2.66 2.73
N LEU A 51 4.72 3.59 2.75
CA LEU A 51 3.65 3.62 1.76
C LEU A 51 4.22 3.70 0.34
N GLN A 52 5.14 4.62 0.14
CA GLN A 52 5.80 4.76 -1.14
C GLN A 52 7.18 4.13 -1.09
N TRP A 53 7.77 3.90 -2.25
CA TRP A 53 9.10 3.31 -2.37
C TRP A 53 9.09 1.81 -2.03
N VAL A 54 8.49 1.46 -0.91
CA VAL A 54 8.42 0.05 -0.51
C VAL A 54 7.12 -0.59 -0.98
N LEU A 55 6.00 -0.18 -0.37
CA LEU A 55 4.70 -0.82 -0.59
C LEU A 55 4.33 -0.88 -2.07
N ILE A 56 4.36 0.26 -2.76
CA ILE A 56 3.92 0.33 -4.14
C ILE A 56 4.70 -0.65 -5.05
N PRO A 57 6.05 -0.57 -5.15
CA PRO A 57 6.82 -1.48 -6.00
C PRO A 57 6.76 -2.92 -5.51
N ARG A 58 6.66 -3.10 -4.19
CA ARG A 58 6.56 -4.42 -3.58
C ARG A 58 5.31 -5.12 -4.09
N MET A 59 4.20 -4.40 -4.13
CA MET A 59 2.94 -4.96 -4.59
C MET A 59 2.95 -5.15 -6.11
N HIS A 60 3.66 -4.27 -6.83
CA HIS A 60 3.79 -4.41 -8.28
C HIS A 60 4.27 -5.81 -8.65
N ASP A 61 5.33 -6.26 -7.99
CA ASP A 61 5.90 -7.57 -8.23
C ASP A 61 4.97 -8.68 -7.73
N LEU A 62 4.34 -8.44 -6.59
CA LEU A 62 3.43 -9.41 -5.99
C LEU A 62 2.25 -9.68 -6.93
N LEU A 63 1.68 -8.59 -7.46
CA LEU A 63 0.57 -8.69 -8.39
C LEU A 63 0.97 -9.44 -9.64
N ASP A 64 2.17 -9.13 -10.14
CA ASP A 64 2.67 -9.74 -11.36
C ASP A 64 2.94 -11.23 -11.19
N ASN A 65 3.38 -11.62 -10.00
CA ASN A 65 3.70 -13.02 -9.71
C ASN A 65 2.46 -13.84 -9.43
N LYS A 66 1.29 -13.28 -9.73
CA LYS A 66 0.01 -13.98 -9.59
C LYS A 66 -0.27 -14.34 -8.13
N GLN A 67 0.44 -13.69 -7.21
CA GLN A 67 0.29 -13.99 -5.79
C GLN A 67 -1.07 -13.52 -5.28
N PRO A 68 -1.72 -14.34 -4.46
CA PRO A 68 -3.01 -13.99 -3.84
C PRO A 68 -2.89 -12.75 -2.97
N LEU A 69 -3.95 -11.97 -2.90
CA LEU A 69 -3.95 -10.73 -2.16
C LEU A 69 -4.24 -11.00 -0.69
N PRO A 70 -3.39 -10.47 0.21
CA PRO A 70 -3.62 -10.57 1.65
C PRO A 70 -5.03 -10.14 2.03
N GLY A 71 -5.83 -11.12 2.47
CA GLY A 71 -7.23 -10.90 2.71
C GLY A 71 -7.53 -9.83 3.74
N ALA A 72 -6.63 -9.66 4.70
CA ALA A 72 -6.85 -8.71 5.77
C ALA A 72 -5.87 -7.55 5.68
N PHE A 73 -5.41 -7.25 4.48
CA PHE A 73 -4.52 -6.12 4.27
C PHE A 73 -5.30 -4.82 4.41
N ALA A 74 -4.95 -4.04 5.42
CA ALA A 74 -5.60 -2.77 5.65
C ALA A 74 -4.62 -1.79 6.26
N VAL A 75 -4.20 -0.81 5.48
CA VAL A 75 -3.23 0.18 5.94
C VAL A 75 -3.92 1.49 6.31
N ALA A 76 -5.15 1.66 5.86
CA ALA A 76 -5.93 2.84 6.18
C ALA A 76 -6.06 3.04 7.70
N PRO A 77 -6.51 2.00 8.47
CA PRO A 77 -6.64 2.11 9.93
C PRO A 77 -5.31 2.42 10.62
N TYR A 78 -4.20 2.10 9.96
CA TYR A 78 -2.89 2.38 10.51
C TYR A 78 -2.54 3.85 10.32
N TYR A 79 -2.66 4.33 9.08
CA TYR A 79 -2.31 5.70 8.75
C TYR A 79 -3.32 6.69 9.33
N GLU A 80 -4.46 6.17 9.75
CA GLU A 80 -5.45 6.98 10.45
C GLU A 80 -4.87 7.51 11.77
N MET A 81 -3.90 6.77 12.31
CA MET A 81 -3.24 7.18 13.54
C MET A 81 -1.86 7.74 13.24
N ALA A 82 -1.19 7.12 12.26
CA ALA A 82 0.17 7.53 11.89
C ALA A 82 0.19 8.93 11.29
N LEU A 83 -0.87 9.28 10.58
CA LEU A 83 -0.99 10.60 9.99
C LEU A 83 -1.92 11.45 10.83
N ALA A 84 -1.36 12.51 11.40
CA ALA A 84 -2.07 13.36 12.35
C ALA A 84 -3.36 13.94 11.77
N THR A 85 -4.34 14.13 12.64
CA THR A 85 -5.64 14.68 12.27
C THR A 85 -5.55 16.16 11.91
N ASP A 86 -4.41 16.75 12.22
CA ASP A 86 -4.19 18.19 12.06
C ASP A 86 -4.18 18.59 10.59
N HIS A 87 -4.12 17.62 9.70
CA HIS A 87 -4.17 17.88 8.28
C HIS A 87 -5.39 17.20 7.67
N PRO A 88 -6.55 17.91 7.67
CA PRO A 88 -7.84 17.36 7.22
C PRO A 88 -7.79 16.80 5.80
N GLN A 89 -6.85 17.30 4.99
CA GLN A 89 -6.70 16.83 3.62
C GLN A 89 -6.16 15.40 3.58
N ARG A 90 -5.91 14.82 4.75
CA ARG A 90 -5.46 13.44 4.85
C ARG A 90 -6.54 12.50 4.32
N ALA A 91 -7.78 13.00 4.29
CA ALA A 91 -8.92 12.24 3.81
C ALA A 91 -8.69 11.76 2.37
N LEU A 92 -8.01 12.58 1.57
CA LEU A 92 -7.70 12.22 0.20
C LEU A 92 -6.83 10.97 0.16
N ILE A 93 -5.81 10.96 1.02
CA ILE A 93 -4.89 9.83 1.11
C ILE A 93 -5.62 8.62 1.69
N LEU A 94 -6.38 8.85 2.75
CA LEU A 94 -7.12 7.78 3.41
C LEU A 94 -8.12 7.15 2.45
N ALA A 95 -8.77 7.96 1.64
CA ALA A 95 -9.73 7.45 0.66
C ALA A 95 -9.05 6.52 -0.33
N GLU A 96 -7.84 6.88 -0.76
CA GLU A 96 -7.06 6.04 -1.65
C GLU A 96 -6.61 4.77 -0.92
N LEU A 97 -6.32 4.91 0.37
CA LEU A 97 -5.91 3.76 1.18
C LEU A 97 -7.07 2.79 1.38
N GLU A 98 -8.22 3.32 1.81
CA GLU A 98 -9.41 2.50 2.01
C GLU A 98 -9.84 1.85 0.71
N LYS A 99 -9.53 2.49 -0.39
CA LYS A 99 -9.85 1.97 -1.72
C LYS A 99 -8.88 0.84 -2.08
N LEU A 100 -7.62 1.02 -1.72
CA LEU A 100 -6.60 -0.01 -1.90
C LEU A 100 -6.92 -1.23 -1.04
N ASP A 101 -7.16 -0.98 0.24
CA ASP A 101 -7.52 -2.04 1.19
C ASP A 101 -8.78 -2.77 0.72
N ALA A 102 -9.68 -2.02 0.08
CA ALA A 102 -10.92 -2.58 -0.43
C ALA A 102 -10.67 -3.55 -1.56
N LEU A 103 -9.52 -3.42 -2.23
CA LEU A 103 -9.16 -4.33 -3.31
C LEU A 103 -8.59 -5.62 -2.74
N PHE A 104 -7.84 -5.50 -1.65
CA PHE A 104 -7.31 -6.68 -0.97
C PHE A 104 -8.42 -7.44 -0.26
N ALA A 105 -9.43 -6.71 0.18
CA ALA A 105 -10.62 -7.32 0.77
C ALA A 105 -11.66 -7.64 -0.29
N ASP A 106 -11.25 -7.55 -1.56
CA ASP A 106 -12.14 -7.82 -2.67
C ASP A 106 -11.93 -9.23 -3.21
N ASP A 107 -10.74 -9.49 -3.71
CA ASP A 107 -10.41 -10.81 -4.23
C ASP A 107 -10.03 -11.73 -3.09
N ALA A 108 -10.95 -12.60 -2.71
CA ALA A 108 -10.75 -13.45 -1.55
C ALA A 108 -10.26 -14.83 -1.94
N SER A 109 -10.84 -15.41 -2.99
CA SER A 109 -10.51 -16.76 -3.37
C SER A 109 -10.03 -16.83 -4.82
N LEU A 110 -8.72 -16.97 -5.00
CA LEU A 110 -8.16 -17.22 -6.30
C LEU A 110 -8.26 -18.72 -6.61
N GLU A 111 -8.95 -19.05 -7.69
CA GLU A 111 -9.18 -20.43 -8.06
C GLU A 111 -7.88 -21.14 -8.39
N HIS A 112 -7.68 -22.30 -7.78
CA HIS A 112 -6.49 -23.09 -8.03
C HIS A 112 -6.73 -24.06 -9.19
N HIS A 113 -6.51 -23.58 -10.39
CA HIS A 113 -6.65 -24.42 -11.56
C HIS A 113 -5.34 -25.11 -11.88
N HIS A 114 -5.28 -26.40 -11.56
CA HIS A 114 -4.08 -27.19 -11.79
C HIS A 114 -3.88 -27.44 -13.28
N HIS A 115 -2.75 -28.01 -13.64
CA HIS A 115 -2.43 -28.26 -15.04
C HIS A 115 -3.13 -29.54 -15.51
N HIS A 116 -3.38 -30.43 -14.56
CA HIS A 116 -4.07 -31.67 -14.85
C HIS A 116 -4.83 -32.14 -13.62
N HIS A 117 -5.98 -32.78 -13.83
CA HIS A 117 -6.76 -33.34 -12.73
C HIS A 117 -6.32 -34.76 -12.46
N MET A 1 -7.19 -8.31 -17.33
CA MET A 1 -8.47 -7.73 -16.88
C MET A 1 -8.96 -8.45 -15.62
N THR A 2 -8.04 -8.84 -14.76
CA THR A 2 -8.39 -9.54 -13.54
C THR A 2 -8.33 -8.57 -12.37
N THR A 3 -8.52 -9.10 -11.16
CA THR A 3 -8.39 -8.31 -9.95
C THR A 3 -7.00 -7.68 -9.85
N HIS A 4 -6.00 -8.34 -10.44
CA HIS A 4 -4.62 -7.84 -10.39
C HIS A 4 -4.50 -6.52 -11.14
N ASP A 5 -5.28 -6.37 -12.21
CA ASP A 5 -5.27 -5.15 -13.00
C ASP A 5 -5.79 -3.98 -12.18
N ARG A 6 -6.92 -4.22 -11.49
CA ARG A 6 -7.56 -3.18 -10.68
C ARG A 6 -6.63 -2.66 -9.60
N VAL A 7 -6.03 -3.57 -8.84
CA VAL A 7 -5.14 -3.19 -7.74
C VAL A 7 -3.89 -2.49 -8.28
N ARG A 8 -3.42 -2.92 -9.45
CA ARG A 8 -2.22 -2.35 -10.05
C ARG A 8 -2.49 -0.91 -10.48
N LEU A 9 -3.66 -0.69 -11.07
CA LEU A 9 -4.09 0.64 -11.46
C LEU A 9 -4.31 1.52 -10.23
N GLN A 10 -4.83 0.92 -9.17
CA GLN A 10 -5.06 1.61 -7.91
C GLN A 10 -3.73 2.05 -7.30
N LEU A 11 -2.73 1.18 -7.39
CA LEU A 11 -1.38 1.51 -6.94
C LEU A 11 -0.85 2.69 -7.73
N GLN A 12 -1.08 2.68 -9.03
CA GLN A 12 -0.61 3.74 -9.91
C GLN A 12 -1.42 5.03 -9.71
N ALA A 13 -2.64 4.89 -9.19
CA ALA A 13 -3.46 6.04 -8.85
C ALA A 13 -2.86 6.75 -7.63
N LEU A 14 -2.55 5.97 -6.60
CA LEU A 14 -1.88 6.50 -5.42
C LEU A 14 -0.48 6.96 -5.77
N GLU A 15 0.14 6.25 -6.70
CA GLU A 15 1.45 6.59 -7.23
C GLU A 15 1.43 8.03 -7.76
N ALA A 16 0.37 8.35 -8.50
CA ALA A 16 0.20 9.68 -9.06
C ALA A 16 -0.20 10.68 -7.98
N LEU A 17 -1.09 10.25 -7.08
CA LEU A 17 -1.56 11.11 -5.99
C LEU A 17 -0.38 11.61 -5.16
N LEU A 18 0.53 10.69 -4.81
CA LEU A 18 1.71 11.05 -4.04
C LEU A 18 2.63 11.94 -4.87
N ARG A 19 2.68 11.67 -6.16
CA ARG A 19 3.53 12.41 -7.07
C ARG A 19 3.06 13.86 -7.19
N GLU A 20 1.75 14.03 -7.38
CA GLU A 20 1.15 15.36 -7.49
C GLU A 20 1.31 16.14 -6.19
N HIS A 21 1.24 15.43 -5.07
CA HIS A 21 1.32 16.07 -3.76
C HIS A 21 2.72 16.01 -3.17
N GLN A 22 3.71 15.86 -4.06
CA GLN A 22 5.12 16.00 -3.70
C GLN A 22 5.58 15.05 -2.59
N HIS A 23 4.92 13.90 -2.46
CA HIS A 23 5.38 12.89 -1.53
C HIS A 23 6.16 11.82 -2.26
N TRP A 24 6.12 11.90 -3.58
CA TRP A 24 6.85 10.97 -4.42
C TRP A 24 8.27 11.46 -4.63
N ARG A 25 9.21 10.77 -4.01
CA ARG A 25 10.62 11.14 -4.10
C ARG A 25 11.47 9.94 -4.46
N ASN A 26 11.20 8.81 -3.82
CA ASN A 26 12.03 7.61 -3.96
C ASN A 26 13.49 7.97 -3.73
N ASP A 27 13.84 8.22 -2.49
CA ASP A 27 15.15 8.73 -2.14
C ASP A 27 16.19 7.61 -2.16
N GLU A 28 17.42 7.93 -1.77
CA GLU A 28 18.52 6.98 -1.79
C GLU A 28 18.35 5.95 -0.68
N PRO A 29 18.10 4.68 -1.04
CA PRO A 29 17.85 3.62 -0.07
C PRO A 29 19.09 3.26 0.75
N GLN A 30 18.97 3.41 2.05
CA GLN A 30 20.04 3.02 2.96
C GLN A 30 19.64 1.74 3.69
N PRO A 31 20.52 0.73 3.68
CA PRO A 31 20.24 -0.57 4.32
C PRO A 31 19.81 -0.44 5.77
N HIS A 32 20.36 0.54 6.49
CA HIS A 32 20.01 0.78 7.88
C HIS A 32 18.51 1.07 8.04
N GLN A 33 17.96 1.77 7.04
CA GLN A 33 16.54 2.14 7.06
C GLN A 33 15.65 0.89 7.03
N PHE A 34 16.17 -0.18 6.45
CA PHE A 34 15.40 -1.41 6.30
C PHE A 34 15.72 -2.40 7.41
N ASN A 35 16.86 -2.24 8.05
CA ASN A 35 17.31 -3.17 9.09
C ASN A 35 16.57 -2.98 10.39
N SER A 36 15.65 -2.03 10.42
CA SER A 36 14.72 -1.92 11.53
C SER A 36 13.87 -3.19 11.56
N THR A 37 13.66 -3.76 10.37
CA THR A 37 13.02 -5.05 10.21
C THR A 37 11.55 -5.01 10.68
N GLN A 38 10.99 -3.82 10.66
CA GLN A 38 9.58 -3.64 10.98
C GLN A 38 8.77 -3.52 9.69
N PRO A 39 7.50 -3.96 9.70
CA PRO A 39 6.65 -3.96 8.51
C PRO A 39 6.42 -2.57 7.93
N PHE A 40 6.59 -1.56 8.77
CA PHE A 40 6.40 -0.17 8.34
C PHE A 40 7.66 0.65 8.59
N PHE A 41 8.73 -0.02 9.06
CA PHE A 41 9.99 0.65 9.39
C PHE A 41 9.74 1.89 10.26
N MET A 42 8.98 1.70 11.34
CA MET A 42 8.42 2.82 12.11
C MET A 42 9.48 3.62 12.85
N ASP A 43 10.57 2.97 13.25
CA ASP A 43 11.60 3.64 14.03
C ASP A 43 12.64 4.30 13.13
N THR A 44 12.92 3.70 11.98
CA THR A 44 13.91 4.23 11.06
C THR A 44 13.35 5.38 10.24
N MET A 45 12.15 5.21 9.73
CA MET A 45 11.48 6.24 8.94
C MET A 45 10.03 6.34 9.38
N GLU A 46 9.23 7.06 8.62
CA GLU A 46 7.80 7.12 8.88
C GLU A 46 7.06 6.39 7.75
N PRO A 47 5.83 5.92 8.01
CA PRO A 47 5.01 5.23 7.01
C PRO A 47 4.85 6.04 5.72
N LEU A 48 4.99 7.35 5.82
CA LEU A 48 4.88 8.23 4.66
C LEU A 48 6.04 7.98 3.69
N GLU A 49 7.15 7.46 4.20
CA GLU A 49 8.28 7.12 3.38
C GLU A 49 8.15 5.68 2.87
N TRP A 50 7.62 4.83 3.74
CA TRP A 50 7.42 3.41 3.43
C TRP A 50 6.36 3.23 2.34
N LEU A 51 5.41 4.18 2.29
CA LEU A 51 4.34 4.17 1.31
C LEU A 51 4.90 4.09 -0.10
N GLN A 52 6.00 4.78 -0.33
CA GLN A 52 6.69 4.72 -1.62
C GLN A 52 7.94 3.87 -1.50
N TRP A 53 8.57 3.62 -2.65
CA TRP A 53 9.78 2.79 -2.74
C TRP A 53 9.50 1.33 -2.41
N VAL A 54 8.89 1.07 -1.25
CA VAL A 54 8.60 -0.29 -0.85
C VAL A 54 7.17 -0.69 -1.19
N LEU A 55 6.19 -0.16 -0.43
CA LEU A 55 4.80 -0.64 -0.52
C LEU A 55 4.29 -0.73 -1.95
N ILE A 56 4.09 0.42 -2.59
CA ILE A 56 3.52 0.45 -3.93
C ILE A 56 4.33 -0.40 -4.93
N PRO A 57 5.66 -0.16 -5.07
CA PRO A 57 6.50 -0.92 -6.01
C PRO A 57 6.53 -2.43 -5.70
N ARG A 58 6.58 -2.78 -4.43
CA ARG A 58 6.65 -4.18 -4.03
C ARG A 58 5.32 -4.88 -4.27
N MET A 59 4.22 -4.13 -4.13
CA MET A 59 2.90 -4.65 -4.45
C MET A 59 2.72 -4.78 -5.95
N HIS A 60 3.43 -3.94 -6.71
CA HIS A 60 3.48 -4.07 -8.15
C HIS A 60 3.98 -5.46 -8.54
N ASP A 61 4.95 -5.96 -7.77
CA ASP A 61 5.50 -7.30 -7.99
C ASP A 61 4.42 -8.35 -7.75
N LEU A 62 3.81 -8.31 -6.57
CA LEU A 62 2.78 -9.26 -6.17
C LEU A 62 1.72 -9.43 -7.25
N LEU A 63 1.28 -8.30 -7.80
CA LEU A 63 0.23 -8.30 -8.82
C LEU A 63 0.73 -8.85 -10.15
N ASP A 64 1.88 -8.36 -10.59
CA ASP A 64 2.40 -8.73 -11.91
C ASP A 64 2.93 -10.16 -11.92
N ASN A 65 3.36 -10.63 -10.74
CA ASN A 65 3.80 -12.02 -10.59
C ASN A 65 2.60 -12.96 -10.57
N LYS A 66 1.41 -12.37 -10.61
CA LYS A 66 0.15 -13.11 -10.73
C LYS A 66 -0.13 -13.96 -9.50
N GLN A 67 0.41 -13.53 -8.36
CA GLN A 67 0.22 -14.27 -7.12
C GLN A 67 -1.10 -13.84 -6.44
N PRO A 68 -1.67 -14.72 -5.60
CA PRO A 68 -2.90 -14.42 -4.86
C PRO A 68 -2.75 -13.17 -3.97
N LEU A 69 -3.85 -12.50 -3.73
CA LEU A 69 -3.83 -11.27 -2.97
C LEU A 69 -4.25 -11.53 -1.53
N PRO A 70 -3.56 -10.90 -0.57
CA PRO A 70 -3.89 -11.03 0.85
C PRO A 70 -5.14 -10.23 1.21
N GLY A 71 -6.25 -10.94 1.38
CA GLY A 71 -7.53 -10.28 1.61
C GLY A 71 -7.57 -9.51 2.91
N ALA A 72 -6.78 -9.95 3.89
CA ALA A 72 -6.77 -9.33 5.21
C ALA A 72 -5.75 -8.21 5.28
N PHE A 73 -5.35 -7.69 4.13
CA PHE A 73 -4.40 -6.60 4.07
C PHE A 73 -5.13 -5.27 4.00
N ALA A 74 -4.87 -4.41 4.96
CA ALA A 74 -5.47 -3.08 5.00
C ALA A 74 -4.52 -2.08 5.63
N VAL A 75 -4.18 -1.04 4.90
CA VAL A 75 -3.22 -0.06 5.37
C VAL A 75 -3.91 1.17 5.95
N ALA A 76 -5.09 1.51 5.44
CA ALA A 76 -5.83 2.69 5.90
C ALA A 76 -6.05 2.67 7.42
N PRO A 77 -6.55 1.55 8.00
CA PRO A 77 -6.76 1.42 9.45
C PRO A 77 -5.49 1.75 10.26
N TYR A 78 -4.33 1.48 9.70
CA TYR A 78 -3.07 1.78 10.38
C TYR A 78 -2.73 3.26 10.19
N TYR A 79 -2.98 3.78 9.00
CA TYR A 79 -2.68 5.18 8.70
C TYR A 79 -3.57 6.12 9.50
N GLU A 80 -4.68 5.61 10.00
CA GLU A 80 -5.53 6.38 10.91
C GLU A 80 -4.77 6.69 12.20
N MET A 81 -3.83 5.81 12.55
CA MET A 81 -2.99 6.01 13.71
C MET A 81 -1.69 6.69 13.30
N ALA A 82 -1.16 6.28 12.16
CA ALA A 82 0.09 6.84 11.65
C ALA A 82 -0.04 8.32 11.35
N LEU A 83 -1.18 8.71 10.80
CA LEU A 83 -1.47 10.11 10.54
C LEU A 83 -2.15 10.71 11.76
N ALA A 84 -1.68 11.87 12.19
CA ALA A 84 -2.15 12.48 13.42
C ALA A 84 -3.35 13.38 13.20
N THR A 85 -3.76 14.08 14.24
CA THR A 85 -4.91 14.97 14.20
C THR A 85 -4.54 16.28 13.50
N ASP A 86 -3.28 16.41 13.15
CA ASP A 86 -2.77 17.58 12.46
C ASP A 86 -2.47 17.22 11.00
N HIS A 87 -2.41 18.23 10.14
CA HIS A 87 -2.15 18.06 8.71
C HIS A 87 -3.38 17.46 8.01
N PRO A 88 -4.29 18.34 7.55
CA PRO A 88 -5.58 17.93 6.95
C PRO A 88 -5.42 17.13 5.66
N GLN A 89 -4.23 17.15 5.10
CA GLN A 89 -3.94 16.43 3.86
C GLN A 89 -3.99 14.91 4.08
N ARG A 90 -4.15 14.51 5.33
CA ARG A 90 -4.23 13.10 5.68
C ARG A 90 -5.43 12.43 4.99
N ALA A 91 -6.49 13.21 4.79
CA ALA A 91 -7.74 12.69 4.23
C ALA A 91 -7.54 12.20 2.79
N LEU A 92 -6.59 12.83 2.10
CA LEU A 92 -6.30 12.47 0.72
C LEU A 92 -5.75 11.05 0.65
N ILE A 93 -4.73 10.81 1.45
CA ILE A 93 -4.08 9.51 1.50
C ILE A 93 -5.03 8.43 1.99
N LEU A 94 -5.76 8.75 3.06
CA LEU A 94 -6.69 7.80 3.66
C LEU A 94 -7.73 7.31 2.66
N ALA A 95 -8.37 8.24 1.95
CA ALA A 95 -9.42 7.90 1.00
C ALA A 95 -8.89 6.99 -0.10
N GLU A 96 -7.70 7.30 -0.60
CA GLU A 96 -7.09 6.52 -1.67
C GLU A 96 -6.73 5.13 -1.15
N LEU A 97 -6.29 5.05 0.10
CA LEU A 97 -5.95 3.78 0.71
C LEU A 97 -7.19 2.92 0.92
N GLU A 98 -8.30 3.57 1.30
CA GLU A 98 -9.56 2.86 1.49
C GLU A 98 -9.97 2.14 0.22
N LYS A 99 -9.74 2.80 -0.92
CA LYS A 99 -10.01 2.17 -2.21
C LYS A 99 -9.11 0.97 -2.44
N LEU A 100 -7.85 1.09 -2.04
CA LEU A 100 -6.87 0.03 -2.19
C LEU A 100 -7.24 -1.18 -1.32
N ASP A 101 -7.44 -0.92 -0.03
CA ASP A 101 -7.79 -1.97 0.93
C ASP A 101 -9.06 -2.67 0.50
N ALA A 102 -9.99 -1.91 -0.08
CA ALA A 102 -11.25 -2.47 -0.55
C ALA A 102 -11.01 -3.48 -1.68
N LEU A 103 -9.97 -3.25 -2.47
CA LEU A 103 -9.65 -4.12 -3.59
C LEU A 103 -9.04 -5.43 -3.10
N PHE A 104 -8.36 -5.37 -1.95
CA PHE A 104 -7.82 -6.58 -1.33
C PHE A 104 -8.94 -7.47 -0.83
N ALA A 105 -10.06 -6.85 -0.46
CA ALA A 105 -11.21 -7.59 0.03
C ALA A 105 -12.10 -8.04 -1.14
N ASP A 106 -12.25 -7.16 -2.12
CA ASP A 106 -13.07 -7.47 -3.29
C ASP A 106 -12.21 -8.06 -4.40
N ASP A 107 -12.02 -9.37 -4.33
CA ASP A 107 -11.21 -10.08 -5.32
C ASP A 107 -12.08 -10.53 -6.49
N ALA A 108 -13.23 -9.91 -6.61
CA ALA A 108 -14.20 -10.30 -7.61
C ALA A 108 -13.86 -9.68 -8.96
N SER A 109 -13.23 -10.47 -9.82
CA SER A 109 -12.97 -10.05 -11.19
C SER A 109 -14.29 -10.00 -11.96
N LEU A 110 -14.87 -8.82 -12.05
CA LEU A 110 -16.17 -8.64 -12.65
C LEU A 110 -16.07 -8.54 -14.17
N GLU A 111 -16.64 -9.52 -14.86
CA GLU A 111 -16.71 -9.49 -16.30
C GLU A 111 -17.87 -8.59 -16.73
N HIS A 112 -17.88 -8.22 -18.00
CA HIS A 112 -18.93 -7.35 -18.53
C HIS A 112 -20.19 -8.15 -18.80
N HIS A 113 -19.99 -9.42 -19.17
CA HIS A 113 -21.07 -10.38 -19.41
C HIS A 113 -21.85 -10.07 -20.68
N HIS A 114 -21.72 -8.85 -21.18
CA HIS A 114 -22.28 -8.50 -22.47
C HIS A 114 -21.30 -8.94 -23.54
N HIS A 115 -21.74 -9.82 -24.43
CA HIS A 115 -20.86 -10.38 -25.43
C HIS A 115 -20.52 -9.35 -26.49
N HIS A 116 -19.23 -9.17 -26.72
CA HIS A 116 -18.75 -8.28 -27.75
C HIS A 116 -19.07 -8.87 -29.11
N HIS A 117 -18.84 -10.18 -29.22
CA HIS A 117 -19.17 -10.98 -30.40
C HIS A 117 -18.59 -12.37 -30.24
N MET A 1 -9.07 -12.58 -10.26
CA MET A 1 -7.98 -12.23 -11.20
C MET A 1 -8.13 -10.80 -11.69
N THR A 2 -9.35 -10.42 -12.05
CA THR A 2 -9.63 -9.12 -12.65
C THR A 2 -9.13 -7.96 -11.78
N THR A 3 -9.31 -8.09 -10.47
CA THR A 3 -8.94 -7.03 -9.53
C THR A 3 -7.44 -6.72 -9.60
N HIS A 4 -6.61 -7.71 -9.92
CA HIS A 4 -5.15 -7.52 -9.94
C HIS A 4 -4.75 -6.35 -10.83
N ASP A 5 -5.37 -6.27 -11.99
CA ASP A 5 -5.05 -5.22 -12.95
C ASP A 5 -5.49 -3.87 -12.43
N ARG A 6 -6.61 -3.86 -11.70
CA ARG A 6 -7.15 -2.63 -11.13
C ARG A 6 -6.30 -2.18 -9.95
N VAL A 7 -5.78 -3.13 -9.19
CA VAL A 7 -4.87 -2.83 -8.08
C VAL A 7 -3.61 -2.16 -8.60
N ARG A 8 -3.13 -2.65 -9.75
CA ARG A 8 -1.94 -2.10 -10.38
C ARG A 8 -2.17 -0.64 -10.73
N LEU A 9 -3.34 -0.35 -11.29
CA LEU A 9 -3.70 1.00 -11.68
C LEU A 9 -3.84 1.89 -10.45
N GLN A 10 -4.39 1.33 -9.38
CA GLN A 10 -4.57 2.05 -8.13
C GLN A 10 -3.21 2.51 -7.60
N LEU A 11 -2.24 1.60 -7.61
CA LEU A 11 -0.88 1.90 -7.18
C LEU A 11 -0.31 3.09 -7.96
N GLN A 12 -0.52 3.06 -9.26
CA GLN A 12 -0.01 4.10 -10.15
C GLN A 12 -0.76 5.41 -9.95
N ALA A 13 -2.03 5.32 -9.58
CA ALA A 13 -2.83 6.50 -9.28
C ALA A 13 -2.43 7.10 -7.93
N LEU A 14 -2.16 6.23 -6.97
CA LEU A 14 -1.67 6.65 -5.66
C LEU A 14 -0.31 7.32 -5.79
N GLU A 15 0.51 6.77 -6.67
CA GLU A 15 1.80 7.35 -6.99
C GLU A 15 1.64 8.79 -7.47
N ALA A 16 0.65 9.01 -8.35
CA ALA A 16 0.37 10.33 -8.87
C ALA A 16 -0.04 11.29 -7.75
N LEU A 17 -0.85 10.79 -6.83
CA LEU A 17 -1.31 11.58 -5.68
C LEU A 17 -0.12 12.04 -4.85
N LEU A 18 0.79 11.12 -4.57
CA LEU A 18 2.00 11.44 -3.81
C LEU A 18 2.89 12.39 -4.62
N ARG A 19 2.96 12.13 -5.91
CA ARG A 19 3.70 12.94 -6.86
C ARG A 19 3.24 14.40 -6.81
N GLU A 20 1.93 14.61 -6.68
CA GLU A 20 1.36 15.94 -6.57
C GLU A 20 1.89 16.66 -5.33
N HIS A 21 1.97 15.93 -4.24
CA HIS A 21 2.28 16.52 -2.94
C HIS A 21 3.75 16.31 -2.58
N GLN A 22 4.57 16.09 -3.61
CA GLN A 22 6.03 16.00 -3.46
C GLN A 22 6.46 14.84 -2.56
N HIS A 23 5.61 13.85 -2.43
CA HIS A 23 5.92 12.70 -1.57
C HIS A 23 6.58 11.59 -2.37
N TRP A 24 7.12 11.93 -3.52
CA TRP A 24 7.93 11.00 -4.29
C TRP A 24 9.39 11.23 -3.96
N ARG A 25 9.61 12.06 -2.95
CA ARG A 25 10.94 12.37 -2.46
C ARG A 25 11.14 11.75 -1.08
N ASN A 26 12.08 10.83 -0.97
CA ASN A 26 12.34 10.15 0.28
C ASN A 26 13.54 10.79 0.95
N ASP A 27 13.39 11.15 2.21
CA ASP A 27 14.47 11.80 2.94
C ASP A 27 15.53 10.79 3.36
N GLU A 28 16.64 10.82 2.63
CA GLU A 28 17.77 9.93 2.86
C GLU A 28 17.38 8.46 2.68
N PRO A 29 17.22 8.02 1.42
CA PRO A 29 16.93 6.62 1.11
C PRO A 29 18.14 5.73 1.39
N GLN A 30 18.17 5.19 2.60
CA GLN A 30 19.29 4.37 3.04
C GLN A 30 18.89 2.90 3.09
N PRO A 31 19.83 1.98 2.83
CA PRO A 31 19.61 0.56 3.07
C PRO A 31 19.36 0.32 4.57
N HIS A 32 19.80 1.29 5.36
CA HIS A 32 19.63 1.28 6.81
C HIS A 32 18.15 1.34 7.18
N GLN A 33 17.32 1.84 6.25
CA GLN A 33 15.88 1.87 6.45
C GLN A 33 15.33 0.46 6.57
N PHE A 34 15.86 -0.43 5.74
CA PHE A 34 15.36 -1.80 5.65
C PHE A 34 16.00 -2.68 6.72
N ASN A 35 16.92 -2.12 7.49
CA ASN A 35 17.58 -2.86 8.56
C ASN A 35 16.58 -3.14 9.68
N SER A 36 15.68 -2.20 9.89
CA SER A 36 14.55 -2.43 10.77
C SER A 36 13.50 -3.22 10.02
N THR A 37 13.40 -4.50 10.34
CA THR A 37 12.55 -5.42 9.59
C THR A 37 11.09 -5.30 10.01
N GLN A 38 10.74 -4.15 10.60
CA GLN A 38 9.35 -3.87 10.97
C GLN A 38 8.49 -3.74 9.71
N PRO A 39 7.21 -4.09 9.82
CA PRO A 39 6.28 -4.08 8.69
C PRO A 39 6.10 -2.70 8.05
N PHE A 40 6.44 -1.64 8.80
CA PHE A 40 6.26 -0.29 8.30
C PHE A 40 7.49 0.58 8.56
N PHE A 41 8.61 -0.05 8.90
CA PHE A 41 9.85 0.67 9.22
C PHE A 41 9.59 1.77 10.24
N MET A 42 8.84 1.42 11.27
CA MET A 42 8.28 2.38 12.23
C MET A 42 9.35 3.11 13.05
N ASP A 43 10.40 2.40 13.41
CA ASP A 43 11.44 2.96 14.27
C ASP A 43 12.48 3.72 13.47
N THR A 44 12.83 3.20 12.30
CA THR A 44 13.86 3.80 11.48
C THR A 44 13.46 5.19 10.99
N MET A 45 12.25 5.29 10.44
CA MET A 45 11.72 6.56 9.97
C MET A 45 10.22 6.58 10.13
N GLU A 46 9.55 7.55 9.54
CA GLU A 46 8.10 7.62 9.56
C GLU A 46 7.52 6.41 8.83
N PRO A 47 6.46 5.79 9.37
CA PRO A 47 5.80 4.62 8.75
C PRO A 47 5.26 4.95 7.36
N LEU A 48 5.28 6.24 7.02
CA LEU A 48 4.84 6.71 5.71
C LEU A 48 5.84 6.28 4.63
N GLU A 49 7.08 6.04 5.05
CA GLU A 49 8.15 5.68 4.14
C GLU A 49 7.98 4.26 3.61
N TRP A 50 6.98 3.56 4.14
CA TRP A 50 6.64 2.23 3.67
C TRP A 50 5.58 2.33 2.56
N LEU A 51 4.59 3.18 2.79
CA LEU A 51 3.53 3.42 1.80
C LEU A 51 4.15 3.91 0.50
N GLN A 52 4.95 4.96 0.61
CA GLN A 52 5.67 5.47 -0.54
C GLN A 52 6.97 4.69 -0.69
N TRP A 53 7.49 4.64 -1.92
CA TRP A 53 8.78 4.01 -2.20
C TRP A 53 8.70 2.47 -2.14
N VAL A 54 8.19 1.93 -1.04
CA VAL A 54 8.21 0.49 -0.82
C VAL A 54 6.95 -0.21 -1.35
N LEU A 55 5.81 0.12 -0.76
CA LEU A 55 4.56 -0.61 -1.01
C LEU A 55 4.20 -0.71 -2.49
N ILE A 56 4.33 0.39 -3.22
CA ILE A 56 3.89 0.44 -4.62
C ILE A 56 4.60 -0.64 -5.47
N PRO A 57 5.94 -0.58 -5.64
CA PRO A 57 6.67 -1.57 -6.44
C PRO A 57 6.63 -2.97 -5.80
N ARG A 58 6.42 -3.00 -4.49
CA ARG A 58 6.34 -4.26 -3.76
C ARG A 58 5.10 -5.03 -4.19
N MET A 59 3.97 -4.33 -4.28
CA MET A 59 2.72 -4.95 -4.70
C MET A 59 2.73 -5.26 -6.19
N HIS A 60 3.53 -4.53 -6.95
CA HIS A 60 3.72 -4.85 -8.37
C HIS A 60 4.24 -6.28 -8.52
N ASP A 61 5.14 -6.66 -7.62
CA ASP A 61 5.72 -8.00 -7.63
C ASP A 61 4.65 -9.04 -7.27
N LEU A 62 3.81 -8.71 -6.30
CA LEU A 62 2.72 -9.57 -5.89
C LEU A 62 1.77 -9.81 -7.05
N LEU A 63 1.42 -8.72 -7.73
CA LEU A 63 0.52 -8.78 -8.89
C LEU A 63 1.15 -9.57 -10.03
N ASP A 64 2.47 -9.54 -10.13
CA ASP A 64 3.20 -10.34 -11.12
C ASP A 64 3.01 -11.82 -10.85
N ASN A 65 2.78 -12.15 -9.59
CA ASN A 65 2.57 -13.54 -9.18
C ASN A 65 1.09 -13.88 -9.18
N LYS A 66 0.28 -12.91 -9.61
CA LYS A 66 -1.18 -13.00 -9.54
C LYS A 66 -1.64 -13.06 -8.08
N GLN A 67 -1.60 -14.26 -7.50
CA GLN A 67 -1.95 -14.49 -6.09
C GLN A 67 -3.43 -14.23 -5.81
N PRO A 68 -4.03 -15.06 -4.93
CA PRO A 68 -5.41 -14.86 -4.48
C PRO A 68 -5.56 -13.64 -3.58
N LEU A 69 -4.42 -12.98 -3.32
CA LEU A 69 -4.35 -11.74 -2.56
C LEU A 69 -4.62 -11.96 -1.07
N PRO A 70 -3.85 -11.28 -0.21
CA PRO A 70 -4.09 -11.30 1.23
C PRO A 70 -5.40 -10.58 1.57
N GLY A 71 -6.41 -11.36 1.91
CA GLY A 71 -7.75 -10.82 2.10
C GLY A 71 -7.86 -9.88 3.28
N ALA A 72 -6.85 -9.86 4.14
CA ALA A 72 -6.89 -9.01 5.33
C ALA A 72 -5.83 -7.93 5.29
N PHE A 73 -5.54 -7.44 4.09
CA PHE A 73 -4.64 -6.31 3.94
C PHE A 73 -5.40 -5.01 4.18
N ALA A 74 -4.96 -4.25 5.17
CA ALA A 74 -5.61 -2.99 5.50
C ALA A 74 -4.62 -2.00 6.10
N VAL A 75 -4.18 -1.04 5.31
CA VAL A 75 -3.22 -0.05 5.76
C VAL A 75 -3.89 1.24 6.17
N ALA A 76 -5.07 1.52 5.61
CA ALA A 76 -5.78 2.76 5.88
C ALA A 76 -5.99 3.00 7.38
N PRO A 77 -6.60 2.04 8.12
CA PRO A 77 -6.85 2.21 9.56
C PRO A 77 -5.57 2.46 10.35
N TYR A 78 -4.46 1.91 9.87
CA TYR A 78 -3.18 2.08 10.54
C TYR A 78 -2.63 3.48 10.28
N TYR A 79 -2.75 3.95 9.05
CA TYR A 79 -2.25 5.26 8.68
C TYR A 79 -3.11 6.37 9.26
N GLU A 80 -4.28 6.02 9.76
CA GLU A 80 -5.11 6.95 10.52
C GLU A 80 -4.46 7.25 11.87
N MET A 81 -3.53 6.39 12.27
CA MET A 81 -2.76 6.59 13.48
C MET A 81 -1.36 7.07 13.14
N ALA A 82 -0.80 6.50 12.07
CA ALA A 82 0.53 6.88 11.61
C ALA A 82 0.58 8.35 11.23
N LEU A 83 -0.55 8.86 10.74
CA LEU A 83 -0.71 10.27 10.47
C LEU A 83 -1.59 10.91 11.53
N ALA A 84 -1.36 12.18 11.80
CA ALA A 84 -2.12 12.90 12.81
C ALA A 84 -3.58 13.05 12.39
N THR A 85 -4.46 13.25 13.37
CA THR A 85 -5.88 13.39 13.12
C THR A 85 -6.20 14.64 12.30
N ASP A 86 -5.26 15.57 12.27
CA ASP A 86 -5.41 16.80 11.53
C ASP A 86 -5.00 16.59 10.08
N HIS A 87 -4.76 17.69 9.38
CA HIS A 87 -4.27 17.65 7.99
C HIS A 87 -5.34 17.02 7.08
N PRO A 88 -6.31 17.83 6.64
CA PRO A 88 -7.47 17.35 5.85
C PRO A 88 -7.05 16.60 4.59
N GLN A 89 -5.85 16.90 4.08
CA GLN A 89 -5.32 16.23 2.90
C GLN A 89 -5.14 14.73 3.16
N ARG A 90 -5.09 14.36 4.45
CA ARG A 90 -4.95 12.97 4.85
C ARG A 90 -6.14 12.15 4.39
N ALA A 91 -7.31 12.79 4.34
CA ALA A 91 -8.54 12.11 3.94
C ALA A 91 -8.42 11.55 2.53
N LEU A 92 -7.78 12.31 1.65
CA LEU A 92 -7.57 11.89 0.27
C LEU A 92 -6.70 10.64 0.23
N ILE A 93 -5.69 10.62 1.08
CA ILE A 93 -4.79 9.47 1.17
C ILE A 93 -5.51 8.28 1.79
N LEU A 94 -6.22 8.53 2.88
CA LEU A 94 -6.97 7.49 3.57
C LEU A 94 -7.99 6.84 2.65
N ALA A 95 -8.81 7.65 2.01
CA ALA A 95 -9.83 7.15 1.09
C ALA A 95 -9.21 6.32 -0.02
N GLU A 96 -8.04 6.74 -0.47
CA GLU A 96 -7.31 6.04 -1.52
C GLU A 96 -6.82 4.69 -0.99
N LEU A 97 -6.34 4.67 0.25
CA LEU A 97 -5.88 3.45 0.88
C LEU A 97 -7.05 2.50 1.15
N GLU A 98 -8.15 3.05 1.66
CA GLU A 98 -9.36 2.26 1.92
C GLU A 98 -9.84 1.60 0.63
N LYS A 99 -9.55 2.24 -0.50
CA LYS A 99 -9.88 1.68 -1.80
C LYS A 99 -9.00 0.47 -2.09
N LEU A 100 -7.69 0.63 -1.85
CA LEU A 100 -6.72 -0.42 -2.10
C LEU A 100 -6.96 -1.62 -1.17
N ASP A 101 -7.16 -1.32 0.11
CA ASP A 101 -7.41 -2.36 1.10
C ASP A 101 -8.63 -3.19 0.70
N ALA A 102 -9.66 -2.51 0.21
CA ALA A 102 -10.88 -3.17 -0.23
C ALA A 102 -10.65 -4.01 -1.49
N LEU A 103 -9.61 -3.68 -2.23
CA LEU A 103 -9.24 -4.43 -3.43
C LEU A 103 -8.60 -5.76 -3.05
N PHE A 104 -7.91 -5.78 -1.92
CA PHE A 104 -7.33 -7.02 -1.41
C PHE A 104 -8.41 -7.91 -0.82
N ALA A 105 -9.55 -7.32 -0.51
CA ALA A 105 -10.70 -8.06 -0.04
C ALA A 105 -11.68 -8.28 -1.20
N ASP A 106 -11.21 -8.02 -2.40
CA ASP A 106 -12.04 -8.15 -3.60
C ASP A 106 -11.32 -8.92 -4.70
N ASP A 107 -11.90 -10.05 -5.08
CA ASP A 107 -11.44 -10.82 -6.22
C ASP A 107 -12.48 -11.90 -6.53
N ALA A 108 -12.12 -12.86 -7.36
CA ALA A 108 -13.05 -13.90 -7.78
C ALA A 108 -13.20 -14.95 -6.68
N SER A 109 -14.42 -15.46 -6.52
CA SER A 109 -14.69 -16.48 -5.53
C SER A 109 -14.77 -17.85 -6.19
N LEU A 110 -14.11 -18.82 -5.58
CA LEU A 110 -14.06 -20.18 -6.13
C LEU A 110 -15.34 -20.94 -5.80
N GLU A 111 -15.85 -21.67 -6.77
CA GLU A 111 -16.99 -22.55 -6.57
C GLU A 111 -16.51 -23.87 -5.97
N HIS A 112 -17.37 -24.48 -5.17
CA HIS A 112 -17.03 -25.74 -4.51
C HIS A 112 -18.13 -26.76 -4.75
N HIS A 113 -17.77 -27.90 -5.36
CA HIS A 113 -18.73 -28.95 -5.62
C HIS A 113 -19.13 -29.63 -4.32
N HIS A 114 -18.16 -30.28 -3.69
CA HIS A 114 -18.35 -30.86 -2.38
C HIS A 114 -17.46 -30.11 -1.40
N HIS A 115 -18.07 -29.60 -0.34
CA HIS A 115 -17.35 -28.80 0.63
C HIS A 115 -16.46 -29.69 1.50
N HIS A 116 -16.76 -30.99 1.51
CA HIS A 116 -15.86 -31.96 2.10
C HIS A 116 -14.85 -32.42 1.06
N HIS A 117 -13.79 -31.65 0.92
CA HIS A 117 -12.77 -31.93 -0.09
C HIS A 117 -11.39 -31.61 0.47
N MET A 1 -12.07 -11.35 -14.27
CA MET A 1 -12.19 -11.14 -12.80
C MET A 1 -10.82 -11.01 -12.15
N THR A 2 -9.81 -10.62 -12.92
CA THR A 2 -8.46 -10.48 -12.42
C THR A 2 -8.35 -9.26 -11.50
N THR A 3 -7.77 -9.47 -10.32
CA THR A 3 -7.65 -8.42 -9.32
C THR A 3 -6.28 -7.73 -9.40
N HIS A 4 -5.25 -8.49 -9.78
CA HIS A 4 -3.88 -7.97 -9.83
C HIS A 4 -3.79 -6.67 -10.62
N ASP A 5 -4.34 -6.69 -11.84
CA ASP A 5 -4.33 -5.51 -12.72
C ASP A 5 -5.01 -4.33 -12.06
N ARG A 6 -6.13 -4.58 -11.40
CA ARG A 6 -6.90 -3.52 -10.76
C ARG A 6 -6.10 -2.88 -9.63
N VAL A 7 -5.41 -3.70 -8.86
CA VAL A 7 -4.59 -3.21 -7.75
C VAL A 7 -3.42 -2.38 -8.30
N ARG A 8 -2.84 -2.84 -9.41
CA ARG A 8 -1.75 -2.11 -10.07
C ARG A 8 -2.20 -0.71 -10.47
N LEU A 9 -3.40 -0.62 -11.02
CA LEU A 9 -3.96 0.67 -11.43
C LEU A 9 -4.12 1.58 -10.22
N GLN A 10 -4.54 1.00 -9.10
CA GLN A 10 -4.72 1.76 -7.87
C GLN A 10 -3.40 2.17 -7.27
N LEU A 11 -2.37 1.34 -7.44
CA LEU A 11 -1.03 1.69 -7.03
C LEU A 11 -0.56 2.93 -7.79
N GLN A 12 -0.84 2.94 -9.09
CA GLN A 12 -0.51 4.08 -9.94
C GLN A 12 -1.28 5.32 -9.50
N ALA A 13 -2.44 5.09 -8.88
CA ALA A 13 -3.24 6.19 -8.33
C ALA A 13 -2.51 6.83 -7.14
N LEU A 14 -2.13 6.00 -6.17
CA LEU A 14 -1.34 6.48 -5.03
C LEU A 14 -0.02 7.06 -5.50
N GLU A 15 0.61 6.36 -6.43
CA GLU A 15 1.88 6.75 -7.02
C GLU A 15 1.83 8.19 -7.51
N ALA A 16 0.84 8.48 -8.36
CA ALA A 16 0.66 9.82 -8.89
C ALA A 16 0.25 10.81 -7.80
N LEU A 17 -0.67 10.37 -6.94
CA LEU A 17 -1.19 11.22 -5.87
C LEU A 17 -0.07 11.69 -4.95
N LEU A 18 0.82 10.76 -4.61
CA LEU A 18 1.96 11.08 -3.76
C LEU A 18 2.90 12.03 -4.46
N ARG A 19 3.02 11.90 -5.77
CA ARG A 19 3.86 12.81 -6.55
C ARG A 19 3.23 14.21 -6.58
N GLU A 20 1.91 14.25 -6.67
CA GLU A 20 1.17 15.52 -6.64
C GLU A 20 1.38 16.21 -5.31
N HIS A 21 1.28 15.45 -4.22
CA HIS A 21 1.44 16.01 -2.88
C HIS A 21 2.90 16.04 -2.46
N GLN A 22 3.78 15.88 -3.45
CA GLN A 22 5.23 16.03 -3.26
C GLN A 22 5.79 15.12 -2.17
N HIS A 23 5.21 13.95 -2.00
CA HIS A 23 5.77 12.93 -1.11
C HIS A 23 6.52 11.90 -1.95
N TRP A 24 6.51 12.10 -3.25
CA TRP A 24 7.33 11.32 -4.16
C TRP A 24 8.75 11.83 -4.07
N ARG A 25 9.58 11.10 -3.34
CA ARG A 25 10.90 11.58 -2.97
C ARG A 25 11.93 11.26 -4.03
N ASN A 26 12.59 12.30 -4.53
CA ASN A 26 13.68 12.13 -5.48
C ASN A 26 14.98 11.85 -4.74
N ASP A 27 14.98 10.75 -4.00
CA ASP A 27 16.15 10.36 -3.20
C ASP A 27 16.70 9.03 -3.70
N GLU A 28 17.70 8.52 -3.02
CA GLU A 28 18.27 7.22 -3.34
C GLU A 28 17.94 6.22 -2.24
N PRO A 29 17.08 5.24 -2.55
CA PRO A 29 16.64 4.24 -1.58
C PRO A 29 17.77 3.32 -1.14
N GLN A 30 17.79 2.98 0.14
CA GLN A 30 18.81 2.10 0.68
C GLN A 30 18.15 0.96 1.46
N PRO A 31 18.67 -0.27 1.30
CA PRO A 31 18.14 -1.47 1.96
C PRO A 31 18.18 -1.38 3.49
N HIS A 32 18.91 -0.40 4.02
CA HIS A 32 18.98 -0.18 5.46
C HIS A 32 17.58 0.07 6.04
N GLN A 33 16.67 0.52 5.21
CA GLN A 33 15.29 0.79 5.64
C GLN A 33 14.66 -0.47 6.22
N PHE A 34 15.03 -1.62 5.66
CA PHE A 34 14.44 -2.89 6.06
C PHE A 34 15.09 -3.42 7.34
N ASN A 35 16.10 -2.72 7.83
CA ASN A 35 16.79 -3.12 9.05
C ASN A 35 16.01 -2.72 10.28
N SER A 36 14.99 -1.90 10.10
CA SER A 36 14.07 -1.60 11.19
C SER A 36 13.37 -2.88 11.63
N THR A 37 13.03 -3.72 10.65
CA THR A 37 12.47 -5.05 10.89
C THR A 37 11.11 -4.96 11.61
N GLN A 38 10.52 -3.76 11.56
CA GLN A 38 9.21 -3.54 12.15
C GLN A 38 8.20 -3.25 11.04
N PRO A 39 6.93 -3.59 11.25
CA PRO A 39 5.86 -3.27 10.30
C PRO A 39 5.82 -1.78 10.00
N PHE A 40 5.70 -1.44 8.72
CA PHE A 40 5.67 -0.05 8.25
C PHE A 40 7.06 0.61 8.32
N PHE A 41 8.02 -0.10 8.94
CA PHE A 41 9.38 0.42 9.12
C PHE A 41 9.34 1.82 9.73
N MET A 42 8.63 1.91 10.85
CA MET A 42 8.30 3.20 11.47
C MET A 42 9.54 3.96 11.95
N ASP A 43 10.68 3.29 11.95
CA ASP A 43 11.91 3.87 12.49
C ASP A 43 12.68 4.62 11.42
N THR A 44 12.82 4.01 10.25
CA THR A 44 13.59 4.59 9.17
C THR A 44 12.76 5.61 8.38
N MET A 45 11.70 5.14 7.75
CA MET A 45 10.79 6.01 7.04
C MET A 45 9.41 5.92 7.65
N GLU A 46 8.95 7.04 8.18
CA GLU A 46 7.69 7.11 8.91
C GLU A 46 6.52 6.62 8.06
N PRO A 47 5.42 6.18 8.73
CA PRO A 47 4.25 5.55 8.08
C PRO A 47 3.90 6.06 6.69
N LEU A 48 3.78 7.38 6.53
CA LEU A 48 3.34 7.96 5.26
C LEU A 48 4.44 7.86 4.20
N GLU A 49 5.68 7.75 4.64
CA GLU A 49 6.81 7.66 3.74
C GLU A 49 7.06 6.20 3.32
N TRP A 50 6.47 5.28 4.10
CA TRP A 50 6.58 3.84 3.82
C TRP A 50 5.94 3.50 2.47
N LEU A 51 5.07 4.37 2.01
CA LEU A 51 4.44 4.22 0.69
C LEU A 51 5.51 4.26 -0.39
N GLN A 52 6.58 5.00 -0.13
CA GLN A 52 7.68 5.16 -1.06
C GLN A 52 8.69 4.03 -0.91
N TRP A 53 9.22 3.58 -2.04
CA TRP A 53 10.24 2.54 -2.11
C TRP A 53 9.68 1.16 -1.76
N VAL A 54 8.97 1.04 -0.64
CA VAL A 54 8.47 -0.25 -0.23
C VAL A 54 7.09 -0.54 -0.80
N LEU A 55 6.04 0.01 -0.19
CA LEU A 55 4.68 -0.45 -0.45
C LEU A 55 4.33 -0.48 -1.95
N ILE A 56 4.37 0.68 -2.60
CA ILE A 56 3.95 0.76 -3.99
C ILE A 56 4.81 -0.13 -4.91
N PRO A 57 6.16 0.03 -4.93
CA PRO A 57 7.02 -0.81 -5.78
C PRO A 57 6.94 -2.29 -5.41
N ARG A 58 6.84 -2.61 -4.12
CA ARG A 58 6.75 -4.00 -3.67
C ARG A 58 5.47 -4.63 -4.18
N MET A 59 4.36 -3.90 -4.06
CA MET A 59 3.07 -4.40 -4.52
C MET A 59 3.06 -4.54 -6.04
N HIS A 60 3.76 -3.62 -6.72
CA HIS A 60 3.93 -3.73 -8.16
C HIS A 60 4.53 -5.10 -8.52
N ASP A 61 5.55 -5.47 -7.77
CA ASP A 61 6.24 -6.75 -7.98
C ASP A 61 5.29 -7.91 -7.68
N LEU A 62 4.65 -7.83 -6.51
CA LEU A 62 3.68 -8.86 -6.07
C LEU A 62 2.61 -9.12 -7.13
N LEU A 63 2.04 -8.04 -7.64
CA LEU A 63 0.95 -8.13 -8.61
C LEU A 63 1.43 -8.65 -9.96
N ASP A 64 2.53 -8.08 -10.45
CA ASP A 64 3.01 -8.37 -11.80
C ASP A 64 3.52 -9.80 -11.91
N ASN A 65 3.98 -10.36 -10.79
CA ASN A 65 4.45 -11.74 -10.76
C ASN A 65 3.29 -12.69 -10.46
N LYS A 66 2.07 -12.15 -10.50
CA LYS A 66 0.85 -12.93 -10.29
C LYS A 66 0.86 -13.66 -8.96
N GLN A 67 1.56 -13.09 -7.98
CA GLN A 67 1.67 -13.70 -6.68
C GLN A 67 0.37 -13.55 -5.90
N PRO A 68 0.05 -14.55 -5.05
CA PRO A 68 -1.14 -14.51 -4.19
C PRO A 68 -1.07 -13.34 -3.24
N LEU A 69 -2.18 -12.63 -3.10
CA LEU A 69 -2.24 -11.47 -2.22
C LEU A 69 -2.21 -11.90 -0.76
N PRO A 70 -1.88 -10.98 0.17
CA PRO A 70 -1.81 -11.29 1.60
C PRO A 70 -3.18 -11.62 2.21
N GLY A 71 -4.24 -11.26 1.50
CA GLY A 71 -5.59 -11.58 1.91
C GLY A 71 -6.01 -10.93 3.22
N ALA A 72 -5.31 -9.86 3.60
CA ALA A 72 -5.59 -9.18 4.87
C ALA A 72 -4.84 -7.86 4.94
N PHE A 73 -4.70 -7.19 3.80
CA PHE A 73 -3.95 -5.95 3.75
C PHE A 73 -4.84 -4.77 4.12
N ALA A 74 -4.82 -4.42 5.39
CA ALA A 74 -5.59 -3.28 5.87
C ALA A 74 -4.68 -2.30 6.60
N VAL A 75 -4.23 -1.28 5.90
CA VAL A 75 -3.33 -0.28 6.47
C VAL A 75 -4.07 1.03 6.74
N ALA A 76 -5.25 1.18 6.13
CA ALA A 76 -6.04 2.40 6.26
C ALA A 76 -6.33 2.75 7.73
N PRO A 77 -6.80 1.78 8.55
CA PRO A 77 -7.05 2.01 9.98
C PRO A 77 -5.82 2.55 10.72
N TYR A 78 -4.65 2.07 10.32
CA TYR A 78 -3.41 2.53 10.94
C TYR A 78 -3.11 3.97 10.57
N TYR A 79 -3.16 4.27 9.27
CA TYR A 79 -2.89 5.62 8.79
C TYR A 79 -3.88 6.63 9.34
N GLU A 80 -5.10 6.16 9.61
CA GLU A 80 -6.14 7.00 10.18
C GLU A 80 -5.75 7.51 11.57
N MET A 81 -4.88 6.77 12.25
CA MET A 81 -4.47 7.14 13.60
C MET A 81 -3.04 7.67 13.60
N ALA A 82 -2.22 7.12 12.72
CA ALA A 82 -0.79 7.45 12.68
C ALA A 82 -0.54 8.81 12.05
N LEU A 83 -1.44 9.23 11.16
CA LEU A 83 -1.27 10.50 10.48
C LEU A 83 -2.02 11.60 11.23
N ALA A 84 -1.29 12.64 11.60
CA ALA A 84 -1.87 13.77 12.31
C ALA A 84 -2.70 14.64 11.37
N THR A 85 -3.63 15.34 11.96
CA THR A 85 -4.58 16.14 11.20
C THR A 85 -4.10 17.58 11.07
N ASP A 86 -2.83 17.81 11.43
CA ASP A 86 -2.21 19.12 11.27
C ASP A 86 -2.08 19.43 9.79
N HIS A 87 -2.09 18.39 8.98
CA HIS A 87 -2.16 18.53 7.53
C HIS A 87 -3.29 17.64 6.99
N PRO A 88 -4.45 18.25 6.72
CA PRO A 88 -5.69 17.54 6.40
C PRO A 88 -5.66 16.80 5.07
N GLN A 89 -4.56 16.96 4.33
CA GLN A 89 -4.42 16.32 3.03
C GLN A 89 -4.40 14.79 3.16
N ARG A 90 -4.22 14.31 4.39
CA ARG A 90 -4.21 12.88 4.65
C ARG A 90 -5.58 12.24 4.36
N ALA A 91 -6.62 13.06 4.38
CA ALA A 91 -7.97 12.60 4.11
C ALA A 91 -8.09 12.04 2.70
N LEU A 92 -7.42 12.70 1.75
CA LEU A 92 -7.44 12.27 0.36
C LEU A 92 -6.68 10.95 0.21
N ILE A 93 -5.59 10.83 0.96
CA ILE A 93 -4.78 9.62 0.93
C ILE A 93 -5.55 8.45 1.51
N LEU A 94 -6.21 8.68 2.65
CA LEU A 94 -7.00 7.65 3.32
C LEU A 94 -8.11 7.13 2.41
N ALA A 95 -8.76 8.04 1.70
CA ALA A 95 -9.83 7.68 0.78
C ALA A 95 -9.34 6.69 -0.26
N GLU A 96 -8.22 7.02 -0.90
CA GLU A 96 -7.65 6.18 -1.94
C GLU A 96 -7.14 4.86 -1.33
N LEU A 97 -6.59 4.94 -0.12
CA LEU A 97 -6.14 3.74 0.58
C LEU A 97 -7.28 2.77 0.82
N GLU A 98 -8.45 3.30 1.17
CA GLU A 98 -9.61 2.47 1.42
C GLU A 98 -10.11 1.81 0.13
N LYS A 99 -9.94 2.49 -0.98
CA LYS A 99 -10.29 1.91 -2.27
C LYS A 99 -9.41 0.68 -2.55
N LEU A 100 -8.14 0.81 -2.20
CA LEU A 100 -7.18 -0.29 -2.33
C LEU A 100 -7.47 -1.37 -1.30
N ASP A 101 -7.83 -0.93 -0.09
CA ASP A 101 -8.20 -1.81 1.01
C ASP A 101 -9.31 -2.78 0.60
N ALA A 102 -10.26 -2.28 -0.18
CA ALA A 102 -11.38 -3.09 -0.64
C ALA A 102 -10.93 -4.15 -1.63
N LEU A 103 -9.81 -3.92 -2.31
CA LEU A 103 -9.28 -4.88 -3.26
C LEU A 103 -8.64 -6.04 -2.51
N PHE A 104 -8.03 -5.73 -1.37
CA PHE A 104 -7.41 -6.74 -0.52
C PHE A 104 -8.43 -7.32 0.45
N ALA A 105 -9.70 -7.02 0.23
CA ALA A 105 -10.77 -7.59 1.02
C ALA A 105 -11.64 -8.48 0.15
N ASP A 106 -11.25 -8.62 -1.10
CA ASP A 106 -12.00 -9.44 -2.06
C ASP A 106 -11.21 -10.69 -2.47
N ASP A 107 -9.90 -10.66 -2.22
CA ASP A 107 -9.04 -11.75 -2.67
C ASP A 107 -9.12 -12.96 -1.73
N ALA A 108 -8.12 -13.82 -1.78
CA ALA A 108 -8.15 -15.09 -1.08
C ALA A 108 -7.66 -14.97 0.35
N SER A 109 -8.54 -14.59 1.25
CA SER A 109 -8.23 -14.55 2.67
C SER A 109 -8.28 -15.94 3.26
N LEU A 110 -7.30 -16.29 4.08
CA LEU A 110 -7.29 -17.59 4.74
C LEU A 110 -7.88 -17.48 6.15
N GLU A 111 -8.07 -16.25 6.60
CA GLU A 111 -8.67 -15.99 7.91
C GLU A 111 -10.19 -16.13 7.85
N HIS A 112 -10.75 -15.87 6.68
CA HIS A 112 -12.17 -15.99 6.46
C HIS A 112 -12.43 -16.86 5.25
N HIS A 113 -13.40 -17.75 5.37
CA HIS A 113 -13.62 -18.79 4.36
C HIS A 113 -14.00 -18.19 3.00
N HIS A 114 -14.63 -17.01 3.03
CA HIS A 114 -14.93 -16.26 1.80
C HIS A 114 -15.77 -17.11 0.84
N HIS A 115 -16.78 -17.78 1.38
CA HIS A 115 -17.70 -18.61 0.60
C HIS A 115 -17.01 -19.88 0.07
N HIS A 116 -16.03 -20.38 0.82
CA HIS A 116 -15.44 -21.68 0.51
C HIS A 116 -16.37 -22.77 1.01
N HIS A 117 -16.98 -22.56 2.17
CA HIS A 117 -17.91 -23.53 2.72
C HIS A 117 -18.72 -22.89 3.84
N MET A 1 -7.28 -5.78 -18.42
CA MET A 1 -8.10 -5.53 -17.23
C MET A 1 -8.34 -6.83 -16.49
N THR A 2 -7.83 -6.90 -15.27
CA THR A 2 -7.97 -8.08 -14.42
C THR A 2 -8.09 -7.63 -12.96
N THR A 3 -8.26 -8.58 -12.05
CA THR A 3 -8.34 -8.27 -10.64
C THR A 3 -7.00 -7.70 -10.14
N HIS A 4 -5.91 -8.25 -10.68
CA HIS A 4 -4.58 -7.75 -10.37
C HIS A 4 -4.37 -6.37 -10.99
N ASP A 5 -4.90 -6.19 -12.19
CA ASP A 5 -4.81 -4.92 -12.91
C ASP A 5 -5.49 -3.80 -12.13
N ARG A 6 -6.63 -4.10 -11.50
CA ARG A 6 -7.35 -3.11 -10.71
C ARG A 6 -6.45 -2.55 -9.61
N VAL A 7 -5.79 -3.44 -8.89
CA VAL A 7 -4.88 -3.05 -7.82
C VAL A 7 -3.67 -2.34 -8.41
N ARG A 8 -3.24 -2.80 -9.58
CA ARG A 8 -2.10 -2.22 -10.27
C ARG A 8 -2.38 -0.77 -10.64
N LEU A 9 -3.56 -0.52 -11.17
CA LEU A 9 -4.01 0.82 -11.51
C LEU A 9 -4.12 1.67 -10.25
N GLN A 10 -4.53 1.03 -9.16
CA GLN A 10 -4.66 1.69 -7.88
C GLN A 10 -3.30 2.12 -7.36
N LEU A 11 -2.31 1.26 -7.56
CA LEU A 11 -0.94 1.57 -7.21
C LEU A 11 -0.42 2.74 -8.04
N GLN A 12 -0.82 2.77 -9.31
CA GLN A 12 -0.47 3.89 -10.19
C GLN A 12 -1.12 5.17 -9.69
N ALA A 13 -2.38 5.07 -9.29
CA ALA A 13 -3.12 6.21 -8.75
C ALA A 13 -2.49 6.68 -7.43
N LEU A 14 -2.06 5.71 -6.63
CA LEU A 14 -1.44 5.99 -5.35
C LEU A 14 -0.06 6.61 -5.56
N GLU A 15 0.70 6.08 -6.52
CA GLU A 15 1.98 6.65 -6.90
C GLU A 15 1.78 8.08 -7.39
N ALA A 16 0.75 8.26 -8.23
CA ALA A 16 0.40 9.58 -8.72
C ALA A 16 0.01 10.49 -7.58
N LEU A 17 -0.74 9.95 -6.62
CA LEU A 17 -1.14 10.71 -5.43
C LEU A 17 0.09 11.24 -4.70
N LEU A 18 1.09 10.37 -4.53
CA LEU A 18 2.32 10.77 -3.89
C LEU A 18 3.04 11.84 -4.71
N ARG A 19 2.97 11.71 -6.03
CA ARG A 19 3.55 12.71 -6.93
C ARG A 19 2.81 14.04 -6.82
N GLU A 20 1.48 13.98 -6.93
CA GLU A 20 0.63 15.17 -6.88
C GLU A 20 0.79 15.90 -5.54
N HIS A 21 0.91 15.13 -4.47
CA HIS A 21 1.02 15.71 -3.13
C HIS A 21 2.49 15.86 -2.73
N GLN A 22 3.36 15.89 -3.75
CA GLN A 22 4.78 16.25 -3.58
C GLN A 22 5.54 15.31 -2.64
N HIS A 23 4.95 14.17 -2.31
CA HIS A 23 5.63 13.20 -1.45
C HIS A 23 6.65 12.41 -2.24
N TRP A 24 6.48 12.38 -3.56
CA TRP A 24 7.41 11.68 -4.42
C TRP A 24 8.70 12.49 -4.58
N ARG A 25 8.65 13.75 -4.14
CA ARG A 25 9.84 14.61 -4.17
C ARG A 25 10.49 14.65 -2.79
N ASN A 26 10.03 13.77 -1.92
CA ASN A 26 10.64 13.56 -0.62
C ASN A 26 11.03 12.10 -0.51
N ASP A 27 12.24 11.79 -0.95
CA ASP A 27 12.64 10.41 -1.18
C ASP A 27 14.13 10.22 -0.99
N GLU A 28 14.50 9.17 -0.26
CA GLU A 28 15.89 8.80 -0.06
C GLU A 28 15.99 7.43 0.59
N PRO A 29 16.14 6.37 -0.23
CA PRO A 29 16.33 5.01 0.27
C PRO A 29 17.73 4.83 0.86
N GLN A 30 17.78 4.57 2.15
CA GLN A 30 19.04 4.39 2.85
C GLN A 30 19.20 2.93 3.28
N PRO A 31 20.43 2.40 3.25
CA PRO A 31 20.70 1.02 3.68
C PRO A 31 20.25 0.77 5.11
N HIS A 32 20.40 1.79 5.97
CA HIS A 32 20.03 1.68 7.37
C HIS A 32 18.53 1.40 7.53
N GLN A 33 17.73 1.97 6.64
CA GLN A 33 16.28 1.87 6.73
C GLN A 33 15.81 0.43 6.61
N PHE A 34 16.28 -0.25 5.57
CA PHE A 34 15.81 -1.58 5.25
C PHE A 34 16.35 -2.62 6.22
N ASN A 35 17.30 -2.21 7.06
CA ASN A 35 17.87 -3.12 8.05
C ASN A 35 16.94 -3.28 9.24
N SER A 36 16.04 -2.32 9.42
CA SER A 36 14.98 -2.47 10.41
C SER A 36 14.05 -3.60 9.97
N THR A 37 13.72 -3.58 8.68
CA THR A 37 12.98 -4.67 8.03
C THR A 37 11.60 -4.89 8.67
N GLN A 38 11.15 -3.94 9.48
CA GLN A 38 9.87 -4.05 10.14
C GLN A 38 8.79 -3.42 9.26
N PRO A 39 7.61 -4.04 9.20
CA PRO A 39 6.49 -3.51 8.40
C PRO A 39 6.18 -2.06 8.75
N PHE A 40 5.89 -1.27 7.71
CA PHE A 40 5.54 0.15 7.84
C PHE A 40 6.76 1.01 8.19
N PHE A 41 7.86 0.39 8.60
CA PHE A 41 9.05 1.10 9.04
C PHE A 41 8.69 2.10 10.14
N MET A 42 8.49 1.57 11.33
CA MET A 42 7.94 2.37 12.43
C MET A 42 9.04 3.03 13.25
N ASP A 43 10.29 2.59 13.05
CA ASP A 43 11.40 3.08 13.86
C ASP A 43 12.37 3.91 13.04
N THR A 44 12.13 4.02 11.75
CA THR A 44 13.06 4.69 10.85
C THR A 44 12.79 6.19 10.77
N MET A 45 11.80 6.58 9.99
CA MET A 45 11.41 7.99 9.88
C MET A 45 9.91 8.15 10.07
N GLU A 46 9.17 7.96 8.98
CA GLU A 46 7.72 7.97 9.03
C GLU A 46 7.19 6.63 8.55
N PRO A 47 6.01 6.22 9.02
CA PRO A 47 5.34 5.00 8.54
C PRO A 47 4.98 5.11 7.06
N LEU A 48 5.16 6.31 6.51
CA LEU A 48 4.93 6.54 5.09
C LEU A 48 6.11 6.03 4.27
N GLU A 49 7.21 5.76 4.94
CA GLU A 49 8.44 5.28 4.31
C GLU A 49 8.18 3.97 3.58
N TRP A 50 7.44 3.09 4.24
CA TRP A 50 7.03 1.81 3.67
C TRP A 50 6.22 2.01 2.40
N LEU A 51 5.33 2.99 2.44
CA LEU A 51 4.48 3.32 1.29
C LEU A 51 5.31 3.93 0.16
N GLN A 52 6.26 4.77 0.54
CA GLN A 52 7.07 5.54 -0.40
C GLN A 52 7.89 4.63 -1.32
N TRP A 53 8.67 3.73 -0.76
CA TRP A 53 9.63 2.97 -1.55
C TRP A 53 9.25 1.51 -1.70
N VAL A 54 8.50 0.97 -0.73
CA VAL A 54 8.29 -0.47 -0.68
C VAL A 54 6.93 -0.91 -1.21
N LEU A 55 5.85 -0.47 -0.56
CA LEU A 55 4.51 -1.01 -0.81
C LEU A 55 4.14 -1.05 -2.30
N ILE A 56 4.16 0.09 -2.96
CA ILE A 56 3.70 0.20 -4.34
C ILE A 56 4.43 -0.77 -5.28
N PRO A 57 5.77 -0.67 -5.44
CA PRO A 57 6.52 -1.56 -6.33
C PRO A 57 6.51 -3.02 -5.86
N ARG A 58 6.42 -3.24 -4.56
CA ARG A 58 6.42 -4.60 -4.02
C ARG A 58 5.12 -5.31 -4.36
N MET A 59 4.02 -4.58 -4.31
CA MET A 59 2.72 -5.12 -4.69
C MET A 59 2.66 -5.35 -6.19
N HIS A 60 3.48 -4.61 -6.93
CA HIS A 60 3.61 -4.84 -8.36
C HIS A 60 4.15 -6.24 -8.62
N ASP A 61 5.11 -6.66 -7.79
CA ASP A 61 5.63 -8.02 -7.86
C ASP A 61 4.49 -9.01 -7.61
N LEU A 62 3.78 -8.80 -6.51
CA LEU A 62 2.67 -9.65 -6.11
C LEU A 62 1.65 -9.78 -7.25
N LEU A 63 1.28 -8.65 -7.83
CA LEU A 63 0.27 -8.61 -8.88
C LEU A 63 0.75 -9.33 -10.14
N ASP A 64 1.94 -8.99 -10.62
CA ASP A 64 2.44 -9.55 -11.88
C ASP A 64 2.87 -11.01 -11.71
N ASN A 65 3.13 -11.42 -10.47
CA ASN A 65 3.39 -12.82 -10.18
C ASN A 65 2.07 -13.60 -10.09
N LYS A 66 0.97 -12.86 -10.20
CA LYS A 66 -0.38 -13.42 -10.12
C LYS A 66 -0.62 -14.09 -8.77
N GLN A 67 0.02 -13.57 -7.74
CA GLN A 67 -0.17 -14.07 -6.39
C GLN A 67 -1.55 -13.71 -5.86
N PRO A 68 -2.10 -14.51 -4.94
CA PRO A 68 -3.39 -14.23 -4.31
C PRO A 68 -3.37 -12.91 -3.55
N LEU A 69 -4.49 -12.21 -3.55
CA LEU A 69 -4.59 -10.93 -2.87
C LEU A 69 -4.95 -11.15 -1.41
N PRO A 70 -4.17 -10.58 -0.49
CA PRO A 70 -4.45 -10.66 0.94
C PRO A 70 -5.82 -10.08 1.28
N GLY A 71 -6.77 -10.95 1.58
CA GLY A 71 -8.13 -10.51 1.89
C GLY A 71 -8.26 -9.99 3.30
N ALA A 72 -7.19 -9.41 3.80
CA ALA A 72 -7.17 -8.83 5.14
C ALA A 72 -6.20 -7.67 5.18
N PHE A 73 -5.89 -7.15 4.01
CA PHE A 73 -4.96 -6.04 3.88
C PHE A 73 -5.72 -4.71 4.03
N ALA A 74 -5.40 -3.98 5.08
CA ALA A 74 -6.01 -2.69 5.32
C ALA A 74 -5.03 -1.74 5.98
N VAL A 75 -4.50 -0.81 5.21
CA VAL A 75 -3.52 0.14 5.71
C VAL A 75 -4.17 1.42 6.19
N ALA A 76 -5.36 1.71 5.69
CA ALA A 76 -6.09 2.91 6.10
C ALA A 76 -6.29 2.97 7.62
N PRO A 77 -6.80 1.91 8.28
CA PRO A 77 -6.98 1.90 9.73
C PRO A 77 -5.66 2.11 10.48
N TYR A 78 -4.55 1.74 9.86
CA TYR A 78 -3.24 1.92 10.48
C TYR A 78 -2.77 3.36 10.30
N TYR A 79 -2.84 3.87 9.07
CA TYR A 79 -2.42 5.23 8.78
C TYR A 79 -3.37 6.24 9.43
N GLU A 80 -4.55 5.77 9.81
CA GLU A 80 -5.47 6.55 10.63
C GLU A 80 -4.78 6.99 11.92
N MET A 81 -3.84 6.18 12.39
CA MET A 81 -3.09 6.48 13.60
C MET A 81 -1.67 6.93 13.26
N ALA A 82 -1.13 6.34 12.19
CA ALA A 82 0.27 6.55 11.82
C ALA A 82 0.49 7.89 11.13
N LEU A 83 -0.54 8.44 10.53
CA LEU A 83 -0.42 9.70 9.81
C LEU A 83 -1.02 10.83 10.64
N ALA A 84 -0.23 11.87 10.84
CA ALA A 84 -0.60 13.00 11.69
C ALA A 84 -1.94 13.60 11.29
N THR A 85 -2.82 13.70 12.28
CA THR A 85 -4.19 14.14 12.06
C THR A 85 -4.26 15.60 11.65
N ASP A 86 -3.35 16.40 12.20
CA ASP A 86 -3.33 17.84 11.93
C ASP A 86 -2.80 18.12 10.54
N HIS A 87 -2.15 17.14 9.94
CA HIS A 87 -1.54 17.29 8.63
C HIS A 87 -2.61 17.27 7.55
N PRO A 88 -2.64 18.33 6.72
CA PRO A 88 -3.62 18.45 5.62
C PRO A 88 -3.47 17.35 4.58
N GLN A 89 -4.56 17.12 3.85
CA GLN A 89 -4.60 16.11 2.78
C GLN A 89 -4.47 14.70 3.32
N ARG A 90 -4.60 14.55 4.63
CA ARG A 90 -4.54 13.24 5.25
C ARG A 90 -5.74 12.42 4.79
N ALA A 91 -6.89 13.08 4.74
CA ALA A 91 -8.13 12.45 4.30
C ALA A 91 -8.04 12.02 2.84
N LEU A 92 -7.27 12.75 2.05
CA LEU A 92 -7.08 12.42 0.65
C LEU A 92 -6.24 11.15 0.51
N ILE A 93 -5.18 11.07 1.31
CA ILE A 93 -4.31 9.91 1.32
C ILE A 93 -5.08 8.68 1.80
N LEU A 94 -5.80 8.85 2.91
CA LEU A 94 -6.58 7.77 3.49
C LEU A 94 -7.65 7.27 2.52
N ALA A 95 -8.28 8.18 1.80
CA ALA A 95 -9.32 7.83 0.84
C ALA A 95 -8.77 6.89 -0.23
N GLU A 96 -7.61 7.22 -0.77
CA GLU A 96 -6.98 6.39 -1.79
C GLU A 96 -6.59 5.04 -1.18
N LEU A 97 -6.14 5.08 0.06
CA LEU A 97 -5.79 3.86 0.78
C LEU A 97 -7.01 2.98 0.99
N GLU A 98 -8.11 3.58 1.44
CA GLU A 98 -9.35 2.85 1.68
C GLU A 98 -9.86 2.21 0.38
N LYS A 99 -9.54 2.85 -0.74
CA LYS A 99 -9.93 2.31 -2.04
C LYS A 99 -9.07 1.11 -2.38
N LEU A 100 -7.77 1.21 -2.08
CA LEU A 100 -6.84 0.10 -2.29
C LEU A 100 -7.19 -1.05 -1.36
N ASP A 101 -7.39 -0.73 -0.09
CA ASP A 101 -7.78 -1.72 0.91
C ASP A 101 -9.09 -2.40 0.49
N ALA A 102 -9.96 -1.63 -0.15
CA ALA A 102 -11.24 -2.15 -0.62
C ALA A 102 -11.04 -3.21 -1.71
N LEU A 103 -9.94 -3.11 -2.44
CA LEU A 103 -9.63 -4.07 -3.48
C LEU A 103 -9.10 -5.36 -2.87
N PHE A 104 -8.39 -5.24 -1.76
CA PHE A 104 -7.89 -6.40 -1.03
C PHE A 104 -9.00 -7.03 -0.20
N ALA A 105 -9.79 -6.19 0.46
CA ALA A 105 -10.90 -6.66 1.27
C ALA A 105 -12.11 -6.99 0.40
N ASP A 106 -11.91 -6.92 -0.91
CA ASP A 106 -12.94 -7.30 -1.87
C ASP A 106 -13.14 -8.81 -1.85
N ASP A 107 -12.13 -9.51 -1.37
CA ASP A 107 -12.19 -10.95 -1.20
C ASP A 107 -11.79 -11.32 0.22
N ALA A 108 -12.31 -12.43 0.71
CA ALA A 108 -11.97 -12.89 2.04
C ALA A 108 -11.50 -14.33 1.97
N SER A 109 -12.35 -15.18 1.42
CA SER A 109 -11.97 -16.54 1.13
C SER A 109 -11.52 -16.61 -0.32
N LEU A 110 -10.23 -16.92 -0.52
CA LEU A 110 -9.59 -16.80 -1.83
C LEU A 110 -10.13 -17.82 -2.84
N GLU A 111 -11.23 -18.47 -2.49
CA GLU A 111 -11.94 -19.31 -3.44
C GLU A 111 -12.55 -18.45 -4.55
N HIS A 112 -12.75 -17.17 -4.24
CA HIS A 112 -13.21 -16.22 -5.26
C HIS A 112 -12.11 -16.04 -6.30
N HIS A 113 -10.88 -15.89 -5.80
CA HIS A 113 -9.72 -15.73 -6.66
C HIS A 113 -9.36 -17.04 -7.37
N HIS A 114 -9.95 -18.13 -6.91
CA HIS A 114 -9.80 -19.40 -7.61
C HIS A 114 -10.59 -19.38 -8.91
N HIS A 115 -11.64 -18.57 -8.93
CA HIS A 115 -12.47 -18.45 -10.12
C HIS A 115 -11.84 -17.49 -11.10
N HIS A 116 -11.37 -16.36 -10.61
CA HIS A 116 -10.62 -15.42 -11.44
C HIS A 116 -9.25 -15.16 -10.83
N HIS A 117 -8.22 -15.53 -11.54
CA HIS A 117 -6.86 -15.31 -11.08
C HIS A 117 -6.35 -13.94 -11.55
N MET A 1 -7.87 -12.98 -13.32
CA MET A 1 -6.64 -12.34 -12.79
C MET A 1 -6.73 -10.82 -12.88
N THR A 2 -7.74 -10.31 -13.58
CA THR A 2 -7.87 -8.89 -13.84
C THR A 2 -8.03 -8.08 -12.55
N THR A 3 -8.36 -8.78 -11.47
CA THR A 3 -8.46 -8.17 -10.15
C THR A 3 -7.14 -7.51 -9.76
N HIS A 4 -6.02 -8.12 -10.16
CA HIS A 4 -4.70 -7.59 -9.81
C HIS A 4 -4.40 -6.34 -10.61
N ASP A 5 -4.88 -6.31 -11.84
CA ASP A 5 -4.64 -5.20 -12.76
C ASP A 5 -5.20 -3.91 -12.18
N ARG A 6 -6.39 -3.98 -11.61
CA ARG A 6 -7.03 -2.80 -11.05
C ARG A 6 -6.36 -2.38 -9.74
N VAL A 7 -5.79 -3.34 -9.03
CA VAL A 7 -5.01 -3.04 -7.84
C VAL A 7 -3.74 -2.31 -8.25
N ARG A 8 -3.14 -2.75 -9.35
CA ARG A 8 -1.99 -2.07 -9.95
C ARG A 8 -2.37 -0.66 -10.34
N LEU A 9 -3.55 -0.51 -10.93
CA LEU A 9 -4.08 0.80 -11.31
C LEU A 9 -4.21 1.71 -10.10
N GLN A 10 -4.53 1.14 -8.95
CA GLN A 10 -4.70 1.91 -7.73
C GLN A 10 -3.35 2.36 -7.18
N LEU A 11 -2.35 1.50 -7.30
CA LEU A 11 -0.99 1.86 -6.90
C LEU A 11 -0.52 3.03 -7.76
N GLN A 12 -0.91 3.01 -9.03
CA GLN A 12 -0.59 4.08 -9.95
C GLN A 12 -1.39 5.34 -9.60
N ALA A 13 -2.62 5.15 -9.12
CA ALA A 13 -3.45 6.28 -8.69
C ALA A 13 -2.81 6.98 -7.49
N LEU A 14 -2.40 6.19 -6.51
CA LEU A 14 -1.73 6.71 -5.32
C LEU A 14 -0.44 7.41 -5.72
N GLU A 15 0.33 6.76 -6.59
CA GLU A 15 1.57 7.33 -7.11
C GLU A 15 1.28 8.66 -7.81
N ALA A 16 0.23 8.68 -8.64
CA ALA A 16 -0.17 9.89 -9.35
C ALA A 16 -0.54 11.00 -8.36
N LEU A 17 -1.24 10.62 -7.30
CA LEU A 17 -1.61 11.57 -6.25
C LEU A 17 -0.37 12.17 -5.61
N LEU A 18 0.64 11.34 -5.41
CA LEU A 18 1.91 11.79 -4.84
C LEU A 18 2.66 12.67 -5.83
N ARG A 19 2.45 12.44 -7.12
CA ARG A 19 3.07 13.24 -8.16
C ARG A 19 2.42 14.61 -8.26
N GLU A 20 1.09 14.63 -8.22
CA GLU A 20 0.35 15.89 -8.32
C GLU A 20 0.58 16.75 -7.08
N HIS A 21 0.71 16.10 -5.93
CA HIS A 21 0.99 16.81 -4.69
C HIS A 21 2.49 17.00 -4.50
N GLN A 22 3.25 16.50 -5.46
CA GLN A 22 4.71 16.62 -5.47
C GLN A 22 5.33 16.15 -4.15
N HIS A 23 5.26 14.84 -3.92
CA HIS A 23 5.87 14.24 -2.75
C HIS A 23 6.62 12.98 -3.12
N TRP A 24 6.84 12.79 -4.42
CA TRP A 24 7.56 11.62 -4.89
C TRP A 24 9.05 11.90 -4.90
N ARG A 25 9.63 11.95 -3.70
CA ARG A 25 11.06 12.15 -3.56
C ARG A 25 11.57 11.26 -2.44
N ASN A 26 12.06 10.09 -2.84
CA ASN A 26 12.55 9.11 -1.87
C ASN A 26 13.74 9.67 -1.11
N ASP A 27 13.56 9.87 0.19
CA ASP A 27 14.59 10.48 1.02
C ASP A 27 15.68 9.48 1.37
N GLU A 28 16.42 9.08 0.34
CA GLU A 28 17.56 8.19 0.45
C GLU A 28 17.20 6.88 1.15
N PRO A 29 16.66 5.91 0.38
CA PRO A 29 16.33 4.57 0.90
C PRO A 29 17.59 3.87 1.40
N GLN A 30 17.78 3.90 2.70
CA GLN A 30 18.99 3.39 3.31
C GLN A 30 18.77 1.99 3.89
N PRO A 31 19.76 1.10 3.72
CA PRO A 31 19.67 -0.32 4.13
C PRO A 31 19.16 -0.53 5.55
N HIS A 32 19.48 0.38 6.48
CA HIS A 32 19.05 0.24 7.87
C HIS A 32 17.53 0.13 7.97
N GLN A 33 16.84 0.64 6.96
CA GLN A 33 15.39 0.53 6.88
C GLN A 33 14.99 -0.92 6.72
N PHE A 34 15.43 -1.54 5.62
CA PHE A 34 15.02 -2.88 5.28
C PHE A 34 15.64 -3.92 6.22
N ASN A 35 16.82 -3.61 6.74
CA ASN A 35 17.53 -4.53 7.64
C ASN A 35 16.82 -4.68 8.97
N SER A 36 16.25 -3.59 9.46
CA SER A 36 15.45 -3.65 10.67
C SER A 36 14.29 -4.61 10.45
N THR A 37 13.73 -4.55 9.24
CA THR A 37 12.71 -5.50 8.81
C THR A 37 11.43 -5.38 9.67
N GLN A 38 11.30 -4.26 10.37
CA GLN A 38 10.09 -3.97 11.14
C GLN A 38 8.90 -3.85 10.20
N PRO A 39 7.73 -4.38 10.61
CA PRO A 39 6.49 -4.23 9.85
C PRO A 39 6.17 -2.74 9.66
N PHE A 40 6.06 -2.32 8.39
CA PHE A 40 5.82 -0.91 8.05
C PHE A 40 7.04 -0.04 8.38
N PHE A 41 8.10 -0.68 8.88
CA PHE A 41 9.33 0.01 9.29
C PHE A 41 9.04 1.11 10.31
N MET A 42 8.06 0.86 11.18
CA MET A 42 7.61 1.84 12.16
C MET A 42 8.77 2.34 13.02
N ASP A 43 9.51 1.40 13.59
CA ASP A 43 10.58 1.72 14.52
C ASP A 43 11.89 1.93 13.77
N THR A 44 11.79 2.44 12.54
CA THR A 44 12.97 2.60 11.71
C THR A 44 12.88 3.86 10.84
N MET A 45 11.75 4.02 10.18
CA MET A 45 11.52 5.15 9.29
C MET A 45 10.17 5.76 9.59
N GLU A 46 9.81 6.81 8.87
CA GLU A 46 8.47 7.36 8.98
C GLU A 46 7.49 6.40 8.33
N PRO A 47 6.27 6.29 8.88
CA PRO A 47 5.21 5.43 8.32
C PRO A 47 4.92 5.77 6.86
N LEU A 48 5.14 7.03 6.49
CA LEU A 48 4.91 7.50 5.13
C LEU A 48 5.98 6.94 4.19
N GLU A 49 7.18 6.67 4.72
CA GLU A 49 8.30 6.22 3.91
C GLU A 49 8.06 4.79 3.43
N TRP A 50 7.22 4.07 4.15
CA TRP A 50 6.81 2.74 3.76
C TRP A 50 5.86 2.83 2.57
N LEU A 51 4.96 3.79 2.63
CA LEU A 51 4.03 4.07 1.53
C LEU A 51 4.80 4.62 0.34
N GLN A 52 5.87 5.34 0.66
CA GLN A 52 6.70 6.04 -0.32
C GLN A 52 7.26 5.09 -1.38
N TRP A 53 8.27 4.30 -1.02
CA TRP A 53 8.96 3.48 -2.01
C TRP A 53 8.91 1.99 -1.65
N VAL A 54 8.18 1.63 -0.63
CA VAL A 54 8.09 0.23 -0.25
C VAL A 54 6.82 -0.41 -0.81
N LEU A 55 5.67 0.10 -0.37
CA LEU A 55 4.37 -0.49 -0.71
C LEU A 55 4.19 -0.67 -2.22
N ILE A 56 4.20 0.43 -2.96
CA ILE A 56 3.88 0.41 -4.39
C ILE A 56 4.77 -0.58 -5.16
N PRO A 57 6.12 -0.48 -5.09
CA PRO A 57 7.00 -1.41 -5.81
C PRO A 57 6.91 -2.85 -5.30
N ARG A 58 6.73 -3.01 -3.99
CA ARG A 58 6.67 -4.34 -3.40
C ARG A 58 5.41 -5.07 -3.84
N MET A 59 4.27 -4.38 -3.75
CA MET A 59 3.00 -4.96 -4.16
C MET A 59 2.96 -5.12 -5.67
N HIS A 60 3.78 -4.35 -6.38
CA HIS A 60 3.90 -4.48 -7.82
C HIS A 60 4.43 -5.86 -8.17
N ASP A 61 5.44 -6.32 -7.45
CA ASP A 61 6.00 -7.66 -7.67
C ASP A 61 4.91 -8.71 -7.51
N LEU A 62 4.06 -8.50 -6.51
CA LEU A 62 2.94 -9.38 -6.24
C LEU A 62 1.95 -9.38 -7.41
N LEU A 63 1.55 -8.19 -7.83
CA LEU A 63 0.54 -8.03 -8.87
C LEU A 63 1.07 -8.38 -10.24
N ASP A 64 2.32 -8.00 -10.51
CA ASP A 64 2.96 -8.26 -11.79
C ASP A 64 3.14 -9.76 -12.03
N ASN A 65 3.35 -10.50 -10.95
CA ASN A 65 3.44 -11.96 -11.06
C ASN A 65 2.06 -12.59 -10.94
N LYS A 66 1.04 -11.75 -10.78
CA LYS A 66 -0.35 -12.19 -10.76
C LYS A 66 -0.63 -13.11 -9.58
N GLN A 67 0.09 -12.86 -8.49
CA GLN A 67 -0.05 -13.65 -7.27
C GLN A 67 -1.31 -13.21 -6.52
N PRO A 68 -1.93 -14.13 -5.76
CA PRO A 68 -3.10 -13.82 -4.94
C PRO A 68 -2.80 -12.74 -3.91
N LEU A 69 -3.81 -11.96 -3.56
CA LEU A 69 -3.64 -10.87 -2.63
C LEU A 69 -3.61 -11.38 -1.19
N PRO A 70 -2.95 -10.65 -0.29
CA PRO A 70 -2.96 -10.96 1.13
C PRO A 70 -4.26 -10.47 1.76
N GLY A 71 -5.12 -11.42 2.13
CA GLY A 71 -6.45 -11.08 2.60
C GLY A 71 -6.49 -10.57 4.02
N ALA A 72 -5.35 -10.12 4.52
CA ALA A 72 -5.27 -9.53 5.84
C ALA A 72 -4.36 -8.31 5.80
N PHE A 73 -4.16 -7.81 4.59
CA PHE A 73 -3.29 -6.67 4.38
C PHE A 73 -4.10 -5.37 4.43
N ALA A 74 -4.29 -4.86 5.63
CA ALA A 74 -5.04 -3.62 5.82
C ALA A 74 -4.10 -2.47 6.10
N VAL A 75 -4.30 -1.36 5.40
CA VAL A 75 -3.40 -0.21 5.52
C VAL A 75 -4.15 1.04 5.99
N ALA A 76 -5.41 1.15 5.61
CA ALA A 76 -6.20 2.34 5.95
C ALA A 76 -6.41 2.44 7.47
N PRO A 77 -6.88 1.36 8.14
CA PRO A 77 -7.02 1.38 9.61
C PRO A 77 -5.68 1.62 10.31
N TYR A 78 -4.59 1.26 9.64
CA TYR A 78 -3.27 1.44 10.20
C TYR A 78 -2.84 2.90 10.13
N TYR A 79 -3.01 3.51 8.95
CA TYR A 79 -2.62 4.91 8.78
C TYR A 79 -3.56 5.84 9.53
N GLU A 80 -4.67 5.30 10.01
CA GLU A 80 -5.58 6.04 10.87
C GLU A 80 -4.88 6.36 12.20
N MET A 81 -3.84 5.59 12.52
CA MET A 81 -3.07 5.82 13.72
C MET A 81 -1.67 6.33 13.39
N ALA A 82 -1.02 5.63 12.45
CA ALA A 82 0.37 5.92 12.11
C ALA A 82 0.54 7.31 11.51
N LEU A 83 -0.41 7.73 10.68
CA LEU A 83 -0.31 9.01 10.01
C LEU A 83 -0.97 10.10 10.87
N ALA A 84 -0.26 11.21 11.04
CA ALA A 84 -0.75 12.32 11.84
C ALA A 84 -2.13 12.77 11.37
N THR A 85 -3.00 13.02 12.33
CA THR A 85 -4.40 13.34 12.06
C THR A 85 -4.59 14.74 11.48
N ASP A 86 -3.56 15.56 11.53
CA ASP A 86 -3.67 16.94 11.08
C ASP A 86 -3.25 17.06 9.61
N HIS A 87 -3.51 18.22 9.02
CA HIS A 87 -3.25 18.48 7.59
C HIS A 87 -4.31 17.79 6.72
N PRO A 88 -5.22 18.59 6.12
CA PRO A 88 -6.44 18.09 5.44
C PRO A 88 -6.16 17.09 4.32
N GLN A 89 -4.98 17.16 3.73
CA GLN A 89 -4.62 16.27 2.62
C GLN A 89 -4.55 14.81 3.07
N ARG A 90 -4.57 14.61 4.38
CA ARG A 90 -4.58 13.27 4.96
C ARG A 90 -5.77 12.47 4.45
N ALA A 91 -6.92 13.13 4.35
CA ALA A 91 -8.15 12.50 3.91
C ALA A 91 -8.03 12.01 2.46
N LEU A 92 -7.34 12.79 1.64
CA LEU A 92 -7.13 12.42 0.24
C LEU A 92 -6.33 11.15 0.15
N ILE A 93 -5.30 11.05 0.97
CA ILE A 93 -4.46 9.87 1.01
C ILE A 93 -5.25 8.68 1.55
N LEU A 94 -5.99 8.90 2.63
CA LEU A 94 -6.82 7.86 3.22
C LEU A 94 -7.86 7.35 2.21
N ALA A 95 -8.41 8.27 1.43
CA ALA A 95 -9.40 7.92 0.42
C ALA A 95 -8.81 6.93 -0.60
N GLU A 96 -7.59 7.19 -1.04
CA GLU A 96 -6.92 6.30 -1.97
C GLU A 96 -6.49 5.02 -1.28
N LEU A 97 -6.13 5.14 0.00
CA LEU A 97 -5.76 3.98 0.79
C LEU A 97 -6.95 3.04 0.93
N GLU A 98 -8.12 3.59 1.21
CA GLU A 98 -9.33 2.79 1.36
C GLU A 98 -9.69 2.08 0.07
N LYS A 99 -9.45 2.71 -1.07
CA LYS A 99 -9.64 2.07 -2.37
C LYS A 99 -8.85 0.76 -2.41
N LEU A 100 -7.55 0.87 -2.12
CA LEU A 100 -6.64 -0.28 -2.13
C LEU A 100 -7.00 -1.26 -1.02
N ASP A 101 -7.31 -0.70 0.15
CA ASP A 101 -7.66 -1.48 1.33
C ASP A 101 -8.87 -2.38 1.06
N ALA A 102 -9.84 -1.83 0.33
CA ALA A 102 -11.05 -2.57 -0.02
C ALA A 102 -10.73 -3.63 -1.08
N LEU A 103 -9.69 -3.41 -1.85
CA LEU A 103 -9.29 -4.36 -2.89
C LEU A 103 -8.73 -5.63 -2.27
N PHE A 104 -8.05 -5.49 -1.13
CA PHE A 104 -7.54 -6.64 -0.40
C PHE A 104 -8.68 -7.41 0.26
N ALA A 105 -9.83 -6.75 0.38
CA ALA A 105 -11.02 -7.39 0.89
C ALA A 105 -11.89 -7.88 -0.25
N ASP A 106 -11.46 -7.57 -1.47
CA ASP A 106 -12.22 -7.94 -2.66
C ASP A 106 -11.79 -9.31 -3.17
N ASP A 107 -10.51 -9.61 -3.02
CA ASP A 107 -9.98 -10.90 -3.44
C ASP A 107 -10.33 -11.98 -2.42
N ALA A 108 -10.19 -13.23 -2.81
CA ALA A 108 -10.55 -14.35 -1.95
C ALA A 108 -9.34 -14.85 -1.18
N SER A 109 -9.57 -15.25 0.06
CA SER A 109 -8.51 -15.74 0.92
C SER A 109 -9.01 -16.91 1.77
N LEU A 110 -8.19 -17.35 2.72
CA LEU A 110 -8.55 -18.47 3.58
C LEU A 110 -9.36 -18.00 4.78
N GLU A 111 -10.07 -18.94 5.39
CA GLU A 111 -10.93 -18.67 6.54
C GLU A 111 -10.12 -18.16 7.72
N HIS A 112 -8.89 -18.65 7.83
CA HIS A 112 -8.04 -18.37 8.98
C HIS A 112 -7.48 -16.94 8.94
N HIS A 113 -7.78 -16.21 7.87
CA HIS A 113 -7.36 -14.82 7.77
C HIS A 113 -8.52 -13.93 7.34
N HIS A 114 -9.04 -13.15 8.27
CA HIS A 114 -10.14 -12.25 7.98
C HIS A 114 -9.60 -10.95 7.39
N HIS A 115 -10.41 -10.29 6.58
CA HIS A 115 -9.93 -9.16 5.79
C HIS A 115 -10.06 -7.85 6.58
N HIS A 116 -10.51 -7.96 7.82
CA HIS A 116 -10.63 -6.81 8.70
C HIS A 116 -10.34 -7.19 10.13
N HIS A 117 -10.14 -6.18 10.96
CA HIS A 117 -9.86 -6.37 12.37
C HIS A 117 -10.38 -5.16 13.13
N MET A 1 -11.47 -7.94 -16.70
CA MET A 1 -10.28 -7.45 -15.99
C MET A 1 -10.34 -7.91 -14.54
N THR A 2 -9.32 -8.65 -14.11
CA THR A 2 -9.27 -9.17 -12.76
C THR A 2 -9.08 -8.04 -11.75
N THR A 3 -9.36 -8.32 -10.48
CA THR A 3 -9.13 -7.37 -9.42
C THR A 3 -7.66 -6.98 -9.35
N HIS A 4 -6.79 -7.96 -9.60
CA HIS A 4 -5.34 -7.75 -9.58
C HIS A 4 -4.92 -6.56 -10.43
N ASP A 5 -5.45 -6.49 -11.65
CA ASP A 5 -5.07 -5.44 -12.59
C ASP A 5 -5.51 -4.08 -12.06
N ARG A 6 -6.69 -4.04 -11.45
CA ARG A 6 -7.23 -2.80 -10.91
C ARG A 6 -6.46 -2.36 -9.65
N VAL A 7 -5.97 -3.33 -8.89
CA VAL A 7 -5.11 -3.02 -7.74
C VAL A 7 -3.79 -2.44 -8.25
N ARG A 8 -3.32 -2.99 -9.36
CA ARG A 8 -2.13 -2.49 -10.03
C ARG A 8 -2.32 -1.04 -10.45
N LEU A 9 -3.49 -0.74 -10.99
CA LEU A 9 -3.84 0.63 -11.38
C LEU A 9 -3.88 1.53 -10.15
N GLN A 10 -4.39 0.98 -9.05
CA GLN A 10 -4.46 1.70 -7.79
C GLN A 10 -3.05 2.09 -7.30
N LEU A 11 -2.10 1.17 -7.47
CA LEU A 11 -0.71 1.44 -7.11
C LEU A 11 -0.18 2.62 -7.92
N GLN A 12 -0.55 2.64 -9.20
CA GLN A 12 -0.13 3.72 -10.09
C GLN A 12 -0.72 5.05 -9.64
N ALA A 13 -1.93 5.00 -9.09
CA ALA A 13 -2.58 6.19 -8.53
C ALA A 13 -1.86 6.64 -7.26
N LEU A 14 -1.46 5.67 -6.44
CA LEU A 14 -0.70 5.96 -5.23
C LEU A 14 0.62 6.65 -5.58
N GLU A 15 1.25 6.19 -6.64
CA GLU A 15 2.50 6.79 -7.12
C GLU A 15 2.29 8.26 -7.47
N ALA A 16 1.18 8.53 -8.17
CA ALA A 16 0.83 9.90 -8.54
C ALA A 16 0.56 10.74 -7.31
N LEU A 17 0.03 10.11 -6.27
CA LEU A 17 -0.22 10.80 -5.01
C LEU A 17 1.10 11.17 -4.35
N LEU A 18 2.05 10.24 -4.39
CA LEU A 18 3.38 10.46 -3.82
C LEU A 18 4.18 11.45 -4.68
N ARG A 19 3.66 11.77 -5.85
CA ARG A 19 4.23 12.83 -6.65
C ARG A 19 3.85 14.19 -6.06
N GLU A 20 2.62 14.31 -5.59
CA GLU A 20 2.15 15.53 -4.95
C GLU A 20 2.80 15.69 -3.60
N HIS A 21 2.63 14.68 -2.76
CA HIS A 21 3.00 14.78 -1.35
C HIS A 21 4.39 14.21 -1.12
N GLN A 22 5.12 14.06 -2.22
CA GLN A 22 6.52 13.64 -2.21
C GLN A 22 6.69 12.29 -1.50
N HIS A 23 7.85 12.10 -0.84
CA HIS A 23 8.27 10.80 -0.29
C HIS A 23 8.77 9.90 -1.41
N TRP A 24 8.09 9.93 -2.55
CA TRP A 24 8.60 9.27 -3.75
C TRP A 24 9.75 10.11 -4.31
N ARG A 25 10.84 10.15 -3.55
CA ARG A 25 12.01 10.90 -3.93
C ARG A 25 13.21 9.98 -3.89
N ASN A 26 13.52 9.35 -5.02
CA ASN A 26 14.65 8.44 -5.11
C ASN A 26 15.94 9.22 -5.30
N ASP A 27 15.84 10.54 -5.12
CA ASP A 27 17.00 11.43 -5.14
C ASP A 27 18.03 10.95 -4.12
N GLU A 28 17.54 10.49 -2.98
CA GLU A 28 18.38 10.01 -1.91
C GLU A 28 17.85 8.69 -1.36
N PRO A 29 18.61 7.60 -1.54
CA PRO A 29 18.26 6.30 -0.96
C PRO A 29 18.42 6.30 0.55
N GLN A 30 17.63 5.49 1.24
CA GLN A 30 17.68 5.44 2.69
C GLN A 30 17.93 3.99 3.14
N PRO A 31 19.14 3.47 2.95
CA PRO A 31 19.47 2.09 3.33
C PRO A 31 19.22 1.86 4.81
N HIS A 32 19.53 2.88 5.61
CA HIS A 32 19.32 2.81 7.05
C HIS A 32 17.84 2.61 7.38
N GLN A 33 16.96 3.07 6.49
CA GLN A 33 15.52 2.95 6.72
C GLN A 33 15.06 1.53 6.42
N PHE A 34 15.49 0.99 5.28
CA PHE A 34 15.06 -0.33 4.85
C PHE A 34 15.74 -1.44 5.65
N ASN A 35 16.66 -1.07 6.54
CA ASN A 35 17.28 -2.04 7.43
C ASN A 35 16.35 -2.40 8.56
N SER A 36 15.36 -1.56 8.81
CA SER A 36 14.36 -1.85 9.79
C SER A 36 13.43 -2.93 9.22
N THR A 37 13.51 -4.11 9.79
CA THR A 37 12.81 -5.26 9.23
C THR A 37 11.39 -5.37 9.81
N GLN A 38 10.95 -4.30 10.46
CA GLN A 38 9.62 -4.24 11.02
C GLN A 38 8.66 -3.60 10.01
N PRO A 39 7.36 -3.88 10.12
CA PRO A 39 6.35 -3.30 9.22
C PRO A 39 6.26 -1.79 9.35
N PHE A 40 6.10 -1.12 8.20
CA PHE A 40 5.86 0.33 8.12
C PHE A 40 7.10 1.15 8.49
N PHE A 41 8.18 0.47 8.89
CA PHE A 41 9.42 1.15 9.28
C PHE A 41 9.14 2.18 10.38
N MET A 42 8.24 1.80 11.31
CA MET A 42 7.75 2.71 12.35
C MET A 42 8.89 3.39 13.11
N ASP A 43 9.96 2.65 13.38
CA ASP A 43 11.05 3.15 14.21
C ASP A 43 12.21 3.69 13.39
N THR A 44 11.93 4.09 12.16
CA THR A 44 12.97 4.73 11.34
C THR A 44 12.79 6.24 11.35
N MET A 45 11.64 6.68 10.86
CA MET A 45 11.33 8.10 10.76
C MET A 45 9.83 8.31 10.72
N GLU A 46 9.20 7.92 9.62
CA GLU A 46 7.76 8.07 9.46
C GLU A 46 7.16 6.80 8.84
N PRO A 47 5.91 6.46 9.20
CA PRO A 47 5.22 5.27 8.67
C PRO A 47 4.97 5.35 7.18
N LEU A 48 5.09 6.54 6.61
CA LEU A 48 4.83 6.76 5.18
C LEU A 48 5.97 6.21 4.32
N GLU A 49 7.09 5.91 4.95
CA GLU A 49 8.26 5.44 4.22
C GLU A 49 8.06 4.01 3.73
N TRP A 50 7.05 3.35 4.27
CA TRP A 50 6.70 2.01 3.82
C TRP A 50 6.02 2.08 2.46
N LEU A 51 5.30 3.17 2.23
CA LEU A 51 4.63 3.39 0.96
C LEU A 51 5.63 3.85 -0.09
N GLN A 52 6.75 4.40 0.39
CA GLN A 52 7.76 5.03 -0.45
C GLN A 52 8.27 4.09 -1.55
N TRP A 53 8.91 3.00 -1.15
CA TRP A 53 9.56 2.13 -2.13
C TRP A 53 9.21 0.66 -1.88
N VAL A 54 8.27 0.40 -0.99
CA VAL A 54 7.89 -0.97 -0.70
C VAL A 54 6.53 -1.32 -1.29
N LEU A 55 5.46 -0.76 -0.72
CA LEU A 55 4.10 -1.15 -1.09
C LEU A 55 3.87 -1.17 -2.61
N ILE A 56 4.06 -0.01 -3.25
CA ILE A 56 3.76 0.11 -4.67
C ILE A 56 4.61 -0.85 -5.51
N PRO A 57 5.96 -0.82 -5.42
CA PRO A 57 6.82 -1.68 -6.24
C PRO A 57 6.69 -3.17 -5.89
N ARG A 58 6.64 -3.48 -4.61
CA ARG A 58 6.66 -4.88 -4.16
C ARG A 58 5.32 -5.57 -4.43
N MET A 59 4.23 -4.80 -4.38
CA MET A 59 2.92 -5.36 -4.66
C MET A 59 2.77 -5.66 -6.14
N HIS A 60 3.63 -5.08 -6.96
CA HIS A 60 3.68 -5.42 -8.38
C HIS A 60 4.13 -6.86 -8.55
N ASP A 61 5.05 -7.30 -7.71
CA ASP A 61 5.48 -8.70 -7.71
C ASP A 61 4.31 -9.61 -7.37
N LEU A 62 3.44 -9.12 -6.49
CA LEU A 62 2.26 -9.87 -6.07
C LEU A 62 1.20 -9.89 -7.19
N LEU A 63 0.97 -8.72 -7.78
CA LEU A 63 -0.09 -8.56 -8.77
C LEU A 63 0.31 -9.11 -10.13
N ASP A 64 1.47 -8.67 -10.63
CA ASP A 64 1.92 -9.02 -11.98
C ASP A 64 2.21 -10.51 -12.11
N ASN A 65 2.47 -11.17 -10.99
CA ASN A 65 2.69 -12.61 -10.99
C ASN A 65 1.40 -13.36 -10.70
N LYS A 66 0.29 -12.63 -10.71
CA LYS A 66 -1.05 -13.22 -10.60
C LYS A 66 -1.24 -13.94 -9.27
N GLN A 67 -0.53 -13.51 -8.25
CA GLN A 67 -0.58 -14.16 -6.95
C GLN A 67 -1.85 -13.77 -6.20
N PRO A 68 -2.42 -14.71 -5.43
CA PRO A 68 -3.63 -14.46 -4.64
C PRO A 68 -3.46 -13.30 -3.68
N LEU A 69 -4.43 -12.39 -3.67
CA LEU A 69 -4.38 -11.24 -2.77
C LEU A 69 -4.82 -11.65 -1.37
N PRO A 70 -4.05 -11.23 -0.36
CA PRO A 70 -4.39 -11.48 1.04
C PRO A 70 -5.68 -10.77 1.43
N GLY A 71 -6.75 -11.54 1.62
CA GLY A 71 -8.06 -10.97 1.90
C GLY A 71 -8.20 -10.50 3.33
N ALA A 72 -7.20 -9.76 3.80
CA ALA A 72 -7.21 -9.20 5.14
C ALA A 72 -6.20 -8.07 5.23
N PHE A 73 -5.84 -7.50 4.08
CA PHE A 73 -4.87 -6.42 4.03
C PHE A 73 -5.58 -5.08 4.16
N ALA A 74 -5.23 -4.34 5.20
CA ALA A 74 -5.83 -3.03 5.43
C ALA A 74 -4.80 -2.06 6.00
N VAL A 75 -4.54 -0.99 5.26
CA VAL A 75 -3.57 0.01 5.70
C VAL A 75 -4.24 1.32 6.09
N ALA A 76 -5.47 1.52 5.63
CA ALA A 76 -6.20 2.75 5.91
C ALA A 76 -6.36 3.01 7.41
N PRO A 77 -6.85 2.03 8.22
CA PRO A 77 -7.03 2.21 9.66
C PRO A 77 -5.72 2.58 10.36
N TYR A 78 -4.60 2.15 9.79
CA TYR A 78 -3.30 2.43 10.37
C TYR A 78 -2.93 3.90 10.17
N TYR A 79 -3.00 4.35 8.93
CA TYR A 79 -2.62 5.72 8.61
C TYR A 79 -3.65 6.73 9.10
N GLU A 80 -4.87 6.26 9.36
CA GLU A 80 -5.92 7.08 9.95
C GLU A 80 -5.49 7.49 11.37
N MET A 81 -4.65 6.65 11.97
CA MET A 81 -4.12 6.89 13.29
C MET A 81 -2.70 7.48 13.20
N ALA A 82 -1.90 6.95 12.28
CA ALA A 82 -0.50 7.37 12.13
C ALA A 82 -0.39 8.81 11.65
N LEU A 83 -1.22 9.18 10.69
CA LEU A 83 -1.16 10.53 10.13
C LEU A 83 -1.98 11.48 10.96
N ALA A 84 -1.36 12.58 11.36
CA ALA A 84 -2.00 13.56 12.23
C ALA A 84 -3.21 14.20 11.56
N THR A 85 -4.26 14.35 12.34
CA THR A 85 -5.51 14.93 11.89
C THR A 85 -5.30 16.35 11.37
N ASP A 86 -4.31 17.03 11.93
CA ASP A 86 -4.02 18.40 11.57
C ASP A 86 -3.19 18.48 10.29
N HIS A 87 -3.10 17.37 9.58
CA HIS A 87 -2.43 17.34 8.29
C HIS A 87 -3.45 16.98 7.20
N PRO A 88 -4.10 18.00 6.63
CA PRO A 88 -5.24 17.82 5.71
C PRO A 88 -4.93 17.00 4.46
N GLN A 89 -3.65 16.79 4.18
CA GLN A 89 -3.23 15.98 3.04
C GLN A 89 -3.59 14.51 3.26
N ARG A 90 -3.85 14.14 4.51
CA ARG A 90 -4.08 12.74 4.84
C ARG A 90 -5.41 12.26 4.26
N ALA A 91 -6.32 13.19 4.01
CA ALA A 91 -7.62 12.86 3.42
C ALA A 91 -7.45 12.15 2.08
N LEU A 92 -6.64 12.74 1.22
CA LEU A 92 -6.37 12.17 -0.10
C LEU A 92 -5.72 10.81 0.02
N ILE A 93 -4.84 10.68 1.01
CA ILE A 93 -4.16 9.42 1.27
C ILE A 93 -5.13 8.36 1.75
N LEU A 94 -5.93 8.71 2.76
CA LEU A 94 -6.92 7.78 3.32
C LEU A 94 -7.91 7.33 2.26
N ALA A 95 -8.26 8.25 1.36
CA ALA A 95 -9.16 7.93 0.25
C ALA A 95 -8.60 6.80 -0.59
N GLU A 96 -7.34 6.94 -0.99
CA GLU A 96 -6.69 5.92 -1.81
C GLU A 96 -6.40 4.66 -1.01
N LEU A 97 -6.24 4.80 0.30
CA LEU A 97 -5.99 3.65 1.16
C LEU A 97 -7.24 2.76 1.26
N GLU A 98 -8.36 3.36 1.62
CA GLU A 98 -9.64 2.63 1.64
C GLU A 98 -9.96 2.09 0.25
N LYS A 99 -9.49 2.82 -0.75
CA LYS A 99 -9.68 2.48 -2.14
C LYS A 99 -8.89 1.22 -2.49
N LEU A 100 -7.78 1.02 -1.78
CA LEU A 100 -6.91 -0.14 -1.99
C LEU A 100 -7.33 -1.32 -1.11
N ASP A 101 -7.59 -1.01 0.16
CA ASP A 101 -8.00 -2.03 1.14
C ASP A 101 -9.21 -2.82 0.64
N ALA A 102 -10.13 -2.12 -0.01
CA ALA A 102 -11.33 -2.75 -0.55
C ALA A 102 -11.00 -3.72 -1.66
N LEU A 103 -9.90 -3.46 -2.38
CA LEU A 103 -9.51 -4.27 -3.51
C LEU A 103 -8.89 -5.59 -3.05
N PHE A 104 -8.19 -5.55 -1.94
CA PHE A 104 -7.59 -6.78 -1.39
C PHE A 104 -8.65 -7.76 -0.92
N ALA A 105 -9.84 -7.24 -0.62
CA ALA A 105 -10.96 -8.10 -0.23
C ALA A 105 -11.86 -8.36 -1.42
N ASP A 106 -11.50 -7.78 -2.57
CA ASP A 106 -12.31 -7.89 -3.78
C ASP A 106 -11.88 -9.08 -4.63
N ASP A 107 -10.57 -9.36 -4.62
CA ASP A 107 -10.03 -10.49 -5.37
C ASP A 107 -10.33 -11.79 -4.63
N ALA A 108 -10.12 -12.92 -5.28
CA ALA A 108 -10.54 -14.20 -4.73
C ALA A 108 -9.35 -15.08 -4.37
N SER A 109 -9.17 -15.30 -3.08
CA SER A 109 -8.16 -16.22 -2.59
C SER A 109 -8.79 -17.25 -1.67
N LEU A 110 -8.87 -18.50 -2.14
CA LEU A 110 -9.52 -19.56 -1.38
C LEU A 110 -8.71 -19.94 -0.16
N GLU A 111 -9.41 -20.40 0.89
CA GLU A 111 -8.79 -20.74 2.15
C GLU A 111 -7.84 -21.94 2.01
N HIS A 112 -8.16 -22.84 1.06
CA HIS A 112 -7.35 -24.03 0.82
C HIS A 112 -7.30 -24.94 2.04
N HIS A 113 -8.34 -24.85 2.86
CA HIS A 113 -8.47 -25.69 4.06
C HIS A 113 -8.64 -27.15 3.67
N HIS A 114 -9.32 -27.40 2.57
CA HIS A 114 -9.51 -28.76 2.08
C HIS A 114 -8.38 -29.09 1.10
N HIS A 115 -7.70 -30.20 1.34
CA HIS A 115 -6.50 -30.52 0.58
C HIS A 115 -6.73 -31.63 -0.44
N HIS A 116 -6.09 -31.49 -1.58
CA HIS A 116 -6.02 -32.54 -2.60
C HIS A 116 -4.71 -32.41 -3.35
N HIS A 117 -3.90 -33.45 -3.28
CA HIS A 117 -2.57 -33.47 -3.91
C HIS A 117 -1.66 -32.43 -3.25
N MET A 1 -10.79 -5.71 -16.60
CA MET A 1 -9.47 -6.07 -16.06
C MET A 1 -9.66 -6.85 -14.76
N THR A 2 -8.85 -7.86 -14.55
CA THR A 2 -8.97 -8.72 -13.37
C THR A 2 -8.50 -8.01 -12.10
N THR A 3 -8.64 -8.70 -10.97
CA THR A 3 -8.40 -8.13 -9.65
C THR A 3 -7.06 -7.41 -9.54
N HIS A 4 -5.98 -8.12 -9.86
CA HIS A 4 -4.62 -7.57 -9.68
C HIS A 4 -4.43 -6.34 -10.56
N ASP A 5 -5.05 -6.36 -11.72
CA ASP A 5 -4.93 -5.29 -12.69
C ASP A 5 -5.64 -4.05 -12.21
N ARG A 6 -6.74 -4.23 -11.49
CA ARG A 6 -7.46 -3.13 -10.89
C ARG A 6 -6.64 -2.51 -9.78
N VAL A 7 -5.95 -3.36 -9.01
CA VAL A 7 -5.07 -2.88 -7.95
C VAL A 7 -3.88 -2.13 -8.57
N ARG A 8 -3.42 -2.65 -9.71
CA ARG A 8 -2.37 -2.01 -10.50
C ARG A 8 -2.73 -0.56 -10.80
N LEU A 9 -3.93 -0.34 -11.28
CA LEU A 9 -4.40 1.00 -11.62
C LEU A 9 -4.41 1.90 -10.39
N GLN A 10 -4.83 1.35 -9.27
CA GLN A 10 -4.92 2.11 -8.03
C GLN A 10 -3.54 2.46 -7.47
N LEU A 11 -2.58 1.55 -7.61
CA LEU A 11 -1.23 1.84 -7.17
C LEU A 11 -0.63 2.99 -7.97
N GLN A 12 -0.94 3.03 -9.26
CA GLN A 12 -0.47 4.12 -10.11
C GLN A 12 -1.18 5.42 -9.76
N ALA A 13 -2.44 5.31 -9.36
CA ALA A 13 -3.21 6.47 -8.93
C ALA A 13 -2.70 6.98 -7.59
N LEU A 14 -2.41 6.07 -6.67
CA LEU A 14 -1.86 6.42 -5.37
C LEU A 14 -0.47 7.03 -5.52
N GLU A 15 0.32 6.46 -6.42
CA GLU A 15 1.64 7.00 -6.72
C GLU A 15 1.52 8.43 -7.24
N ALA A 16 0.53 8.65 -8.09
CA ALA A 16 0.28 9.97 -8.65
C ALA A 16 -0.20 10.93 -7.57
N LEU A 17 -0.98 10.44 -6.63
CA LEU A 17 -1.50 11.25 -5.52
C LEU A 17 -0.34 11.89 -4.77
N LEU A 18 0.70 11.12 -4.55
CA LEU A 18 1.88 11.59 -3.84
C LEU A 18 2.76 12.45 -4.74
N ARG A 19 2.63 12.23 -6.04
CA ARG A 19 3.38 13.00 -7.04
C ARG A 19 2.80 14.39 -7.21
N GLU A 20 1.48 14.45 -7.43
CA GLU A 20 0.80 15.71 -7.68
C GLU A 20 0.82 16.60 -6.45
N HIS A 21 0.72 16.01 -5.27
CA HIS A 21 0.75 16.76 -4.03
C HIS A 21 2.19 16.97 -3.57
N GLN A 22 3.15 16.46 -4.36
CA GLN A 22 4.57 16.64 -4.13
C GLN A 22 4.95 16.28 -2.68
N HIS A 23 4.62 15.07 -2.27
CA HIS A 23 4.95 14.61 -0.93
C HIS A 23 5.63 13.26 -0.97
N TRP A 24 6.31 12.98 -2.08
CA TRP A 24 7.09 11.77 -2.21
C TRP A 24 8.50 12.01 -1.67
N ARG A 25 8.84 11.35 -0.57
CA ARG A 25 10.14 11.53 0.06
C ARG A 25 11.13 10.51 -0.46
N ASN A 26 12.38 10.89 -0.49
CA ASN A 26 13.46 9.98 -0.83
C ASN A 26 14.71 10.34 -0.07
N ASP A 27 15.03 9.53 0.92
CA ASP A 27 16.20 9.75 1.75
C ASP A 27 17.43 9.05 1.15
N GLU A 28 17.19 8.32 0.06
CA GLU A 28 18.19 7.39 -0.47
C GLU A 28 18.52 6.35 0.59
N PRO A 29 17.55 5.46 0.84
CA PRO A 29 17.61 4.52 1.97
C PRO A 29 18.84 3.63 1.97
N GLN A 30 19.48 3.55 3.13
CA GLN A 30 20.59 2.65 3.35
C GLN A 30 20.05 1.27 3.72
N PRO A 31 20.78 0.19 3.39
CA PRO A 31 20.39 -1.18 3.73
C PRO A 31 20.10 -1.34 5.23
N HIS A 32 20.74 -0.49 6.03
CA HIS A 32 20.50 -0.45 7.47
C HIS A 32 19.00 -0.33 7.80
N GLN A 33 18.28 0.45 6.99
CA GLN A 33 16.87 0.71 7.26
C GLN A 33 15.99 -0.48 6.88
N PHE A 34 16.51 -1.39 6.08
CA PHE A 34 15.74 -2.56 5.65
C PHE A 34 16.15 -3.79 6.44
N ASN A 35 17.44 -3.89 6.75
CA ASN A 35 17.98 -5.03 7.46
C ASN A 35 17.58 -5.04 8.92
N SER A 36 16.98 -3.94 9.36
CA SER A 36 16.36 -3.90 10.68
C SER A 36 15.18 -4.86 10.70
N THR A 37 14.43 -4.85 9.60
CA THR A 37 13.31 -5.77 9.38
C THR A 37 12.24 -5.62 10.46
N GLN A 38 11.29 -4.74 10.21
CA GLN A 38 10.23 -4.45 11.16
C GLN A 38 8.98 -4.00 10.40
N PRO A 39 7.78 -4.30 10.90
CA PRO A 39 6.54 -3.81 10.29
C PRO A 39 6.56 -2.30 10.13
N PHE A 40 6.43 -1.84 8.89
CA PHE A 40 6.44 -0.40 8.55
C PHE A 40 7.82 0.22 8.82
N PHE A 41 8.78 -0.62 9.25
CA PHE A 41 10.12 -0.17 9.62
C PHE A 41 10.03 0.98 10.64
N MET A 42 9.20 0.78 11.66
CA MET A 42 8.86 1.83 12.64
C MET A 42 10.00 2.16 13.61
N ASP A 43 11.23 2.08 13.12
CA ASP A 43 12.41 2.40 13.93
C ASP A 43 13.50 3.02 13.07
N THR A 44 13.74 2.40 11.91
CA THR A 44 14.71 2.92 10.97
C THR A 44 14.09 3.95 10.03
N MET A 45 12.89 3.65 9.56
CA MET A 45 12.18 4.54 8.65
C MET A 45 10.95 5.12 9.35
N GLU A 46 10.17 5.90 8.62
CA GLU A 46 8.94 6.45 9.16
C GLU A 46 7.75 5.83 8.47
N PRO A 47 6.58 5.80 9.13
CA PRO A 47 5.39 5.10 8.63
C PRO A 47 4.87 5.61 7.29
N LEU A 48 5.16 6.87 6.97
CA LEU A 48 4.64 7.49 5.76
C LEU A 48 5.41 7.03 4.53
N GLU A 49 6.73 7.12 4.62
CA GLU A 49 7.60 6.72 3.52
C GLU A 49 7.77 5.21 3.45
N TRP A 50 6.95 4.49 4.21
CA TRP A 50 6.86 3.05 4.06
C TRP A 50 6.08 2.72 2.78
N LEU A 51 5.08 3.56 2.51
CA LEU A 51 4.27 3.41 1.32
C LEU A 51 5.10 3.71 0.08
N GLN A 52 6.00 4.67 0.22
CA GLN A 52 6.86 5.10 -0.86
C GLN A 52 8.15 4.27 -0.86
N TRP A 53 8.70 4.05 -2.05
CA TRP A 53 9.95 3.29 -2.22
C TRP A 53 9.75 1.79 -1.96
N VAL A 54 9.09 1.44 -0.85
CA VAL A 54 8.88 0.04 -0.52
C VAL A 54 7.53 -0.46 -0.99
N LEU A 55 6.45 -0.02 -0.34
CA LEU A 55 5.11 -0.60 -0.54
C LEU A 55 4.74 -0.67 -2.01
N ILE A 56 4.56 0.48 -2.64
CA ILE A 56 4.03 0.52 -4.00
C ILE A 56 4.84 -0.37 -4.97
N PRO A 57 6.19 -0.22 -5.04
CA PRO A 57 7.03 -1.09 -5.87
C PRO A 57 6.95 -2.56 -5.47
N ARG A 58 6.97 -2.83 -4.17
CA ARG A 58 6.93 -4.20 -3.67
C ARG A 58 5.59 -4.86 -4.01
N MET A 59 4.52 -4.07 -3.92
CA MET A 59 3.18 -4.55 -4.21
C MET A 59 3.00 -4.80 -5.70
N HIS A 60 3.91 -4.26 -6.51
CA HIS A 60 3.90 -4.56 -7.94
C HIS A 60 4.28 -6.01 -8.16
N ASP A 61 5.22 -6.51 -7.37
CA ASP A 61 5.60 -7.92 -7.42
C ASP A 61 4.40 -8.81 -7.10
N LEU A 62 3.55 -8.31 -6.21
CA LEU A 62 2.36 -9.02 -5.79
C LEU A 62 1.29 -9.02 -6.89
N LEU A 63 1.23 -7.93 -7.65
CA LEU A 63 0.19 -7.75 -8.65
C LEU A 63 0.62 -8.25 -10.02
N ASP A 64 1.76 -7.78 -10.49
CA ASP A 64 2.23 -8.08 -11.84
C ASP A 64 2.50 -9.56 -12.01
N ASN A 65 3.06 -10.18 -10.98
CA ASN A 65 3.31 -11.61 -10.99
C ASN A 65 2.04 -12.37 -10.62
N LYS A 66 1.01 -11.61 -10.29
CA LYS A 66 -0.31 -12.16 -9.95
C LYS A 66 -0.21 -13.21 -8.85
N GLN A 67 0.07 -12.73 -7.65
CA GLN A 67 0.16 -13.59 -6.49
C GLN A 67 -1.12 -13.46 -5.67
N PRO A 68 -1.43 -14.44 -4.80
CA PRO A 68 -2.61 -14.38 -3.95
C PRO A 68 -2.61 -13.13 -3.09
N LEU A 69 -3.64 -12.30 -3.24
CA LEU A 69 -3.74 -11.07 -2.49
C LEU A 69 -4.03 -11.38 -1.02
N PRO A 70 -3.40 -10.62 -0.11
CA PRO A 70 -3.58 -10.80 1.33
C PRO A 70 -5.05 -10.82 1.75
N GLY A 71 -5.87 -10.00 1.09
CA GLY A 71 -7.30 -9.98 1.37
C GLY A 71 -7.66 -9.04 2.50
N ALA A 72 -6.67 -8.32 2.99
CA ALA A 72 -6.84 -7.41 4.10
C ALA A 72 -5.63 -6.50 4.21
N PHE A 73 -5.70 -5.39 3.50
CA PHE A 73 -4.62 -4.42 3.48
C PHE A 73 -5.11 -3.08 4.02
N ALA A 74 -6.10 -3.16 4.91
CA ALA A 74 -6.65 -1.97 5.54
C ALA A 74 -5.66 -1.38 6.55
N VAL A 75 -4.64 -0.70 6.04
CA VAL A 75 -3.66 -0.03 6.88
C VAL A 75 -4.09 1.39 7.17
N ALA A 76 -5.29 1.73 6.73
CA ALA A 76 -5.85 3.06 6.93
C ALA A 76 -6.02 3.41 8.42
N PRO A 77 -6.54 2.49 9.26
CA PRO A 77 -6.60 2.71 10.72
C PRO A 77 -5.24 3.11 11.30
N TYR A 78 -4.19 2.40 10.89
CA TYR A 78 -2.84 2.74 11.30
C TYR A 78 -2.41 4.08 10.71
N TYR A 79 -2.75 4.29 9.45
CA TYR A 79 -2.39 5.51 8.74
C TYR A 79 -3.09 6.73 9.32
N GLU A 80 -4.24 6.51 9.93
CA GLU A 80 -4.96 7.56 10.63
C GLU A 80 -4.08 8.17 11.71
N MET A 81 -3.34 7.31 12.41
CA MET A 81 -2.41 7.75 13.43
C MET A 81 -1.14 8.30 12.79
N ALA A 82 -0.66 7.58 11.78
CA ALA A 82 0.59 7.94 11.11
C ALA A 82 0.52 9.32 10.47
N LEU A 83 -0.61 9.63 9.85
CA LEU A 83 -0.79 10.90 9.18
C LEU A 83 -1.18 11.99 10.17
N ALA A 84 -1.57 11.57 11.37
CA ALA A 84 -2.00 12.49 12.44
C ALA A 84 -3.22 13.31 12.02
N THR A 85 -3.63 14.25 12.86
CA THR A 85 -4.76 15.10 12.55
C THR A 85 -4.29 16.43 11.97
N ASP A 86 -2.99 16.67 12.08
CA ASP A 86 -2.38 17.90 11.60
C ASP A 86 -2.41 17.99 10.08
N HIS A 87 -2.71 16.88 9.44
CA HIS A 87 -2.77 16.82 7.99
C HIS A 87 -4.17 16.40 7.54
N PRO A 88 -5.12 17.34 7.47
CA PRO A 88 -6.52 17.06 7.11
C PRO A 88 -6.69 16.36 5.76
N GLN A 89 -5.71 16.53 4.87
CA GLN A 89 -5.75 15.88 3.57
C GLN A 89 -5.44 14.38 3.68
N ARG A 90 -5.29 13.90 4.92
CA ARG A 90 -5.01 12.49 5.16
C ARG A 90 -6.14 11.61 4.62
N ALA A 91 -7.36 12.16 4.62
CA ALA A 91 -8.53 11.43 4.15
C ALA A 91 -8.39 11.01 2.70
N LEU A 92 -7.63 11.79 1.92
CA LEU A 92 -7.40 11.48 0.51
C LEU A 92 -6.60 10.19 0.38
N ILE A 93 -5.56 10.07 1.20
CA ILE A 93 -4.71 8.89 1.19
C ILE A 93 -5.44 7.71 1.80
N LEU A 94 -6.19 7.97 2.86
CA LEU A 94 -6.98 6.95 3.54
C LEU A 94 -8.02 6.36 2.60
N ALA A 95 -8.72 7.23 1.87
CA ALA A 95 -9.73 6.80 0.93
C ALA A 95 -9.13 5.88 -0.14
N GLU A 96 -7.97 6.28 -0.66
CA GLU A 96 -7.30 5.49 -1.68
C GLU A 96 -6.88 4.14 -1.14
N LEU A 97 -6.38 4.13 0.10
CA LEU A 97 -5.98 2.89 0.75
C LEU A 97 -7.17 1.96 0.97
N GLU A 98 -8.34 2.54 1.28
CA GLU A 98 -9.55 1.74 1.43
C GLU A 98 -9.99 1.15 0.10
N LYS A 99 -9.88 1.94 -0.98
CA LYS A 99 -10.15 1.42 -2.32
C LYS A 99 -9.20 0.27 -2.61
N LEU A 100 -7.94 0.45 -2.26
CA LEU A 100 -6.92 -0.55 -2.46
C LEU A 100 -7.28 -1.84 -1.73
N ASP A 101 -7.59 -1.72 -0.45
CA ASP A 101 -7.96 -2.87 0.39
C ASP A 101 -9.18 -3.60 -0.19
N ALA A 102 -10.17 -2.84 -0.66
CA ALA A 102 -11.37 -3.41 -1.23
C ALA A 102 -11.05 -4.28 -2.44
N LEU A 103 -9.94 -3.96 -3.10
CA LEU A 103 -9.49 -4.74 -4.24
C LEU A 103 -8.77 -6.01 -3.77
N PHE A 104 -8.05 -5.91 -2.67
CA PHE A 104 -7.39 -7.08 -2.09
C PHE A 104 -8.43 -8.08 -1.61
N ALA A 105 -9.58 -7.58 -1.19
CA ALA A 105 -10.67 -8.43 -0.72
C ALA A 105 -11.40 -9.09 -1.88
N ASP A 106 -11.07 -8.67 -3.11
CA ASP A 106 -11.70 -9.24 -4.30
C ASP A 106 -10.97 -10.51 -4.71
N ASP A 107 -9.72 -10.65 -4.28
CA ASP A 107 -8.93 -11.86 -4.52
C ASP A 107 -8.90 -12.72 -3.27
N ALA A 108 -9.93 -12.56 -2.45
CA ALA A 108 -10.01 -13.29 -1.18
C ALA A 108 -10.35 -14.75 -1.41
N SER A 109 -10.05 -15.58 -0.43
CA SER A 109 -10.27 -17.02 -0.53
C SER A 109 -11.73 -17.38 -0.26
N LEU A 110 -12.65 -16.60 -0.80
CA LEU A 110 -14.06 -16.78 -0.50
C LEU A 110 -14.88 -17.01 -1.77
N GLU A 111 -14.22 -17.07 -2.92
CA GLU A 111 -14.94 -17.24 -4.19
C GLU A 111 -14.76 -18.64 -4.75
N HIS A 112 -13.53 -19.02 -5.04
CA HIS A 112 -13.26 -20.25 -5.76
C HIS A 112 -13.37 -21.45 -4.84
N HIS A 113 -14.50 -22.16 -4.92
CA HIS A 113 -14.76 -23.29 -4.04
C HIS A 113 -14.17 -24.58 -4.59
N HIS A 114 -13.71 -24.55 -5.84
CA HIS A 114 -12.98 -25.68 -6.39
C HIS A 114 -11.54 -25.58 -5.93
N HIS A 115 -11.24 -24.45 -5.30
CA HIS A 115 -9.97 -24.22 -4.63
C HIS A 115 -10.29 -23.75 -3.22
N HIS A 116 -9.33 -23.09 -2.59
CA HIS A 116 -9.60 -22.39 -1.35
C HIS A 116 -9.04 -20.98 -1.45
N HIS A 117 -9.38 -20.32 -2.54
CA HIS A 117 -8.96 -18.96 -2.81
C HIS A 117 -9.72 -18.42 -4.03
N MET A 1 -6.58 -8.05 -17.48
CA MET A 1 -7.75 -7.34 -16.92
C MET A 1 -8.39 -8.15 -15.81
N THR A 2 -8.05 -7.85 -14.58
CA THR A 2 -8.59 -8.54 -13.41
C THR A 2 -8.70 -7.57 -12.25
N THR A 3 -9.18 -8.05 -11.12
CA THR A 3 -9.14 -7.27 -9.89
C THR A 3 -7.70 -6.97 -9.52
N HIS A 4 -6.83 -7.97 -9.70
CA HIS A 4 -5.39 -7.80 -9.51
C HIS A 4 -4.88 -6.64 -10.35
N ASP A 5 -5.31 -6.64 -11.61
CA ASP A 5 -4.92 -5.59 -12.56
C ASP A 5 -5.37 -4.22 -12.08
N ARG A 6 -6.59 -4.15 -11.56
CA ARG A 6 -7.12 -2.89 -11.05
C ARG A 6 -6.37 -2.42 -9.81
N VAL A 7 -5.86 -3.37 -9.02
CA VAL A 7 -5.01 -3.03 -7.89
C VAL A 7 -3.69 -2.45 -8.39
N ARG A 8 -3.21 -2.99 -9.50
CA ARG A 8 -2.01 -2.50 -10.15
C ARG A 8 -2.24 -1.06 -10.63
N LEU A 9 -3.41 -0.84 -11.21
CA LEU A 9 -3.82 0.49 -11.64
C LEU A 9 -3.97 1.42 -10.44
N GLN A 10 -4.42 0.86 -9.33
CA GLN A 10 -4.58 1.61 -8.09
C GLN A 10 -3.22 2.07 -7.57
N LEU A 11 -2.21 1.22 -7.71
CA LEU A 11 -0.85 1.59 -7.33
C LEU A 11 -0.39 2.80 -8.13
N GLN A 12 -0.71 2.77 -9.42
CA GLN A 12 -0.38 3.88 -10.32
C GLN A 12 -1.17 5.13 -9.96
N ALA A 13 -2.44 4.94 -9.60
CA ALA A 13 -3.32 6.03 -9.20
C ALA A 13 -2.86 6.66 -7.89
N LEU A 14 -2.47 5.80 -6.95
CA LEU A 14 -1.96 6.25 -5.66
C LEU A 14 -0.67 7.05 -5.85
N GLU A 15 0.16 6.57 -6.77
CA GLU A 15 1.39 7.26 -7.13
C GLU A 15 1.11 8.68 -7.60
N ALA A 16 0.14 8.81 -8.51
CA ALA A 16 -0.23 10.12 -9.03
C ALA A 16 -0.81 11.00 -7.94
N LEU A 17 -1.58 10.40 -7.04
CA LEU A 17 -2.14 11.12 -5.92
C LEU A 17 -1.04 11.66 -5.01
N LEU A 18 -0.10 10.79 -4.64
CA LEU A 18 1.03 11.19 -3.81
C LEU A 18 1.86 12.25 -4.54
N ARG A 19 2.01 12.06 -5.85
CA ARG A 19 2.68 13.04 -6.70
C ARG A 19 2.08 14.43 -6.51
N GLU A 20 0.77 14.55 -6.73
CA GLU A 20 0.09 15.84 -6.67
C GLU A 20 0.11 16.40 -5.25
N HIS A 21 -0.03 15.52 -4.25
CA HIS A 21 -0.03 15.96 -2.86
C HIS A 21 1.38 16.13 -2.32
N GLN A 22 2.35 16.16 -3.23
CA GLN A 22 3.76 16.41 -2.88
C GLN A 22 4.29 15.42 -1.85
N HIS A 23 3.83 14.19 -1.93
CA HIS A 23 4.30 13.13 -1.05
C HIS A 23 4.93 12.02 -1.87
N TRP A 24 5.41 12.40 -3.04
CA TRP A 24 6.11 11.47 -3.91
C TRP A 24 7.57 11.88 -4.02
N ARG A 25 8.41 11.25 -3.22
CA ARG A 25 9.80 11.64 -3.13
C ARG A 25 10.71 10.47 -3.51
N ASN A 26 11.97 10.79 -3.76
CA ASN A 26 12.98 9.77 -3.99
C ASN A 26 14.12 10.00 -3.01
N ASP A 27 14.02 9.36 -1.85
CA ASP A 27 15.00 9.54 -0.79
C ASP A 27 16.11 8.51 -0.96
N GLU A 28 17.14 8.63 -0.13
CA GLU A 28 18.25 7.70 -0.15
C GLU A 28 18.38 7.06 1.24
N PRO A 29 17.50 6.11 1.55
CA PRO A 29 17.41 5.53 2.89
C PRO A 29 18.68 4.79 3.29
N GLN A 30 19.04 4.92 4.55
CA GLN A 30 20.20 4.23 5.08
C GLN A 30 19.82 2.77 5.34
N PRO A 31 20.77 1.84 5.15
CA PRO A 31 20.51 0.40 5.22
C PRO A 31 19.68 -0.01 6.43
N HIS A 32 20.03 0.52 7.59
CA HIS A 32 19.39 0.11 8.84
C HIS A 32 17.89 0.44 8.83
N GLN A 33 17.50 1.49 8.11
CA GLN A 33 16.09 1.85 7.95
C GLN A 33 15.32 0.69 7.34
N PHE A 34 15.90 0.11 6.30
CA PHE A 34 15.26 -0.96 5.55
C PHE A 34 15.52 -2.32 6.19
N ASN A 35 16.74 -2.50 6.73
CA ASN A 35 17.15 -3.78 7.30
C ASN A 35 16.38 -4.09 8.58
N SER A 36 15.56 -3.15 9.03
CA SER A 36 14.62 -3.45 10.10
C SER A 36 13.72 -4.59 9.67
N THR A 37 13.39 -4.59 8.37
CA THR A 37 12.59 -5.63 7.75
C THR A 37 11.21 -5.71 8.41
N GLN A 38 10.81 -4.61 9.04
CA GLN A 38 9.53 -4.51 9.69
C GLN A 38 8.50 -3.93 8.73
N PRO A 39 7.34 -4.58 8.61
CA PRO A 39 6.21 -4.02 7.88
C PRO A 39 5.92 -2.59 8.33
N PHE A 40 5.70 -1.71 7.36
CA PHE A 40 5.38 -0.29 7.63
C PHE A 40 6.56 0.44 8.26
N PHE A 41 7.69 -0.25 8.38
CA PHE A 41 8.83 0.26 9.15
C PHE A 41 8.41 0.61 10.56
N MET A 42 7.52 -0.21 11.14
CA MET A 42 7.03 0.01 12.51
C MET A 42 8.18 -0.03 13.52
N ASP A 43 9.30 -0.61 13.11
CA ASP A 43 10.48 -0.68 13.97
C ASP A 43 11.29 0.60 13.87
N THR A 44 11.68 0.96 12.65
CA THR A 44 12.50 2.13 12.40
C THR A 44 11.68 3.42 12.39
N MET A 45 10.36 3.28 12.47
CA MET A 45 9.44 4.39 12.66
C MET A 45 9.40 5.30 11.43
N GLU A 46 9.42 4.71 10.24
CA GLU A 46 9.41 5.49 9.02
C GLU A 46 8.20 5.16 8.14
N PRO A 47 7.07 5.86 8.37
CA PRO A 47 5.88 5.72 7.54
C PRO A 47 6.06 6.43 6.21
N LEU A 48 5.17 6.14 5.24
CA LEU A 48 5.21 6.74 3.90
C LEU A 48 6.38 6.20 3.08
N GLU A 49 7.58 6.25 3.66
CA GLU A 49 8.79 5.76 3.01
C GLU A 49 8.63 4.31 2.60
N TRP A 50 8.12 3.50 3.52
CA TRP A 50 7.85 2.09 3.24
C TRP A 50 6.87 1.94 2.08
N LEU A 51 5.90 2.84 2.01
CA LEU A 51 4.91 2.82 0.94
C LEU A 51 5.56 3.16 -0.40
N GLN A 52 6.31 4.24 -0.41
CA GLN A 52 6.91 4.77 -1.64
C GLN A 52 7.92 3.81 -2.25
N TRP A 53 8.92 3.42 -1.45
CA TRP A 53 10.05 2.69 -1.99
C TRP A 53 9.85 1.18 -1.94
N VAL A 54 9.04 0.70 -1.00
CA VAL A 54 8.90 -0.74 -0.81
C VAL A 54 7.53 -1.26 -1.24
N LEU A 55 6.47 -0.80 -0.57
CA LEU A 55 5.14 -1.38 -0.72
C LEU A 55 4.65 -1.33 -2.16
N ILE A 56 4.62 -0.14 -2.75
CA ILE A 56 4.11 0.01 -4.11
C ILE A 56 4.88 -0.86 -5.11
N PRO A 57 6.23 -0.76 -5.19
CA PRO A 57 7.02 -1.63 -6.07
C PRO A 57 6.80 -3.11 -5.78
N ARG A 58 6.74 -3.47 -4.50
CA ARG A 58 6.54 -4.85 -4.09
C ARG A 58 5.19 -5.38 -4.56
N MET A 59 4.16 -4.55 -4.39
CA MET A 59 2.81 -4.93 -4.79
C MET A 59 2.72 -5.14 -6.29
N HIS A 60 3.55 -4.43 -7.04
CA HIS A 60 3.62 -4.63 -8.49
C HIS A 60 3.99 -6.07 -8.79
N ASP A 61 5.11 -6.53 -8.23
CA ASP A 61 5.56 -7.91 -8.43
C ASP A 61 4.51 -8.91 -7.92
N LEU A 62 3.86 -8.57 -6.82
CA LEU A 62 2.81 -9.41 -6.26
C LEU A 62 1.66 -9.56 -7.25
N LEU A 63 1.22 -8.44 -7.79
CA LEU A 63 0.07 -8.41 -8.71
C LEU A 63 0.43 -8.99 -10.07
N ASP A 64 1.67 -8.77 -10.51
CA ASP A 64 2.16 -9.32 -11.77
C ASP A 64 2.20 -10.85 -11.71
N ASN A 65 2.32 -11.38 -10.49
CA ASN A 65 2.28 -12.82 -10.28
C ASN A 65 0.88 -13.24 -9.87
N LYS A 66 -0.04 -12.28 -9.89
CA LYS A 66 -1.44 -12.47 -9.51
C LYS A 66 -1.57 -12.73 -8.01
N GLN A 67 -1.25 -13.94 -7.59
CA GLN A 67 -1.33 -14.35 -6.17
C GLN A 67 -2.78 -14.35 -5.68
N PRO A 68 -3.05 -15.02 -4.54
CA PRO A 68 -4.38 -15.03 -3.93
C PRO A 68 -4.70 -13.70 -3.24
N LEU A 69 -3.65 -12.90 -3.05
CA LEU A 69 -3.75 -11.60 -2.36
C LEU A 69 -4.02 -11.76 -0.88
N PRO A 70 -3.33 -10.97 -0.05
CA PRO A 70 -3.56 -10.92 1.39
C PRO A 70 -4.88 -10.20 1.70
N GLY A 71 -5.90 -10.97 2.03
CA GLY A 71 -7.25 -10.41 2.16
C GLY A 71 -7.43 -9.58 3.41
N ALA A 72 -6.52 -9.73 4.36
CA ALA A 72 -6.62 -9.00 5.62
C ALA A 72 -5.52 -7.95 5.72
N PHE A 73 -5.04 -7.50 4.58
CA PHE A 73 -4.01 -6.47 4.54
C PHE A 73 -4.67 -5.10 4.39
N ALA A 74 -4.37 -4.21 5.33
CA ALA A 74 -4.93 -2.86 5.31
C ALA A 74 -3.89 -1.83 5.76
N VAL A 75 -3.68 -0.81 4.94
CA VAL A 75 -2.70 0.23 5.26
C VAL A 75 -3.36 1.51 5.76
N ALA A 76 -4.59 1.75 5.32
CA ALA A 76 -5.30 2.99 5.66
C ALA A 76 -5.41 3.21 7.18
N PRO A 77 -5.89 2.21 7.96
CA PRO A 77 -6.02 2.36 9.42
C PRO A 77 -4.69 2.71 10.09
N TYR A 78 -3.59 2.28 9.50
CA TYR A 78 -2.27 2.56 10.04
C TYR A 78 -1.87 4.00 9.73
N TYR A 79 -2.11 4.43 8.50
CA TYR A 79 -1.71 5.76 8.06
C TYR A 79 -2.61 6.84 8.65
N GLU A 80 -3.76 6.44 9.20
CA GLU A 80 -4.62 7.40 9.89
C GLU A 80 -3.97 7.84 11.20
N MET A 81 -3.02 7.04 11.66
CA MET A 81 -2.29 7.36 12.89
C MET A 81 -0.93 7.95 12.54
N ALA A 82 -0.34 7.45 11.45
CA ALA A 82 1.01 7.83 11.05
C ALA A 82 1.03 9.17 10.34
N LEU A 83 -0.08 9.55 9.72
CA LEU A 83 -0.15 10.80 8.99
C LEU A 83 -0.83 11.87 9.84
N ALA A 84 -0.46 13.13 9.58
CA ALA A 84 -0.97 14.29 10.33
C ALA A 84 -2.47 14.22 10.56
N THR A 85 -2.85 14.10 11.82
CA THR A 85 -4.25 13.96 12.20
C THR A 85 -5.00 15.27 12.03
N ASP A 86 -4.30 16.38 12.21
CA ASP A 86 -4.90 17.71 12.15
C ASP A 86 -4.85 18.28 10.74
N HIS A 87 -4.75 17.41 9.76
CA HIS A 87 -4.72 17.85 8.37
C HIS A 87 -5.84 17.17 7.58
N PRO A 88 -7.04 17.76 7.60
CA PRO A 88 -8.25 17.19 6.95
C PRO A 88 -8.05 16.76 5.50
N GLN A 89 -7.10 17.38 4.80
CA GLN A 89 -6.84 17.02 3.40
C GLN A 89 -6.26 15.61 3.28
N ARG A 90 -5.94 15.00 4.42
CA ARG A 90 -5.41 13.63 4.44
C ARG A 90 -6.50 12.65 4.04
N ALA A 91 -7.75 13.07 4.17
CA ALA A 91 -8.90 12.22 3.85
C ALA A 91 -8.83 11.70 2.43
N LEU A 92 -8.30 12.53 1.52
CA LEU A 92 -8.15 12.16 0.12
C LEU A 92 -7.19 10.99 -0.03
N ILE A 93 -6.13 11.02 0.76
CA ILE A 93 -5.11 9.96 0.72
C ILE A 93 -5.63 8.71 1.40
N LEU A 94 -6.26 8.88 2.56
CA LEU A 94 -6.81 7.76 3.31
C LEU A 94 -7.91 7.07 2.51
N ALA A 95 -8.73 7.85 1.82
CA ALA A 95 -9.79 7.30 0.97
C ALA A 95 -9.20 6.42 -0.12
N GLU A 96 -8.15 6.91 -0.77
CA GLU A 96 -7.48 6.17 -1.82
C GLU A 96 -6.87 4.88 -1.23
N LEU A 97 -6.33 4.99 -0.02
CA LEU A 97 -5.76 3.84 0.68
C LEU A 97 -6.83 2.80 1.02
N GLU A 98 -7.93 3.26 1.61
CA GLU A 98 -9.05 2.37 1.94
C GLU A 98 -9.57 1.68 0.69
N LYS A 99 -9.60 2.42 -0.40
CA LYS A 99 -10.02 1.90 -1.69
C LYS A 99 -9.10 0.77 -2.14
N LEU A 100 -7.81 0.92 -1.83
CA LEU A 100 -6.82 -0.12 -2.11
C LEU A 100 -7.03 -1.32 -1.18
N ASP A 101 -7.15 -1.05 0.12
CA ASP A 101 -7.37 -2.09 1.12
C ASP A 101 -8.59 -2.93 0.76
N ALA A 102 -9.63 -2.26 0.26
CA ALA A 102 -10.85 -2.94 -0.15
C ALA A 102 -10.59 -3.88 -1.33
N LEU A 103 -9.67 -3.49 -2.20
CA LEU A 103 -9.33 -4.30 -3.37
C LEU A 103 -8.70 -5.63 -2.95
N PHE A 104 -7.92 -5.61 -1.87
CA PHE A 104 -7.31 -6.82 -1.34
C PHE A 104 -8.38 -7.86 -0.96
N ALA A 105 -9.54 -7.38 -0.54
CA ALA A 105 -10.63 -8.27 -0.16
C ALA A 105 -11.67 -8.37 -1.27
N ASP A 106 -11.43 -7.66 -2.37
CA ASP A 106 -12.36 -7.63 -3.49
C ASP A 106 -12.03 -8.76 -4.47
N ASP A 107 -10.76 -9.14 -4.51
CA ASP A 107 -10.31 -10.25 -5.34
C ASP A 107 -10.69 -11.57 -4.66
N ALA A 108 -10.22 -12.68 -5.18
CA ALA A 108 -10.58 -13.99 -4.65
C ALA A 108 -9.49 -14.51 -3.72
N SER A 109 -9.64 -14.27 -2.43
CA SER A 109 -8.67 -14.70 -1.45
C SER A 109 -9.21 -15.89 -0.68
N LEU A 110 -8.33 -16.84 -0.36
CA LEU A 110 -8.73 -18.04 0.35
C LEU A 110 -9.08 -17.72 1.79
N GLU A 111 -8.59 -16.58 2.27
CA GLU A 111 -8.82 -16.13 3.63
C GLU A 111 -10.31 -15.85 3.87
N HIS A 112 -11.04 -15.59 2.80
CA HIS A 112 -12.48 -15.34 2.90
C HIS A 112 -13.24 -16.66 3.03
N HIS A 113 -12.54 -17.77 2.77
CA HIS A 113 -13.12 -19.11 2.81
C HIS A 113 -14.17 -19.28 1.72
N HIS A 114 -13.75 -19.81 0.59
CA HIS A 114 -14.63 -20.03 -0.55
C HIS A 114 -14.00 -21.10 -1.45
N HIS A 115 -14.82 -21.78 -2.24
CA HIS A 115 -14.32 -22.80 -3.13
C HIS A 115 -14.82 -22.56 -4.55
N HIS A 116 -14.12 -23.10 -5.52
CA HIS A 116 -14.58 -23.04 -6.90
C HIS A 116 -15.68 -24.06 -7.10
N HIS A 117 -15.55 -25.17 -6.40
CA HIS A 117 -16.57 -26.18 -6.34
C HIS A 117 -16.34 -27.05 -5.11
N MET A 1 -7.20 -8.47 -17.88
CA MET A 1 -7.54 -7.57 -16.76
C MET A 1 -8.19 -8.34 -15.63
N THR A 2 -7.48 -8.44 -14.52
CA THR A 2 -8.01 -9.08 -13.32
C THR A 2 -8.13 -8.07 -12.19
N THR A 3 -8.58 -8.52 -11.03
CA THR A 3 -8.63 -7.67 -9.85
C THR A 3 -7.23 -7.19 -9.48
N HIS A 4 -6.25 -8.04 -9.76
CA HIS A 4 -4.85 -7.71 -9.48
C HIS A 4 -4.42 -6.50 -10.29
N ASP A 5 -4.89 -6.44 -11.52
CA ASP A 5 -4.57 -5.32 -12.40
C ASP A 5 -5.19 -4.04 -11.89
N ARG A 6 -6.39 -4.15 -11.34
CA ARG A 6 -7.09 -3.01 -10.75
C ARG A 6 -6.27 -2.45 -9.58
N VAL A 7 -5.63 -3.34 -8.85
CA VAL A 7 -4.76 -2.96 -7.75
C VAL A 7 -3.51 -2.27 -8.27
N ARG A 8 -2.95 -2.81 -9.35
CA ARG A 8 -1.78 -2.22 -9.99
C ARG A 8 -2.07 -0.80 -10.44
N LEU A 9 -3.24 -0.60 -11.04
CA LEU A 9 -3.68 0.73 -11.45
C LEU A 9 -3.88 1.63 -10.24
N GLN A 10 -4.33 1.04 -9.14
CA GLN A 10 -4.57 1.79 -7.90
C GLN A 10 -3.24 2.22 -7.27
N LEU A 11 -2.22 1.39 -7.44
CA LEU A 11 -0.88 1.76 -6.99
C LEU A 11 -0.39 2.98 -7.75
N GLN A 12 -0.73 3.03 -9.03
CA GLN A 12 -0.37 4.15 -9.90
C GLN A 12 -1.25 5.36 -9.58
N ALA A 13 -2.36 5.12 -8.88
CA ALA A 13 -3.20 6.21 -8.39
C ALA A 13 -2.54 6.86 -7.18
N LEU A 14 -1.98 6.02 -6.32
CA LEU A 14 -1.19 6.50 -5.19
C LEU A 14 0.03 7.26 -5.71
N GLU A 15 0.64 6.69 -6.74
CA GLU A 15 1.76 7.31 -7.44
C GLU A 15 1.39 8.71 -7.92
N ALA A 16 0.24 8.82 -8.56
CA ALA A 16 -0.25 10.10 -9.05
C ALA A 16 -0.44 11.08 -7.88
N LEU A 17 -0.98 10.58 -6.78
CA LEU A 17 -1.19 11.40 -5.59
C LEU A 17 0.14 11.90 -5.04
N LEU A 18 1.14 11.02 -5.05
CA LEU A 18 2.46 11.35 -4.54
C LEU A 18 3.25 12.15 -5.57
N ARG A 19 2.66 12.37 -6.73
CA ARG A 19 3.19 13.34 -7.67
C ARG A 19 2.50 14.68 -7.46
N GLU A 20 1.18 14.62 -7.25
CA GLU A 20 0.39 15.80 -6.93
C GLU A 20 0.92 16.49 -5.68
N HIS A 21 0.88 15.76 -4.57
CA HIS A 21 1.28 16.32 -3.28
C HIS A 21 2.75 16.02 -3.01
N GLN A 22 3.39 15.40 -4.00
CA GLN A 22 4.80 15.03 -3.92
C GLN A 22 5.07 14.14 -2.70
N HIS A 23 6.18 14.39 -2.01
CA HIS A 23 6.64 13.56 -0.88
C HIS A 23 7.35 12.30 -1.38
N TRP A 24 6.98 11.83 -2.56
CA TRP A 24 7.57 10.63 -3.15
C TRP A 24 9.09 10.75 -3.24
N ARG A 25 9.78 10.05 -2.35
CA ARG A 25 11.22 10.03 -2.35
C ARG A 25 11.75 9.20 -3.52
N ASN A 26 12.59 9.82 -4.32
CA ASN A 26 13.21 9.15 -5.46
C ASN A 26 14.64 8.77 -5.11
N ASP A 27 14.93 8.79 -3.82
CA ASP A 27 16.27 8.48 -3.32
C ASP A 27 16.19 7.52 -2.16
N GLU A 28 17.04 6.50 -2.18
CA GLU A 28 17.12 5.55 -1.09
C GLU A 28 18.19 5.98 -0.10
N PRO A 29 17.77 6.46 1.08
CA PRO A 29 18.69 6.97 2.10
C PRO A 29 19.66 5.91 2.60
N GLN A 30 19.11 4.84 3.17
CA GLN A 30 19.93 3.78 3.74
C GLN A 30 19.35 2.42 3.42
N PRO A 31 20.21 1.44 3.08
CA PRO A 31 19.81 0.04 2.96
C PRO A 31 19.50 -0.55 4.32
N HIS A 32 20.11 0.05 5.34
CA HIS A 32 19.93 -0.38 6.73
C HIS A 32 18.51 -0.08 7.21
N GLN A 33 17.85 0.85 6.54
CA GLN A 33 16.46 1.19 6.86
C GLN A 33 15.55 0.00 6.60
N PHE A 34 16.03 -0.94 5.80
CA PHE A 34 15.28 -2.14 5.47
C PHE A 34 15.78 -3.34 6.26
N ASN A 35 16.93 -3.18 6.93
CA ASN A 35 17.54 -4.27 7.67
C ASN A 35 16.79 -4.53 8.97
N SER A 36 16.03 -3.54 9.41
CA SER A 36 15.16 -3.73 10.55
C SER A 36 14.14 -4.81 10.21
N THR A 37 13.79 -4.88 8.93
CA THR A 37 12.89 -5.88 8.40
C THR A 37 11.60 -5.92 9.21
N GLN A 38 10.89 -4.80 9.17
CA GLN A 38 9.64 -4.63 9.89
C GLN A 38 8.49 -4.49 8.91
N PRO A 39 7.25 -4.74 9.33
CA PRO A 39 6.07 -4.67 8.45
C PRO A 39 5.96 -3.33 7.73
N PHE A 40 6.17 -2.25 8.47
CA PHE A 40 6.07 -0.90 7.91
C PHE A 40 7.39 -0.15 8.06
N PHE A 41 8.38 -0.82 8.68
CA PHE A 41 9.67 -0.19 9.00
C PHE A 41 9.44 1.10 9.78
N MET A 42 8.42 1.07 10.65
CA MET A 42 7.93 2.28 11.33
C MET A 42 8.93 2.83 12.34
N ASP A 43 10.06 2.15 12.52
CA ASP A 43 11.08 2.60 13.45
C ASP A 43 12.26 3.20 12.69
N THR A 44 12.75 2.48 11.70
CA THR A 44 13.88 2.95 10.90
C THR A 44 13.46 4.07 9.96
N MET A 45 12.24 4.02 9.47
CA MET A 45 11.70 5.05 8.60
C MET A 45 10.36 5.53 9.15
N GLU A 46 9.76 6.49 8.47
CA GLU A 46 8.42 6.92 8.81
C GLU A 46 7.41 6.00 8.12
N PRO A 47 6.24 5.78 8.72
CA PRO A 47 5.18 4.98 8.10
C PRO A 47 4.80 5.49 6.70
N LEU A 48 4.93 6.80 6.51
CA LEU A 48 4.66 7.41 5.22
C LEU A 48 5.73 7.03 4.19
N GLU A 49 6.92 6.72 4.69
CA GLU A 49 8.04 6.35 3.83
C GLU A 49 7.86 4.93 3.31
N TRP A 50 7.07 4.14 4.03
CA TRP A 50 6.81 2.76 3.63
C TRP A 50 6.04 2.71 2.31
N LEU A 51 5.11 3.64 2.15
CA LEU A 51 4.37 3.78 0.90
C LEU A 51 5.31 4.16 -0.23
N GLN A 52 6.32 4.94 0.10
CA GLN A 52 7.25 5.47 -0.89
C GLN A 52 8.36 4.48 -1.19
N TRP A 53 8.34 3.96 -2.41
CA TRP A 53 9.42 3.13 -2.95
C TRP A 53 9.40 1.70 -2.37
N VAL A 54 8.55 1.45 -1.38
CA VAL A 54 8.43 0.10 -0.85
C VAL A 54 7.09 -0.52 -1.23
N LEU A 55 6.01 -0.06 -0.60
CA LEU A 55 4.68 -0.65 -0.78
C LEU A 55 4.30 -0.78 -2.26
N ILE A 56 4.33 0.34 -2.98
CA ILE A 56 3.92 0.33 -4.38
C ILE A 56 4.76 -0.65 -5.23
N PRO A 57 6.11 -0.52 -5.27
CA PRO A 57 6.97 -1.47 -6.01
C PRO A 57 6.82 -2.92 -5.53
N ARG A 58 6.77 -3.10 -4.20
CA ARG A 58 6.64 -4.42 -3.62
C ARG A 58 5.36 -5.12 -4.08
N MET A 59 4.27 -4.36 -4.13
CA MET A 59 3.00 -4.90 -4.59
C MET A 59 3.00 -5.08 -6.10
N HIS A 60 3.81 -4.28 -6.81
CA HIS A 60 3.98 -4.47 -8.24
C HIS A 60 4.48 -5.87 -8.52
N ASP A 61 5.41 -6.33 -7.68
CA ASP A 61 5.95 -7.68 -7.77
C ASP A 61 4.86 -8.69 -7.48
N LEU A 62 4.16 -8.50 -6.37
CA LEU A 62 3.09 -9.40 -5.95
C LEU A 62 2.04 -9.55 -7.05
N LEU A 63 1.62 -8.44 -7.60
CA LEU A 63 0.59 -8.43 -8.64
C LEU A 63 1.10 -9.02 -9.93
N ASP A 64 2.36 -8.75 -10.26
CA ASP A 64 2.97 -9.28 -11.47
C ASP A 64 3.17 -10.79 -11.35
N ASN A 65 3.41 -11.24 -10.13
CA ASN A 65 3.50 -12.68 -9.84
C ASN A 65 2.11 -13.30 -9.84
N LYS A 66 1.09 -12.44 -9.87
CA LYS A 66 -0.31 -12.86 -9.94
C LYS A 66 -0.74 -13.61 -8.68
N GLN A 67 -0.12 -13.25 -7.56
CA GLN A 67 -0.43 -13.85 -6.28
C GLN A 67 -1.79 -13.39 -5.77
N PRO A 68 -2.55 -14.29 -5.12
CA PRO A 68 -3.81 -13.95 -4.48
C PRO A 68 -3.62 -12.89 -3.41
N LEU A 69 -4.54 -11.95 -3.35
CA LEU A 69 -4.39 -10.79 -2.48
C LEU A 69 -4.77 -11.11 -1.03
N PRO A 70 -4.10 -10.47 -0.07
CA PRO A 70 -4.51 -10.49 1.33
C PRO A 70 -5.88 -9.86 1.52
N GLY A 71 -6.80 -10.61 2.11
CA GLY A 71 -8.18 -10.17 2.20
C GLY A 71 -8.38 -9.07 3.22
N ALA A 72 -7.48 -8.98 4.18
CA ALA A 72 -7.57 -7.98 5.22
C ALA A 72 -6.31 -7.12 5.25
N PHE A 73 -6.07 -6.41 4.15
CA PHE A 73 -4.91 -5.53 4.04
C PHE A 73 -5.33 -4.07 4.26
N ALA A 74 -6.20 -3.85 5.23
CA ALA A 74 -6.64 -2.50 5.55
C ALA A 74 -5.57 -1.74 6.34
N VAL A 75 -4.73 -1.00 5.61
CA VAL A 75 -3.68 -0.22 6.23
C VAL A 75 -4.15 1.20 6.53
N ALA A 76 -5.39 1.50 6.15
CA ALA A 76 -5.98 2.81 6.38
C ALA A 76 -6.01 3.18 7.87
N PRO A 77 -6.56 2.31 8.76
CA PRO A 77 -6.59 2.59 10.20
C PRO A 77 -5.22 2.90 10.78
N TYR A 78 -4.20 2.24 10.24
CA TYR A 78 -2.84 2.45 10.69
C TYR A 78 -2.33 3.82 10.27
N TYR A 79 -2.53 4.16 9.00
CA TYR A 79 -2.06 5.44 8.47
C TYR A 79 -2.76 6.62 9.13
N GLU A 80 -4.00 6.43 9.55
CA GLU A 80 -4.72 7.49 10.25
C GLU A 80 -4.04 7.82 11.58
N MET A 81 -3.48 6.80 12.21
CA MET A 81 -2.75 7.00 13.46
C MET A 81 -1.35 7.52 13.17
N ALA A 82 -0.76 6.99 12.10
CA ALA A 82 0.60 7.35 11.72
C ALA A 82 0.69 8.81 11.26
N LEU A 83 -0.36 9.29 10.63
CA LEU A 83 -0.40 10.67 10.15
C LEU A 83 -1.11 11.56 11.16
N ALA A 84 -1.49 10.98 12.29
CA ALA A 84 -2.16 11.67 13.38
C ALA A 84 -3.56 12.15 12.99
N THR A 85 -4.23 12.82 13.92
CA THR A 85 -5.55 13.35 13.68
C THR A 85 -5.48 14.68 12.92
N ASP A 86 -4.25 15.15 12.73
CA ASP A 86 -4.00 16.39 12.01
C ASP A 86 -3.66 16.05 10.56
N HIS A 87 -3.11 17.03 9.83
CA HIS A 87 -2.75 16.85 8.42
C HIS A 87 -3.98 16.49 7.59
N PRO A 88 -4.75 17.51 7.15
CA PRO A 88 -6.02 17.32 6.40
C PRO A 88 -5.88 16.38 5.21
N GLN A 89 -4.72 16.40 4.56
CA GLN A 89 -4.47 15.57 3.38
C GLN A 89 -4.54 14.07 3.70
N ARG A 90 -4.53 13.74 5.00
CA ARG A 90 -4.57 12.34 5.42
C ARG A 90 -5.84 11.66 4.91
N ALA A 91 -6.93 12.45 4.83
CA ALA A 91 -8.21 11.92 4.40
C ALA A 91 -8.14 11.43 2.96
N LEU A 92 -7.39 12.14 2.14
CA LEU A 92 -7.22 11.77 0.74
C LEU A 92 -6.46 10.44 0.65
N ILE A 93 -5.49 10.27 1.53
CA ILE A 93 -4.70 9.05 1.57
C ILE A 93 -5.54 7.90 2.11
N LEU A 94 -6.29 8.16 3.17
CA LEU A 94 -7.14 7.16 3.79
C LEU A 94 -8.16 6.61 2.79
N ALA A 95 -8.87 7.50 2.14
CA ALA A 95 -9.88 7.11 1.15
C ALA A 95 -9.25 6.31 0.01
N GLU A 96 -8.05 6.71 -0.37
CA GLU A 96 -7.34 6.05 -1.44
C GLU A 96 -6.90 4.64 -1.01
N LEU A 97 -6.61 4.50 0.29
CA LEU A 97 -6.22 3.21 0.86
C LEU A 97 -7.43 2.31 1.04
N GLU A 98 -8.56 2.88 1.42
CA GLU A 98 -9.80 2.12 1.54
C GLU A 98 -10.22 1.59 0.17
N LYS A 99 -9.99 2.40 -0.85
CA LYS A 99 -10.24 2.01 -2.23
C LYS A 99 -9.35 0.84 -2.60
N LEU A 100 -8.12 0.87 -2.10
CA LEU A 100 -7.16 -0.19 -2.34
C LEU A 100 -7.59 -1.47 -1.62
N ASP A 101 -8.04 -1.32 -0.38
CA ASP A 101 -8.52 -2.45 0.42
C ASP A 101 -9.70 -3.14 -0.25
N ALA A 102 -10.57 -2.36 -0.87
CA ALA A 102 -11.74 -2.90 -1.57
C ALA A 102 -11.31 -3.79 -2.73
N LEU A 103 -10.09 -3.60 -3.20
CA LEU A 103 -9.55 -4.43 -4.26
C LEU A 103 -8.91 -5.68 -3.66
N PHE A 104 -8.21 -5.51 -2.54
CA PHE A 104 -7.58 -6.63 -1.85
C PHE A 104 -8.63 -7.61 -1.32
N ALA A 105 -9.71 -7.07 -0.78
CA ALA A 105 -10.77 -7.90 -0.22
C ALA A 105 -11.64 -8.50 -1.33
N ASP A 106 -11.34 -8.15 -2.57
CA ASP A 106 -12.08 -8.68 -3.71
C ASP A 106 -11.43 -9.97 -4.21
N ASP A 107 -10.10 -10.00 -4.16
CA ASP A 107 -9.36 -11.18 -4.56
C ASP A 107 -8.84 -11.90 -3.33
N ALA A 108 -9.68 -12.73 -2.74
CA ALA A 108 -9.32 -13.45 -1.53
C ALA A 108 -8.77 -14.84 -1.85
N SER A 109 -7.89 -15.32 -0.99
CA SER A 109 -7.32 -16.65 -1.15
C SER A 109 -8.04 -17.65 -0.26
N LEU A 110 -7.49 -18.85 -0.17
CA LEU A 110 -8.05 -19.91 0.68
C LEU A 110 -8.09 -19.48 2.14
N GLU A 111 -9.02 -20.06 2.89
CA GLU A 111 -9.18 -19.74 4.29
C GLU A 111 -8.08 -20.40 5.12
N HIS A 112 -7.55 -19.68 6.08
CA HIS A 112 -6.41 -20.14 6.87
C HIS A 112 -6.79 -20.36 8.33
N HIS A 113 -6.82 -21.64 8.72
CA HIS A 113 -7.04 -22.06 10.12
C HIS A 113 -8.50 -21.83 10.56
N HIS A 114 -9.09 -20.74 10.10
CA HIS A 114 -10.52 -20.52 10.28
C HIS A 114 -11.28 -21.68 9.65
N HIS A 115 -12.20 -22.26 10.41
CA HIS A 115 -12.85 -23.50 10.01
C HIS A 115 -13.71 -23.32 8.77
N HIS A 116 -13.23 -23.90 7.69
CA HIS A 116 -13.90 -23.91 6.39
C HIS A 116 -13.04 -24.72 5.42
N HIS A 117 -11.74 -24.60 5.58
CA HIS A 117 -10.79 -25.33 4.77
C HIS A 117 -10.71 -26.78 5.24
N MET A 1 -7.79 -7.91 -16.33
CA MET A 1 -9.15 -7.47 -15.95
C MET A 1 -9.59 -8.15 -14.66
N THR A 2 -8.62 -8.41 -13.78
CA THR A 2 -8.90 -9.05 -12.51
C THR A 2 -8.67 -8.06 -11.37
N THR A 3 -8.80 -8.54 -10.14
CA THR A 3 -8.52 -7.69 -8.98
C THR A 3 -7.06 -7.28 -8.97
N HIS A 4 -6.20 -8.17 -9.47
CA HIS A 4 -4.77 -7.90 -9.55
C HIS A 4 -4.50 -6.64 -10.36
N ASP A 5 -5.23 -6.50 -11.46
CA ASP A 5 -5.08 -5.36 -12.34
C ASP A 5 -5.56 -4.09 -11.67
N ARG A 6 -6.71 -4.18 -10.99
CA ARG A 6 -7.27 -3.04 -10.28
C ARG A 6 -6.32 -2.57 -9.16
N VAL A 7 -5.72 -3.52 -8.45
CA VAL A 7 -4.74 -3.20 -7.42
C VAL A 7 -3.55 -2.46 -8.03
N ARG A 8 -3.08 -2.96 -9.17
CA ARG A 8 -1.97 -2.35 -9.89
C ARG A 8 -2.30 -0.91 -10.27
N LEU A 9 -3.51 -0.73 -10.80
CA LEU A 9 -3.96 0.59 -11.23
C LEU A 9 -4.09 1.54 -10.03
N GLN A 10 -4.50 1.00 -8.89
CA GLN A 10 -4.63 1.80 -7.68
C GLN A 10 -3.26 2.21 -7.15
N LEU A 11 -2.27 1.35 -7.36
CA LEU A 11 -0.89 1.69 -7.02
C LEU A 11 -0.45 2.90 -7.83
N GLN A 12 -0.92 2.97 -9.08
CA GLN A 12 -0.64 4.11 -9.94
C GLN A 12 -1.40 5.35 -9.47
N ALA A 13 -2.59 5.13 -8.92
CA ALA A 13 -3.41 6.22 -8.40
C ALA A 13 -2.72 6.87 -7.21
N LEU A 14 -2.27 6.05 -6.27
CA LEU A 14 -1.54 6.53 -5.11
C LEU A 14 -0.26 7.23 -5.57
N GLU A 15 0.42 6.62 -6.54
CA GLU A 15 1.63 7.17 -7.12
C GLU A 15 1.38 8.56 -7.70
N ALA A 16 0.31 8.68 -8.47
CA ALA A 16 -0.05 9.95 -9.08
C ALA A 16 -0.42 10.99 -8.03
N LEU A 17 -1.10 10.55 -6.98
CA LEU A 17 -1.47 11.44 -5.88
C LEU A 17 -0.20 11.97 -5.20
N LEU A 18 0.75 11.08 -4.99
CA LEU A 18 2.03 11.45 -4.38
C LEU A 18 2.74 12.47 -5.24
N ARG A 19 2.66 12.29 -6.56
CA ARG A 19 3.25 13.24 -7.50
C ARG A 19 2.61 14.63 -7.34
N GLU A 20 1.28 14.66 -7.39
CA GLU A 20 0.54 15.92 -7.31
C GLU A 20 0.86 16.68 -6.04
N HIS A 21 0.86 15.98 -4.92
CA HIS A 21 1.03 16.63 -3.62
C HIS A 21 2.50 16.62 -3.21
N GLN A 22 3.38 16.33 -4.17
CA GLN A 22 4.82 16.47 -4.01
C GLN A 22 5.38 15.64 -2.85
N HIS A 23 4.92 14.41 -2.74
CA HIS A 23 5.49 13.46 -1.79
C HIS A 23 6.19 12.35 -2.56
N TRP A 24 6.22 12.49 -3.86
CA TRP A 24 6.84 11.49 -4.73
C TRP A 24 8.27 11.91 -5.06
N ARG A 25 9.19 11.52 -4.20
CA ARG A 25 10.60 11.76 -4.45
C ARG A 25 11.22 10.56 -5.13
N ASN A 26 11.94 10.78 -6.21
CA ASN A 26 12.63 9.70 -6.90
C ASN A 26 14.00 9.52 -6.26
N ASP A 27 14.02 8.90 -5.09
CA ASP A 27 15.24 8.79 -4.31
C ASP A 27 15.38 7.37 -3.79
N GLU A 28 16.55 7.04 -3.25
CA GLU A 28 16.83 5.69 -2.79
C GLU A 28 16.99 5.67 -1.28
N PRO A 29 16.02 5.08 -0.56
CA PRO A 29 16.05 4.98 0.90
C PRO A 29 17.22 4.14 1.42
N GLN A 30 17.38 4.11 2.73
CA GLN A 30 18.54 3.44 3.34
C GLN A 30 18.23 1.97 3.59
N PRO A 31 19.23 1.09 3.35
CA PRO A 31 19.08 -0.36 3.51
C PRO A 31 18.73 -0.77 4.94
N HIS A 32 19.23 -0.02 5.92
CA HIS A 32 18.99 -0.33 7.33
C HIS A 32 17.51 -0.17 7.66
N GLN A 33 16.83 0.67 6.91
CA GLN A 33 15.41 0.91 7.10
C GLN A 33 14.61 -0.31 6.66
N PHE A 34 15.08 -0.96 5.60
CA PHE A 34 14.44 -2.18 5.11
C PHE A 34 14.82 -3.37 5.98
N ASN A 35 16.01 -3.29 6.55
CA ASN A 35 16.56 -4.37 7.37
C ASN A 35 15.80 -4.51 8.70
N SER A 36 14.93 -3.56 9.00
CA SER A 36 14.05 -3.69 10.14
C SER A 36 13.20 -4.95 9.98
N THR A 37 12.85 -5.23 8.72
CA THR A 37 12.16 -6.47 8.36
C THR A 37 10.82 -6.60 9.08
N GLN A 38 10.17 -5.47 9.33
CA GLN A 38 8.84 -5.46 9.90
C GLN A 38 7.85 -4.97 8.85
N PRO A 39 6.56 -5.37 8.95
CA PRO A 39 5.55 -5.11 7.90
C PRO A 39 5.51 -3.67 7.43
N PHE A 40 5.62 -2.74 8.37
CA PHE A 40 5.60 -1.31 8.06
C PHE A 40 6.90 -0.66 8.49
N PHE A 41 7.96 -1.47 8.63
CA PHE A 41 9.28 -1.00 9.07
C PHE A 41 9.18 -0.25 10.40
N MET A 42 8.23 -0.65 11.23
CA MET A 42 7.94 0.03 12.50
C MET A 42 9.20 0.23 13.34
N ASP A 43 10.16 -0.67 13.21
CA ASP A 43 11.38 -0.62 14.01
C ASP A 43 12.22 0.59 13.64
N THR A 44 12.22 0.95 12.37
CA THR A 44 12.93 2.13 11.90
C THR A 44 11.94 3.25 11.60
N MET A 45 10.69 3.03 12.03
CA MET A 45 9.56 3.93 11.81
C MET A 45 8.92 3.71 10.44
N GLU A 46 9.40 4.44 9.44
CA GLU A 46 8.87 4.39 8.07
C GLU A 46 7.34 4.25 8.00
N PRO A 47 6.57 5.15 8.65
CA PRO A 47 5.11 5.07 8.63
C PRO A 47 4.51 5.53 7.30
N LEU A 48 4.82 6.76 6.90
CA LEU A 48 4.23 7.35 5.70
C LEU A 48 5.10 7.07 4.47
N GLU A 49 6.42 7.10 4.68
CA GLU A 49 7.36 6.90 3.60
C GLU A 49 7.46 5.42 3.21
N TRP A 50 6.60 4.62 3.82
CA TRP A 50 6.50 3.20 3.48
C TRP A 50 5.79 3.02 2.15
N LEU A 51 4.97 4.01 1.79
CA LEU A 51 4.24 3.99 0.53
C LEU A 51 5.20 4.12 -0.64
N GLN A 52 6.06 5.13 -0.59
CA GLN A 52 6.98 5.41 -1.68
C GLN A 52 8.17 4.44 -1.68
N TRP A 53 8.39 3.82 -2.84
CA TRP A 53 9.56 2.96 -3.07
C TRP A 53 9.50 1.65 -2.30
N VAL A 54 8.46 1.46 -1.50
CA VAL A 54 8.27 0.17 -0.85
C VAL A 54 6.97 -0.48 -1.27
N LEU A 55 5.86 -0.02 -0.71
CA LEU A 55 4.55 -0.65 -0.93
C LEU A 55 4.23 -0.77 -2.42
N ILE A 56 4.46 0.30 -3.17
CA ILE A 56 4.14 0.33 -4.59
C ILE A 56 4.90 -0.77 -5.37
N PRO A 57 6.25 -0.72 -5.42
CA PRO A 57 7.03 -1.74 -6.15
C PRO A 57 6.86 -3.14 -5.54
N ARG A 58 6.67 -3.18 -4.23
CA ARG A 58 6.46 -4.43 -3.51
C ARG A 58 5.24 -5.16 -4.07
N MET A 59 4.17 -4.40 -4.29
CA MET A 59 2.93 -4.97 -4.81
C MET A 59 2.99 -5.13 -6.33
N HIS A 60 3.78 -4.30 -7.00
CA HIS A 60 3.96 -4.45 -8.44
C HIS A 60 4.55 -5.81 -8.76
N ASP A 61 5.49 -6.24 -7.93
CA ASP A 61 6.10 -7.57 -8.07
C ASP A 61 5.10 -8.65 -7.65
N LEU A 62 4.41 -8.38 -6.55
CA LEU A 62 3.37 -9.26 -6.02
C LEU A 62 2.35 -9.61 -7.09
N LEU A 63 1.79 -8.59 -7.72
CA LEU A 63 0.72 -8.77 -8.69
C LEU A 63 1.23 -9.42 -9.97
N ASP A 64 2.42 -9.02 -10.40
CA ASP A 64 2.99 -9.52 -11.64
C ASP A 64 3.30 -11.01 -11.54
N ASN A 65 3.67 -11.46 -10.34
CA ASN A 65 4.02 -12.85 -10.12
C ASN A 65 2.83 -13.64 -9.57
N LYS A 66 1.62 -13.13 -9.83
CA LYS A 66 0.38 -13.77 -9.40
C LYS A 66 0.21 -13.70 -7.90
N GLN A 67 0.87 -14.62 -7.19
CA GLN A 67 0.84 -14.69 -5.73
C GLN A 67 -0.54 -15.06 -5.20
N PRO A 68 -0.59 -15.74 -4.05
CA PRO A 68 -1.86 -16.10 -3.40
C PRO A 68 -2.53 -14.89 -2.77
N LEU A 69 -1.80 -13.77 -2.74
CA LEU A 69 -2.28 -12.52 -2.14
C LEU A 69 -2.39 -12.64 -0.63
N PRO A 70 -2.23 -11.51 0.09
CA PRO A 70 -2.32 -11.47 1.55
C PRO A 70 -3.71 -11.90 2.04
N GLY A 71 -4.73 -11.55 1.28
CA GLY A 71 -6.08 -11.97 1.59
C GLY A 71 -6.77 -11.02 2.54
N ALA A 72 -6.03 -10.55 3.52
CA ALA A 72 -6.54 -9.64 4.51
C ALA A 72 -5.52 -8.55 4.80
N PHE A 73 -5.34 -7.67 3.82
CA PHE A 73 -4.35 -6.61 3.92
C PHE A 73 -5.05 -5.27 4.13
N ALA A 74 -4.68 -4.58 5.20
CA ALA A 74 -5.28 -3.30 5.53
C ALA A 74 -4.21 -2.25 5.86
N VAL A 75 -4.38 -1.05 5.33
CA VAL A 75 -3.41 0.02 5.56
C VAL A 75 -4.08 1.30 6.06
N ALA A 76 -5.33 1.51 5.68
CA ALA A 76 -6.05 2.72 6.04
C ALA A 76 -6.11 2.92 7.56
N PRO A 77 -6.51 1.90 8.35
CA PRO A 77 -6.55 2.01 9.82
C PRO A 77 -5.19 2.37 10.42
N TYR A 78 -4.12 1.85 9.82
CA TYR A 78 -2.77 2.12 10.29
C TYR A 78 -2.39 3.57 10.04
N TYR A 79 -2.66 4.05 8.83
CA TYR A 79 -2.31 5.41 8.46
C TYR A 79 -3.20 6.43 9.16
N GLU A 80 -4.36 6.00 9.61
CA GLU A 80 -5.23 6.86 10.41
C GLU A 80 -4.58 7.13 11.76
N MET A 81 -3.68 6.25 12.16
CA MET A 81 -2.93 6.42 13.41
C MET A 81 -1.63 7.16 13.15
N ALA A 82 -0.99 6.83 12.04
CA ALA A 82 0.30 7.42 11.69
C ALA A 82 0.14 8.89 11.34
N LEU A 83 -0.93 9.22 10.62
CA LEU A 83 -1.17 10.59 10.18
C LEU A 83 -1.96 11.35 11.23
N ALA A 84 -1.42 12.49 11.66
CA ALA A 84 -2.08 13.36 12.61
C ALA A 84 -3.36 13.92 12.03
N THR A 85 -4.18 14.51 12.89
CA THR A 85 -5.52 14.90 12.52
C THR A 85 -5.54 16.17 11.67
N ASP A 86 -4.47 16.95 11.72
CA ASP A 86 -4.34 18.13 10.87
C ASP A 86 -3.74 17.70 9.54
N HIS A 87 -3.37 18.67 8.70
CA HIS A 87 -2.86 18.37 7.35
C HIS A 87 -3.95 17.69 6.52
N PRO A 88 -4.78 18.50 5.81
CA PRO A 88 -5.99 18.03 5.13
C PRO A 88 -5.76 16.89 4.14
N GLN A 89 -4.53 16.76 3.67
CA GLN A 89 -4.16 15.68 2.74
C GLN A 89 -4.39 14.31 3.36
N ARG A 90 -4.47 14.27 4.69
CA ARG A 90 -4.73 13.05 5.44
C ARG A 90 -5.92 12.30 4.86
N ALA A 91 -7.04 13.01 4.71
CA ALA A 91 -8.27 12.42 4.23
C ALA A 91 -8.13 11.92 2.79
N LEU A 92 -7.40 12.67 1.97
CA LEU A 92 -7.19 12.31 0.58
C LEU A 92 -6.32 11.06 0.47
N ILE A 93 -5.31 10.99 1.30
CA ILE A 93 -4.44 9.81 1.35
C ILE A 93 -5.25 8.60 1.78
N LEU A 94 -5.98 8.75 2.88
CA LEU A 94 -6.79 7.67 3.43
C LEU A 94 -7.84 7.20 2.42
N ALA A 95 -8.36 8.13 1.63
CA ALA A 95 -9.35 7.80 0.61
C ALA A 95 -8.77 6.84 -0.42
N GLU A 96 -7.62 7.19 -0.97
CA GLU A 96 -6.95 6.34 -1.95
C GLU A 96 -6.48 5.04 -1.30
N LEU A 97 -6.13 5.12 -0.01
CA LEU A 97 -5.74 3.95 0.75
C LEU A 97 -6.92 2.99 0.88
N GLU A 98 -8.09 3.52 1.20
CA GLU A 98 -9.29 2.69 1.33
C GLU A 98 -9.61 2.00 0.02
N LYS A 99 -9.30 2.64 -1.09
CA LYS A 99 -9.48 2.03 -2.40
C LYS A 99 -8.67 0.75 -2.51
N LEU A 100 -7.37 0.87 -2.25
CA LEU A 100 -6.47 -0.29 -2.28
C LEU A 100 -6.87 -1.30 -1.20
N ASP A 101 -7.19 -0.76 -0.03
CA ASP A 101 -7.60 -1.55 1.13
C ASP A 101 -8.80 -2.43 0.77
N ALA A 102 -9.78 -1.83 0.13
CA ALA A 102 -11.01 -2.52 -0.26
C ALA A 102 -10.77 -3.45 -1.45
N LEU A 103 -9.68 -3.25 -2.16
CA LEU A 103 -9.35 -4.11 -3.31
C LEU A 103 -8.85 -5.47 -2.81
N PHE A 104 -8.13 -5.48 -1.71
CA PHE A 104 -7.70 -6.73 -1.11
C PHE A 104 -8.87 -7.40 -0.39
N ALA A 105 -9.92 -6.63 -0.15
CA ALA A 105 -11.15 -7.16 0.38
C ALA A 105 -12.06 -7.61 -0.77
N ASP A 106 -11.65 -7.28 -1.98
CA ASP A 106 -12.43 -7.62 -3.18
C ASP A 106 -12.11 -9.04 -3.64
N ASP A 107 -10.82 -9.34 -3.78
CA ASP A 107 -10.40 -10.67 -4.18
C ASP A 107 -10.58 -11.62 -3.00
N ALA A 108 -11.62 -12.45 -3.08
CA ALA A 108 -11.95 -13.35 -1.98
C ALA A 108 -10.83 -14.35 -1.74
N SER A 109 -10.20 -14.25 -0.58
CA SER A 109 -9.12 -15.13 -0.20
C SER A 109 -9.61 -16.55 0.04
N LEU A 110 -10.91 -16.77 -0.16
CA LEU A 110 -11.48 -18.11 -0.08
C LEU A 110 -10.88 -18.99 -1.19
N GLU A 111 -10.48 -18.34 -2.28
CA GLU A 111 -9.83 -19.03 -3.39
C GLU A 111 -8.33 -19.16 -3.15
N HIS A 112 -7.87 -18.65 -2.02
CA HIS A 112 -6.45 -18.66 -1.71
C HIS A 112 -6.22 -19.34 -0.37
N HIS A 113 -5.84 -20.60 -0.42
CA HIS A 113 -5.69 -21.40 0.79
C HIS A 113 -4.35 -21.12 1.44
N HIS A 114 -4.38 -20.56 2.64
CA HIS A 114 -3.17 -20.25 3.37
C HIS A 114 -2.66 -21.50 4.08
N HIS A 115 -1.81 -22.24 3.40
CA HIS A 115 -1.28 -23.49 3.95
C HIS A 115 -0.24 -23.20 5.01
N HIS A 116 -0.18 -24.07 6.01
CA HIS A 116 0.77 -23.94 7.10
C HIS A 116 1.14 -25.32 7.63
N HIS A 117 1.93 -26.04 6.86
CA HIS A 117 2.39 -27.35 7.27
C HIS A 117 3.91 -27.44 7.14
N MET A 1 -8.36 -4.66 -15.86
CA MET A 1 -8.83 -6.02 -16.20
C MET A 1 -9.13 -6.83 -14.93
N THR A 2 -8.22 -7.74 -14.58
CA THR A 2 -8.42 -8.61 -13.43
C THR A 2 -8.10 -7.87 -12.13
N THR A 3 -8.45 -8.47 -11.00
CA THR A 3 -8.24 -7.86 -9.70
C THR A 3 -6.76 -7.47 -9.48
N HIS A 4 -5.85 -8.37 -9.84
CA HIS A 4 -4.41 -8.07 -9.74
C HIS A 4 -4.09 -6.77 -10.50
N ASP A 5 -4.55 -6.71 -11.74
CA ASP A 5 -4.34 -5.55 -12.60
C ASP A 5 -4.94 -4.29 -11.98
N ARG A 6 -6.12 -4.43 -11.37
CA ARG A 6 -6.79 -3.30 -10.75
C ARG A 6 -6.00 -2.77 -9.56
N VAL A 7 -5.45 -3.67 -8.74
CA VAL A 7 -4.63 -3.26 -7.61
C VAL A 7 -3.37 -2.55 -8.11
N ARG A 8 -2.85 -3.03 -9.22
CA ARG A 8 -1.68 -2.41 -9.85
C ARG A 8 -2.04 -1.01 -10.34
N LEU A 9 -3.23 -0.88 -10.94
CA LEU A 9 -3.75 0.42 -11.35
C LEU A 9 -3.86 1.37 -10.16
N GLN A 10 -4.26 0.82 -9.02
CA GLN A 10 -4.39 1.60 -7.79
C GLN A 10 -3.02 2.13 -7.37
N LEU A 11 -2.00 1.29 -7.48
CA LEU A 11 -0.64 1.70 -7.15
C LEU A 11 -0.20 2.88 -8.03
N GLN A 12 -0.63 2.85 -9.28
CA GLN A 12 -0.35 3.93 -10.22
C GLN A 12 -1.12 5.19 -9.81
N ALA A 13 -2.34 4.98 -9.34
CA ALA A 13 -3.19 6.07 -8.88
C ALA A 13 -2.66 6.69 -7.60
N LEU A 14 -2.17 5.84 -6.70
CA LEU A 14 -1.53 6.30 -5.47
C LEU A 14 -0.32 7.16 -5.80
N GLU A 15 0.47 6.69 -6.76
CA GLU A 15 1.61 7.45 -7.26
C GLU A 15 1.14 8.80 -7.78
N ALA A 16 0.04 8.78 -8.54
CA ALA A 16 -0.54 9.99 -9.09
C ALA A 16 -0.94 10.97 -7.97
N LEU A 17 -1.61 10.45 -6.95
CA LEU A 17 -2.05 11.26 -5.82
C LEU A 17 -0.84 11.90 -5.13
N LEU A 18 0.20 11.11 -4.90
CA LEU A 18 1.43 11.61 -4.29
C LEU A 18 2.10 12.63 -5.20
N ARG A 19 2.03 12.37 -6.50
CA ARG A 19 2.63 13.24 -7.50
C ARG A 19 1.95 14.61 -7.53
N GLU A 20 0.61 14.60 -7.48
CA GLU A 20 -0.17 15.82 -7.51
C GLU A 20 0.20 16.75 -6.34
N HIS A 21 0.45 16.16 -5.19
CA HIS A 21 0.76 16.94 -3.99
C HIS A 21 2.26 17.03 -3.78
N GLN A 22 3.02 16.69 -4.83
CA GLN A 22 4.47 16.84 -4.86
C GLN A 22 5.14 16.13 -3.68
N HIS A 23 4.55 15.04 -3.23
CA HIS A 23 5.15 14.24 -2.16
C HIS A 23 5.80 13.00 -2.76
N TRP A 24 5.72 12.89 -4.08
CA TRP A 24 6.34 11.80 -4.79
C TRP A 24 7.83 12.10 -4.95
N ARG A 25 8.63 11.56 -4.05
CA ARG A 25 10.07 11.77 -4.07
C ARG A 25 10.78 10.45 -4.29
N ASN A 26 11.85 10.49 -5.06
CA ASN A 26 12.68 9.32 -5.26
C ASN A 26 14.04 9.57 -4.61
N ASP A 27 14.23 9.02 -3.42
CA ASP A 27 15.50 9.17 -2.72
C ASP A 27 16.25 7.85 -2.77
N GLU A 28 17.44 7.80 -2.17
CA GLU A 28 18.24 6.60 -2.19
C GLU A 28 17.99 5.79 -0.92
N PRO A 29 17.34 4.63 -1.05
CA PRO A 29 17.02 3.76 0.10
C PRO A 29 18.26 3.11 0.69
N GLN A 30 18.24 2.92 2.00
CA GLN A 30 19.39 2.36 2.69
C GLN A 30 19.17 0.86 2.94
N PRO A 31 20.22 0.04 2.79
CA PRO A 31 20.15 -1.40 3.05
C PRO A 31 19.73 -1.68 4.48
N HIS A 32 20.22 -0.86 5.40
CA HIS A 32 19.90 -0.97 6.82
C HIS A 32 18.40 -0.84 7.05
N GLN A 33 17.76 -0.04 6.21
CA GLN A 33 16.34 0.21 6.30
C GLN A 33 15.56 -1.09 6.15
N PHE A 34 15.85 -1.82 5.08
CA PHE A 34 15.15 -3.07 4.81
C PHE A 34 15.68 -4.20 5.67
N ASN A 35 16.90 -4.04 6.17
CA ASN A 35 17.52 -5.07 7.02
C ASN A 35 16.89 -5.06 8.40
N SER A 36 16.22 -3.96 8.72
CA SER A 36 15.44 -3.88 9.95
C SER A 36 14.25 -4.84 9.83
N THR A 37 13.83 -5.06 8.58
CA THR A 37 12.83 -6.07 8.24
C THR A 37 11.54 -5.88 9.04
N GLN A 38 10.95 -4.71 8.90
CA GLN A 38 9.67 -4.41 9.51
C GLN A 38 8.61 -4.24 8.43
N PRO A 39 7.37 -4.70 8.69
CA PRO A 39 6.28 -4.64 7.71
C PRO A 39 6.01 -3.24 7.20
N PHE A 40 5.96 -2.28 8.12
CA PHE A 40 5.66 -0.90 7.77
C PHE A 40 6.87 0.01 7.94
N PHE A 41 7.98 -0.56 8.41
CA PHE A 41 9.19 0.20 8.73
C PHE A 41 8.85 1.33 9.71
N MET A 42 8.81 0.99 10.98
CA MET A 42 8.34 1.93 12.00
C MET A 42 9.52 2.51 12.77
N ASP A 43 10.50 1.67 13.07
CA ASP A 43 11.67 2.08 13.85
C ASP A 43 12.76 2.63 12.95
N THR A 44 12.67 2.34 11.66
CA THR A 44 13.68 2.75 10.71
C THR A 44 13.80 4.27 10.67
N MET A 45 12.74 4.93 10.21
CA MET A 45 12.68 6.37 10.21
C MET A 45 11.29 6.84 10.59
N GLU A 46 10.34 6.73 9.65
CA GLU A 46 8.96 7.17 9.87
C GLU A 46 8.03 6.41 8.94
N PRO A 47 6.89 5.91 9.46
CA PRO A 47 5.95 5.06 8.70
C PRO A 47 5.37 5.72 7.45
N LEU A 48 5.76 6.96 7.18
CA LEU A 48 5.32 7.65 5.98
C LEU A 48 6.21 7.28 4.79
N GLU A 49 7.39 6.73 5.09
CA GLU A 49 8.33 6.28 4.06
C GLU A 49 7.75 5.09 3.30
N TRP A 50 6.83 4.41 3.97
CA TRP A 50 6.25 3.17 3.48
C TRP A 50 5.43 3.39 2.22
N LEU A 51 4.73 4.51 2.15
CA LEU A 51 3.83 4.79 1.03
C LEU A 51 4.60 5.12 -0.24
N GLN A 52 5.83 5.59 -0.10
CA GLN A 52 6.60 6.06 -1.25
C GLN A 52 7.20 4.90 -2.04
N TRP A 53 8.35 4.40 -1.61
CA TRP A 53 9.08 3.41 -2.40
C TRP A 53 8.93 2.01 -1.82
N VAL A 54 8.03 1.83 -0.86
CA VAL A 54 7.83 0.50 -0.29
C VAL A 54 6.57 -0.13 -0.84
N LEU A 55 5.41 0.42 -0.47
CA LEU A 55 4.12 -0.17 -0.82
C LEU A 55 3.98 -0.43 -2.33
N ILE A 56 4.20 0.60 -3.13
CA ILE A 56 3.99 0.49 -4.57
C ILE A 56 4.87 -0.60 -5.22
N PRO A 57 6.22 -0.55 -5.08
CA PRO A 57 7.10 -1.56 -5.67
C PRO A 57 6.92 -2.95 -5.04
N ARG A 58 6.61 -2.97 -3.74
CA ARG A 58 6.42 -4.22 -3.03
C ARG A 58 5.23 -4.99 -3.58
N MET A 59 4.12 -4.28 -3.78
CA MET A 59 2.91 -4.89 -4.31
C MET A 59 3.04 -5.11 -5.81
N HIS A 60 3.89 -4.32 -6.47
CA HIS A 60 4.16 -4.52 -7.88
C HIS A 60 4.83 -5.86 -8.11
N ASP A 61 5.84 -6.16 -7.29
CA ASP A 61 6.55 -7.43 -7.39
C ASP A 61 5.60 -8.60 -7.14
N LEU A 62 4.51 -8.32 -6.43
CA LEU A 62 3.47 -9.29 -6.19
C LEU A 62 2.54 -9.41 -7.41
N LEU A 63 1.92 -8.30 -7.76
CA LEU A 63 0.90 -8.26 -8.81
C LEU A 63 1.46 -8.59 -10.19
N ASP A 64 2.67 -8.11 -10.46
CA ASP A 64 3.29 -8.33 -11.76
C ASP A 64 3.84 -9.75 -11.86
N ASN A 65 3.67 -10.51 -10.79
CA ASN A 65 3.97 -11.94 -10.80
C ASN A 65 2.73 -12.73 -10.42
N LYS A 66 1.58 -12.07 -10.55
CA LYS A 66 0.27 -12.63 -10.23
C LYS A 66 0.14 -12.87 -8.73
N GLN A 67 0.51 -14.06 -8.26
CA GLN A 67 0.52 -14.38 -6.83
C GLN A 67 -0.87 -14.31 -6.19
N PRO A 68 -1.03 -14.85 -4.97
CA PRO A 68 -2.24 -14.66 -4.18
C PRO A 68 -2.29 -13.24 -3.60
N LEU A 69 -3.48 -12.81 -3.22
CA LEU A 69 -3.64 -11.47 -2.68
C LEU A 69 -3.92 -11.52 -1.18
N PRO A 70 -3.09 -10.84 -0.38
CA PRO A 70 -3.31 -10.72 1.06
C PRO A 70 -4.52 -9.85 1.36
N GLY A 71 -5.67 -10.49 1.48
CA GLY A 71 -6.93 -9.77 1.60
C GLY A 71 -7.16 -9.14 2.95
N ALA A 72 -6.31 -9.50 3.92
CA ALA A 72 -6.41 -8.92 5.26
C ALA A 72 -5.59 -7.64 5.35
N PHE A 73 -5.28 -7.09 4.19
CA PHE A 73 -4.53 -5.85 4.10
C PHE A 73 -5.40 -4.67 4.48
N ALA A 74 -4.95 -3.91 5.48
CA ALA A 74 -5.69 -2.74 5.93
C ALA A 74 -4.74 -1.68 6.46
N VAL A 75 -4.44 -0.69 5.63
CA VAL A 75 -3.50 0.34 6.01
C VAL A 75 -4.20 1.64 6.36
N ALA A 76 -5.47 1.76 5.98
CA ALA A 76 -6.24 2.95 6.30
C ALA A 76 -6.31 3.18 7.81
N PRO A 77 -6.69 2.17 8.63
CA PRO A 77 -6.73 2.32 10.09
C PRO A 77 -5.34 2.54 10.69
N TYR A 78 -4.31 2.13 9.96
CA TYR A 78 -2.94 2.29 10.42
C TYR A 78 -2.51 3.75 10.31
N TYR A 79 -2.80 4.38 9.17
CA TYR A 79 -2.43 5.78 8.97
C TYR A 79 -3.38 6.71 9.70
N GLU A 80 -4.50 6.17 10.16
CA GLU A 80 -5.37 6.87 11.09
C GLU A 80 -4.59 7.16 12.37
N MET A 81 -3.71 6.24 12.72
CA MET A 81 -2.91 6.32 13.94
C MET A 81 -1.52 6.90 13.66
N ALA A 82 -0.88 6.40 12.60
CA ALA A 82 0.52 6.74 12.31
C ALA A 82 0.68 8.18 11.82
N LEU A 83 -0.33 8.72 11.16
CA LEU A 83 -0.24 10.07 10.62
C LEU A 83 -0.66 11.11 11.64
N ALA A 84 -1.95 11.43 11.65
CA ALA A 84 -2.49 12.45 12.56
C ALA A 84 -3.99 12.54 12.35
N THR A 85 -4.66 13.30 13.21
CA THR A 85 -6.09 13.53 13.09
C THR A 85 -6.39 14.78 12.27
N ASP A 86 -5.35 15.57 12.05
CA ASP A 86 -5.48 16.88 11.44
C ASP A 86 -5.08 16.84 9.97
N HIS A 87 -5.06 18.03 9.36
CA HIS A 87 -4.74 18.19 7.94
C HIS A 87 -5.78 17.50 7.07
N PRO A 88 -6.85 18.24 6.72
CA PRO A 88 -8.01 17.71 5.97
C PRO A 88 -7.65 16.96 4.69
N GLN A 89 -6.50 17.26 4.09
CA GLN A 89 -6.06 16.56 2.88
C GLN A 89 -5.87 15.06 3.14
N ARG A 90 -5.82 14.68 4.41
CA ARG A 90 -5.68 13.27 4.78
C ARG A 90 -6.86 12.46 4.26
N ALA A 91 -7.98 13.14 4.01
CA ALA A 91 -9.18 12.48 3.50
C ALA A 91 -8.91 11.83 2.15
N LEU A 92 -8.15 12.53 1.31
CA LEU A 92 -7.79 12.02 -0.01
C LEU A 92 -6.87 10.81 0.13
N ILE A 93 -5.92 10.91 1.05
CA ILE A 93 -4.99 9.83 1.32
C ILE A 93 -5.74 8.62 1.86
N LEU A 94 -6.60 8.84 2.85
CA LEU A 94 -7.40 7.77 3.44
C LEU A 94 -8.31 7.13 2.40
N ALA A 95 -8.89 7.96 1.54
CA ALA A 95 -9.74 7.46 0.47
C ALA A 95 -8.97 6.51 -0.44
N GLU A 96 -7.76 6.91 -0.78
CA GLU A 96 -6.90 6.09 -1.63
C GLU A 96 -6.54 4.79 -0.91
N LEU A 97 -6.26 4.90 0.38
CA LEU A 97 -5.92 3.73 1.21
C LEU A 97 -7.10 2.77 1.28
N GLU A 98 -8.28 3.30 1.60
CA GLU A 98 -9.50 2.49 1.67
C GLU A 98 -9.77 1.80 0.34
N LYS A 99 -9.44 2.50 -0.75
CA LYS A 99 -9.60 1.95 -2.09
C LYS A 99 -8.68 0.75 -2.30
N LEU A 100 -7.47 0.86 -1.77
CA LEU A 100 -6.49 -0.21 -1.88
C LEU A 100 -6.86 -1.39 -0.98
N ASP A 101 -7.18 -1.08 0.28
CA ASP A 101 -7.60 -2.10 1.25
C ASP A 101 -8.76 -2.90 0.70
N ALA A 102 -9.71 -2.22 0.07
CA ALA A 102 -10.90 -2.85 -0.49
C ALA A 102 -10.54 -3.76 -1.66
N LEU A 103 -9.47 -3.43 -2.38
CA LEU A 103 -9.04 -4.24 -3.52
C LEU A 103 -8.49 -5.57 -3.06
N PHE A 104 -7.79 -5.57 -1.93
CA PHE A 104 -7.33 -6.82 -1.34
C PHE A 104 -8.49 -7.54 -0.69
N ALA A 105 -9.43 -6.76 -0.17
CA ALA A 105 -10.63 -7.31 0.47
C ALA A 105 -11.60 -7.86 -0.57
N ASP A 106 -11.24 -7.77 -1.84
CA ASP A 106 -12.04 -8.37 -2.90
C ASP A 106 -12.06 -9.88 -2.75
N ASP A 107 -10.88 -10.44 -2.49
CA ASP A 107 -10.75 -11.87 -2.25
C ASP A 107 -10.60 -12.11 -0.76
N ALA A 108 -11.70 -12.49 -0.12
CA ALA A 108 -11.66 -12.89 1.28
C ALA A 108 -10.72 -14.08 1.43
N SER A 109 -9.54 -13.82 1.99
CA SER A 109 -8.42 -14.76 1.97
C SER A 109 -8.74 -16.11 2.61
N LEU A 110 -9.29 -16.98 1.78
CA LEU A 110 -9.61 -18.35 2.11
C LEU A 110 -10.03 -19.04 0.82
N GLU A 111 -9.31 -20.09 0.43
CA GLU A 111 -9.54 -20.73 -0.87
C GLU A 111 -10.80 -21.58 -0.85
N HIS A 112 -11.59 -21.44 0.19
CA HIS A 112 -12.86 -22.13 0.28
C HIS A 112 -14.00 -21.16 -0.01
N HIS A 113 -13.68 -19.86 -0.05
CA HIS A 113 -14.66 -18.83 -0.37
C HIS A 113 -14.87 -18.76 -1.87
N HIS A 114 -13.85 -18.29 -2.58
CA HIS A 114 -13.90 -18.28 -4.03
C HIS A 114 -13.57 -19.68 -4.57
N HIS A 115 -14.25 -20.07 -5.62
CA HIS A 115 -14.08 -21.40 -6.18
C HIS A 115 -13.02 -21.38 -7.26
N HIS A 116 -12.11 -22.35 -7.21
CA HIS A 116 -11.01 -22.40 -8.18
C HIS A 116 -11.54 -22.67 -9.58
N HIS A 117 -12.26 -23.77 -9.74
CA HIS A 117 -12.87 -24.11 -11.03
C HIS A 117 -14.17 -24.88 -10.81
N MET A 1 -10.64 -12.17 -16.14
CA MET A 1 -11.16 -11.23 -15.11
C MET A 1 -10.06 -10.29 -14.65
N THR A 2 -9.04 -10.87 -14.01
CA THR A 2 -7.82 -10.15 -13.61
C THR A 2 -8.09 -8.95 -12.70
N THR A 3 -7.95 -9.17 -11.41
CA THR A 3 -8.09 -8.11 -10.42
C THR A 3 -6.78 -7.37 -10.23
N HIS A 4 -5.69 -8.09 -10.46
CA HIS A 4 -4.35 -7.62 -10.13
C HIS A 4 -3.98 -6.38 -10.95
N ASP A 5 -4.38 -6.37 -12.21
CA ASP A 5 -4.11 -5.24 -13.10
C ASP A 5 -4.76 -3.96 -12.57
N ARG A 6 -5.97 -4.13 -12.03
CA ARG A 6 -6.74 -3.01 -11.50
C ARG A 6 -6.05 -2.43 -10.26
N VAL A 7 -5.57 -3.31 -9.39
CA VAL A 7 -4.84 -2.90 -8.20
C VAL A 7 -3.54 -2.20 -8.60
N ARG A 8 -2.91 -2.72 -9.64
CA ARG A 8 -1.69 -2.13 -10.17
C ARG A 8 -1.94 -0.70 -10.64
N LEU A 9 -3.09 -0.48 -11.27
CA LEU A 9 -3.47 0.85 -11.73
C LEU A 9 -3.69 1.80 -10.55
N GLN A 10 -4.27 1.27 -9.47
CA GLN A 10 -4.48 2.06 -8.27
C GLN A 10 -3.15 2.49 -7.68
N LEU A 11 -2.20 1.58 -7.65
CA LEU A 11 -0.86 1.88 -7.16
C LEU A 11 -0.24 3.05 -7.92
N GLN A 12 -0.48 3.08 -9.22
CA GLN A 12 0.02 4.15 -10.07
C GLN A 12 -0.74 5.44 -9.82
N ALA A 13 -2.01 5.31 -9.44
CA ALA A 13 -2.84 6.47 -9.12
C ALA A 13 -2.45 7.04 -7.75
N LEU A 14 -2.13 6.15 -6.82
CA LEU A 14 -1.64 6.55 -5.51
C LEU A 14 -0.31 7.28 -5.65
N GLU A 15 0.54 6.77 -6.54
CA GLU A 15 1.80 7.42 -6.88
C GLU A 15 1.52 8.86 -7.34
N ALA A 16 0.55 9.01 -8.23
CA ALA A 16 0.18 10.31 -8.75
C ALA A 16 -0.34 11.23 -7.65
N LEU A 17 -1.18 10.68 -6.77
CA LEU A 17 -1.76 11.44 -5.67
C LEU A 17 -0.67 12.00 -4.78
N LEU A 18 0.32 11.18 -4.48
CA LEU A 18 1.44 11.59 -3.62
C LEU A 18 2.31 12.61 -4.34
N ARG A 19 2.42 12.46 -5.66
CA ARG A 19 3.16 13.40 -6.49
C ARG A 19 2.44 14.75 -6.54
N GLU A 20 1.11 14.71 -6.66
CA GLU A 20 0.30 15.92 -6.71
C GLU A 20 0.66 16.88 -5.59
N HIS A 21 0.67 16.38 -4.38
CA HIS A 21 0.90 17.21 -3.20
C HIS A 21 2.38 17.24 -2.85
N GLN A 22 3.21 16.76 -3.78
CA GLN A 22 4.66 16.84 -3.66
C GLN A 22 5.17 16.17 -2.39
N HIS A 23 4.59 15.03 -2.04
CA HIS A 23 5.03 14.29 -0.87
C HIS A 23 5.76 13.02 -1.27
N TRP A 24 5.93 12.83 -2.57
CA TRP A 24 6.62 11.66 -3.09
C TRP A 24 8.14 11.86 -2.99
N ARG A 25 8.80 10.96 -2.27
CA ARG A 25 10.24 11.06 -2.08
C ARG A 25 10.99 10.32 -3.16
N ASN A 26 11.89 11.02 -3.83
CA ASN A 26 12.73 10.42 -4.87
C ASN A 26 14.14 10.19 -4.36
N ASP A 27 14.32 10.36 -3.07
CA ASP A 27 15.63 10.17 -2.44
C ASP A 27 15.98 8.69 -2.35
N GLU A 28 17.24 8.40 -2.08
CA GLU A 28 17.73 7.04 -2.05
C GLU A 28 17.75 6.49 -0.63
N PRO A 29 16.96 5.44 -0.37
CA PRO A 29 16.98 4.72 0.90
C PRO A 29 18.29 3.96 1.09
N GLN A 30 18.74 3.88 2.33
CA GLN A 30 20.01 3.25 2.65
C GLN A 30 19.77 1.83 3.16
N PRO A 31 20.62 0.87 2.73
CA PRO A 31 20.47 -0.58 3.04
C PRO A 31 19.99 -0.90 4.46
N HIS A 32 20.49 -0.19 5.46
CA HIS A 32 20.14 -0.50 6.85
C HIS A 32 18.66 -0.26 7.14
N GLN A 33 17.97 0.43 6.24
CA GLN A 33 16.55 0.73 6.42
C GLN A 33 15.68 -0.47 6.06
N PHE A 34 16.31 -1.55 5.64
CA PHE A 34 15.58 -2.79 5.37
C PHE A 34 15.75 -3.76 6.53
N ASN A 35 16.50 -3.34 7.55
CA ASN A 35 16.74 -4.16 8.74
C ASN A 35 15.51 -4.17 9.64
N SER A 36 14.75 -3.08 9.60
CA SER A 36 13.50 -3.01 10.33
C SER A 36 12.53 -4.06 9.80
N THR A 37 12.29 -5.08 10.59
CA THR A 37 11.57 -6.25 10.13
C THR A 37 10.05 -6.09 10.31
N GLN A 38 9.64 -5.04 11.02
CA GLN A 38 8.22 -4.74 11.14
C GLN A 38 7.65 -4.40 9.77
N PRO A 39 6.39 -4.80 9.51
CA PRO A 39 5.76 -4.72 8.19
C PRO A 39 5.82 -3.33 7.56
N PHE A 40 5.81 -2.31 8.39
CA PHE A 40 5.80 -0.93 7.91
C PHE A 40 7.20 -0.33 7.93
N PHE A 41 8.19 -1.14 8.32
CA PHE A 41 9.58 -0.68 8.44
C PHE A 41 9.65 0.58 9.31
N MET A 42 8.78 0.63 10.30
CA MET A 42 8.53 1.84 11.09
C MET A 42 9.71 2.20 12.01
N ASP A 43 10.76 1.40 11.96
CA ASP A 43 11.95 1.65 12.79
C ASP A 43 12.98 2.46 12.02
N THR A 44 12.82 2.54 10.71
CA THR A 44 13.79 3.24 9.88
C THR A 44 13.09 4.16 8.87
N MET A 45 12.09 3.62 8.20
CA MET A 45 11.39 4.35 7.16
C MET A 45 10.28 5.19 7.78
N GLU A 46 9.87 6.24 7.07
CA GLU A 46 8.72 7.03 7.46
C GLU A 46 7.46 6.32 6.97
N PRO A 47 6.35 6.39 7.73
CA PRO A 47 5.08 5.74 7.37
C PRO A 47 4.66 6.03 5.93
N LEU A 48 4.53 7.31 5.59
CA LEU A 48 4.10 7.71 4.25
C LEU A 48 5.18 7.36 3.22
N GLU A 49 6.42 7.34 3.67
CA GLU A 49 7.56 7.01 2.81
C GLU A 49 7.55 5.52 2.45
N TRP A 50 7.22 4.70 3.44
CA TRP A 50 7.07 3.26 3.25
C TRP A 50 6.03 2.96 2.18
N LEU A 51 4.94 3.72 2.22
CA LEU A 51 3.85 3.60 1.25
C LEU A 51 4.39 3.70 -0.18
N GLN A 52 5.34 4.61 -0.37
CA GLN A 52 5.85 4.92 -1.69
C GLN A 52 6.94 3.94 -2.13
N TRP A 53 7.95 3.79 -1.29
CA TRP A 53 9.13 3.03 -1.66
C TRP A 53 8.91 1.52 -1.55
N VAL A 54 8.17 1.08 -0.55
CA VAL A 54 8.02 -0.35 -0.31
C VAL A 54 6.69 -0.88 -0.82
N LEU A 55 5.60 -0.36 -0.28
CA LEU A 55 4.28 -0.94 -0.52
C LEU A 55 3.94 -1.01 -2.01
N ILE A 56 3.92 0.15 -2.67
CA ILE A 56 3.52 0.21 -4.07
C ILE A 56 4.38 -0.72 -4.97
N PRO A 57 5.72 -0.59 -4.98
CA PRO A 57 6.58 -1.41 -5.84
C PRO A 57 6.55 -2.90 -5.48
N ARG A 58 6.44 -3.19 -4.19
CA ARG A 58 6.42 -4.58 -3.73
C ARG A 58 5.12 -5.25 -4.15
N MET A 59 4.02 -4.50 -4.09
CA MET A 59 2.73 -5.00 -4.51
C MET A 59 2.69 -5.26 -6.01
N HIS A 60 3.51 -4.54 -6.77
CA HIS A 60 3.64 -4.80 -8.20
C HIS A 60 4.08 -6.24 -8.43
N ASP A 61 5.03 -6.69 -7.61
CA ASP A 61 5.53 -8.06 -7.66
C ASP A 61 4.41 -9.05 -7.32
N LEU A 62 3.69 -8.76 -6.24
CA LEU A 62 2.60 -9.61 -5.78
C LEU A 62 1.54 -9.77 -6.88
N LEU A 63 1.22 -8.66 -7.53
CA LEU A 63 0.22 -8.65 -8.58
C LEU A 63 0.74 -9.30 -9.85
N ASP A 64 2.01 -9.05 -10.17
CA ASP A 64 2.63 -9.59 -11.37
C ASP A 64 2.80 -11.11 -11.27
N ASN A 65 3.06 -11.58 -10.05
CA ASN A 65 3.14 -13.01 -9.79
C ASN A 65 1.75 -13.63 -9.74
N LYS A 66 0.73 -12.76 -9.77
CA LYS A 66 -0.67 -13.18 -9.86
C LYS A 66 -1.11 -13.94 -8.61
N GLN A 67 -0.54 -13.56 -7.47
CA GLN A 67 -0.91 -14.16 -6.19
C GLN A 67 -2.34 -13.78 -5.83
N PRO A 68 -3.07 -14.68 -5.12
CA PRO A 68 -4.48 -14.48 -4.76
C PRO A 68 -4.70 -13.34 -3.76
N LEU A 69 -3.66 -12.54 -3.53
CA LEU A 69 -3.72 -11.36 -2.66
C LEU A 69 -3.79 -11.75 -1.18
N PRO A 70 -3.36 -10.83 -0.29
CA PRO A 70 -3.37 -11.05 1.15
C PRO A 70 -4.75 -11.47 1.68
N GLY A 71 -5.81 -10.92 1.09
CA GLY A 71 -7.15 -11.29 1.49
C GLY A 71 -7.69 -10.42 2.59
N ALA A 72 -6.81 -10.04 3.51
CA ALA A 72 -7.19 -9.22 4.65
C ALA A 72 -6.13 -8.16 4.90
N PHE A 73 -6.09 -7.18 4.02
CA PHE A 73 -5.12 -6.10 4.09
C PHE A 73 -5.84 -4.79 4.40
N ALA A 74 -5.31 -4.03 5.35
CA ALA A 74 -5.91 -2.75 5.73
C ALA A 74 -4.86 -1.80 6.29
N VAL A 75 -4.51 -0.78 5.52
CA VAL A 75 -3.55 0.22 5.97
C VAL A 75 -4.22 1.50 6.45
N ALA A 76 -5.46 1.72 6.02
CA ALA A 76 -6.20 2.92 6.39
C ALA A 76 -6.24 3.14 7.92
N PRO A 77 -6.65 2.12 8.73
CA PRO A 77 -6.70 2.25 10.19
C PRO A 77 -5.34 2.57 10.81
N TYR A 78 -4.27 2.25 10.09
CA TYR A 78 -2.93 2.52 10.58
C TYR A 78 -2.55 3.97 10.33
N TYR A 79 -2.85 4.45 9.13
CA TYR A 79 -2.51 5.82 8.75
C TYR A 79 -3.36 6.84 9.51
N GLU A 80 -4.42 6.36 10.15
CA GLU A 80 -5.20 7.21 11.05
C GLU A 80 -4.30 7.73 12.17
N MET A 81 -3.30 6.94 12.54
CA MET A 81 -2.36 7.31 13.60
C MET A 81 -1.09 7.90 13.01
N ALA A 82 -0.67 7.33 11.88
CA ALA A 82 0.61 7.67 11.27
C ALA A 82 0.56 9.00 10.53
N LEU A 83 -0.61 9.39 10.06
CA LEU A 83 -0.76 10.60 9.27
C LEU A 83 -1.40 11.70 10.10
N ALA A 84 -1.00 12.95 9.83
CA ALA A 84 -1.50 14.10 10.57
C ALA A 84 -3.02 14.18 10.55
N THR A 85 -3.61 14.19 11.75
CA THR A 85 -5.06 14.19 11.90
C THR A 85 -5.65 15.53 11.48
N ASP A 86 -5.07 16.63 11.94
CA ASP A 86 -5.60 17.96 11.69
C ASP A 86 -5.26 18.43 10.28
N HIS A 87 -4.67 17.55 9.50
CA HIS A 87 -4.24 17.89 8.15
C HIS A 87 -5.19 17.26 7.14
N PRO A 88 -6.16 18.05 6.62
CA PRO A 88 -7.24 17.58 5.73
C PRO A 88 -6.74 16.76 4.53
N GLN A 89 -5.49 16.96 4.12
CA GLN A 89 -4.92 16.19 3.01
C GLN A 89 -4.98 14.69 3.29
N ARG A 90 -5.07 14.32 4.57
CA ARG A 90 -5.13 12.91 4.95
C ARG A 90 -6.39 12.25 4.40
N ALA A 91 -7.45 13.03 4.23
CA ALA A 91 -8.72 12.50 3.75
C ALA A 91 -8.56 11.94 2.35
N LEU A 92 -7.80 12.64 1.53
CA LEU A 92 -7.50 12.20 0.17
C LEU A 92 -6.77 10.86 0.19
N ILE A 93 -5.78 10.77 1.06
CA ILE A 93 -4.95 9.57 1.16
C ILE A 93 -5.71 8.42 1.78
N LEU A 94 -6.45 8.69 2.85
CA LEU A 94 -7.21 7.65 3.55
C LEU A 94 -8.26 7.04 2.65
N ALA A 95 -8.97 7.89 1.90
CA ALA A 95 -9.98 7.41 0.96
C ALA A 95 -9.33 6.53 -0.09
N GLU A 96 -8.14 6.93 -0.53
CA GLU A 96 -7.38 6.16 -1.51
C GLU A 96 -6.95 4.83 -0.90
N LEU A 97 -6.50 4.87 0.35
CA LEU A 97 -6.06 3.69 1.07
C LEU A 97 -7.20 2.69 1.24
N GLU A 98 -8.35 3.16 1.70
CA GLU A 98 -9.52 2.30 1.87
C GLU A 98 -9.88 1.63 0.55
N LYS A 99 -9.77 2.39 -0.52
CA LYS A 99 -10.06 1.90 -1.85
C LYS A 99 -9.11 0.78 -2.24
N LEU A 100 -7.86 0.89 -1.79
CA LEU A 100 -6.85 -0.12 -2.05
C LEU A 100 -7.05 -1.33 -1.12
N ASP A 101 -7.36 -1.05 0.15
CA ASP A 101 -7.63 -2.11 1.11
C ASP A 101 -8.75 -3.01 0.62
N ALA A 102 -9.77 -2.40 0.02
CA ALA A 102 -10.92 -3.13 -0.52
C ALA A 102 -10.53 -3.96 -1.74
N LEU A 103 -9.46 -3.56 -2.42
CA LEU A 103 -9.00 -4.28 -3.60
C LEU A 103 -8.30 -5.58 -3.19
N PHE A 104 -7.61 -5.54 -2.06
CA PHE A 104 -6.90 -6.72 -1.56
C PHE A 104 -7.85 -7.69 -0.88
N ALA A 105 -9.08 -7.27 -0.67
CA ALA A 105 -10.08 -8.12 -0.04
C ALA A 105 -10.88 -8.89 -1.09
N ASP A 106 -10.96 -8.33 -2.28
CA ASP A 106 -11.76 -8.92 -3.34
C ASP A 106 -10.90 -9.26 -4.55
N ASP A 107 -10.51 -10.52 -4.65
CA ASP A 107 -9.77 -11.01 -5.81
C ASP A 107 -10.62 -11.96 -6.63
N ALA A 108 -10.69 -11.71 -7.92
CA ALA A 108 -11.39 -12.61 -8.84
C ALA A 108 -10.47 -13.76 -9.24
N SER A 109 -10.61 -14.88 -8.55
CA SER A 109 -9.75 -16.03 -8.77
C SER A 109 -10.27 -16.88 -9.93
N LEU A 110 -9.42 -17.79 -10.41
CA LEU A 110 -9.77 -18.62 -11.56
C LEU A 110 -10.52 -19.87 -11.13
N GLU A 111 -9.90 -20.65 -10.26
CA GLU A 111 -10.50 -21.88 -9.77
C GLU A 111 -11.53 -21.59 -8.71
N HIS A 112 -12.66 -22.27 -8.82
CA HIS A 112 -13.71 -22.18 -7.83
C HIS A 112 -13.95 -23.56 -7.24
N HIS A 113 -14.01 -23.65 -5.92
CA HIS A 113 -14.18 -24.94 -5.25
C HIS A 113 -15.53 -25.53 -5.65
N HIS A 114 -16.51 -24.66 -5.78
CA HIS A 114 -17.79 -25.02 -6.36
C HIS A 114 -17.97 -24.19 -7.62
N HIS A 115 -18.54 -24.78 -8.65
CA HIS A 115 -18.61 -24.12 -9.95
C HIS A 115 -19.66 -23.00 -9.97
N HIS A 116 -20.24 -22.72 -8.81
CA HIS A 116 -21.11 -21.56 -8.65
C HIS A 116 -20.72 -20.80 -7.39
N HIS A 117 -21.25 -21.23 -6.25
CA HIS A 117 -20.93 -20.64 -4.96
C HIS A 117 -21.21 -21.65 -3.85
N MET A 1 -9.90 -8.74 -17.45
CA MET A 1 -9.16 -7.99 -16.42
C MET A 1 -9.14 -8.77 -15.12
N THR A 2 -8.08 -8.63 -14.36
CA THR A 2 -7.95 -9.31 -13.09
C THR A 2 -7.92 -8.29 -11.95
N THR A 3 -8.04 -8.77 -10.73
CA THR A 3 -7.98 -7.89 -9.57
C THR A 3 -6.56 -7.31 -9.43
N HIS A 4 -5.57 -8.03 -9.98
CA HIS A 4 -4.19 -7.57 -9.95
C HIS A 4 -4.04 -6.28 -10.76
N ASP A 5 -4.85 -6.15 -11.82
CA ASP A 5 -4.84 -4.95 -12.64
C ASP A 5 -5.35 -3.76 -11.85
N ARG A 6 -6.46 -3.98 -11.16
CA ARG A 6 -7.09 -2.93 -10.37
C ARG A 6 -6.17 -2.43 -9.27
N VAL A 7 -5.44 -3.33 -8.63
CA VAL A 7 -4.46 -2.96 -7.63
C VAL A 7 -3.32 -2.18 -8.27
N ARG A 8 -2.87 -2.65 -9.43
CA ARG A 8 -1.79 -2.01 -10.17
C ARG A 8 -2.17 -0.58 -10.58
N LEU A 9 -3.38 -0.41 -11.09
CA LEU A 9 -3.87 0.90 -11.48
C LEU A 9 -4.03 1.80 -10.26
N GLN A 10 -4.34 1.18 -9.12
CA GLN A 10 -4.50 1.92 -7.87
C GLN A 10 -3.15 2.41 -7.37
N LEU A 11 -2.11 1.62 -7.62
CA LEU A 11 -0.76 2.03 -7.29
C LEU A 11 -0.38 3.27 -8.09
N GLN A 12 -0.80 3.29 -9.35
CA GLN A 12 -0.58 4.45 -10.21
C GLN A 12 -1.36 5.66 -9.70
N ALA A 13 -2.56 5.42 -9.19
CA ALA A 13 -3.40 6.49 -8.64
C ALA A 13 -2.77 7.05 -7.37
N LEU A 14 -2.28 6.17 -6.51
CA LEU A 14 -1.59 6.59 -5.30
C LEU A 14 -0.33 7.37 -5.67
N GLU A 15 0.40 6.87 -6.66
CA GLU A 15 1.57 7.56 -7.18
C GLU A 15 1.20 8.95 -7.68
N ALA A 16 0.08 9.05 -8.38
CA ALA A 16 -0.41 10.32 -8.89
C ALA A 16 -0.73 11.28 -7.75
N LEU A 17 -1.32 10.74 -6.68
CA LEU A 17 -1.65 11.53 -5.51
C LEU A 17 -0.36 12.05 -4.84
N LEU A 18 0.62 11.16 -4.73
CA LEU A 18 1.92 11.52 -4.17
C LEU A 18 2.59 12.58 -5.04
N ARG A 19 2.43 12.43 -6.34
CA ARG A 19 2.90 13.43 -7.30
C ARG A 19 2.29 14.80 -7.00
N GLU A 20 0.97 14.83 -6.85
CA GLU A 20 0.25 16.08 -6.61
C GLU A 20 0.72 16.75 -5.33
N HIS A 21 0.63 16.03 -4.21
CA HIS A 21 0.88 16.61 -2.91
C HIS A 21 2.38 16.63 -2.58
N GLN A 22 3.20 16.37 -3.60
CA GLN A 22 4.66 16.37 -3.49
C GLN A 22 5.13 15.43 -2.38
N HIS A 23 4.90 14.15 -2.58
CA HIS A 23 5.39 13.12 -1.67
C HIS A 23 6.05 12.01 -2.47
N TRP A 24 6.61 12.40 -3.60
CA TRP A 24 7.29 11.47 -4.49
C TRP A 24 8.80 11.69 -4.39
N ARG A 25 9.51 10.65 -4.02
CA ARG A 25 10.97 10.74 -3.87
C ARG A 25 11.64 9.59 -4.59
N ASN A 26 12.95 9.52 -4.46
CA ASN A 26 13.72 8.36 -4.88
C ASN A 26 14.78 8.07 -3.85
N ASP A 27 14.52 7.12 -2.97
CA ASP A 27 15.43 6.82 -1.88
C ASP A 27 16.26 5.59 -2.20
N GLU A 28 17.03 5.14 -1.22
CA GLU A 28 17.95 4.04 -1.42
C GLU A 28 17.39 2.76 -0.80
N PRO A 29 17.82 1.59 -1.31
CA PRO A 29 17.46 0.30 -0.72
C PRO A 29 18.24 0.05 0.56
N GLN A 30 17.94 0.85 1.58
CA GLN A 30 18.63 0.80 2.86
C GLN A 30 18.52 -0.58 3.49
N PRO A 31 19.64 -1.32 3.56
CA PRO A 31 19.68 -2.68 4.12
C PRO A 31 19.02 -2.79 5.49
N HIS A 32 19.26 -1.81 6.37
CA HIS A 32 18.71 -1.86 7.72
C HIS A 32 17.20 -1.67 7.71
N GLN A 33 16.68 -1.05 6.65
CA GLN A 33 15.26 -0.81 6.54
C GLN A 33 14.52 -2.11 6.25
N PHE A 34 14.87 -2.77 5.16
CA PHE A 34 14.19 -3.99 4.75
C PHE A 34 14.47 -5.13 5.72
N ASN A 35 15.51 -4.99 6.52
CA ASN A 35 15.85 -6.00 7.51
C ASN A 35 15.08 -5.78 8.80
N SER A 36 14.36 -4.67 8.88
CA SER A 36 13.43 -4.46 9.97
C SER A 36 12.28 -5.45 9.84
N THR A 37 11.90 -5.73 8.58
CA THR A 37 10.94 -6.77 8.25
C THR A 37 9.51 -6.41 8.71
N GLN A 38 9.38 -5.30 9.44
CA GLN A 38 8.08 -4.76 9.81
C GLN A 38 7.26 -4.49 8.55
N PRO A 39 5.94 -4.69 8.61
CA PRO A 39 5.05 -4.49 7.46
C PRO A 39 5.25 -3.14 6.79
N PHE A 40 5.45 -2.10 7.61
CA PHE A 40 5.64 -0.76 7.10
C PHE A 40 7.06 -0.26 7.37
N PHE A 41 7.90 -1.15 7.89
CA PHE A 41 9.27 -0.79 8.30
C PHE A 41 9.24 0.43 9.21
N MET A 42 8.22 0.47 10.08
CA MET A 42 7.86 1.65 10.87
C MET A 42 9.02 2.22 11.70
N ASP A 43 9.98 1.39 12.06
CA ASP A 43 11.12 1.84 12.84
C ASP A 43 12.10 2.61 11.98
N THR A 44 12.50 1.99 10.88
CA THR A 44 13.55 2.53 10.03
C THR A 44 13.00 3.52 9.00
N MET A 45 11.72 3.42 8.72
CA MET A 45 11.06 4.35 7.80
C MET A 45 9.70 4.75 8.35
N GLU A 46 9.36 6.01 8.21
CA GLU A 46 8.09 6.52 8.73
C GLU A 46 6.96 6.13 7.78
N PRO A 47 5.71 6.12 8.27
CA PRO A 47 4.53 5.87 7.43
C PRO A 47 4.47 6.86 6.26
N LEU A 48 5.05 8.03 6.46
CA LEU A 48 5.16 9.03 5.41
C LEU A 48 6.25 8.64 4.44
N GLU A 49 5.97 8.83 3.16
CA GLU A 49 6.90 8.51 2.06
C GLU A 49 6.99 7.01 1.83
N TRP A 50 6.66 6.21 2.83
CA TRP A 50 6.67 4.75 2.71
C TRP A 50 5.68 4.30 1.62
N LEU A 51 4.66 5.13 1.40
CA LEU A 51 3.66 4.88 0.36
C LEU A 51 4.32 4.60 -0.99
N GLN A 52 5.47 5.21 -1.22
CA GLN A 52 6.22 4.98 -2.43
C GLN A 52 7.57 4.34 -2.12
N TRP A 53 8.27 3.90 -3.15
CA TRP A 53 9.58 3.25 -3.02
C TRP A 53 9.45 1.83 -2.46
N VAL A 54 8.69 1.69 -1.37
CA VAL A 54 8.44 0.38 -0.81
C VAL A 54 7.08 -0.17 -1.23
N LEU A 55 6.01 0.42 -0.70
CA LEU A 55 4.66 -0.11 -0.89
C LEU A 55 4.32 -0.34 -2.36
N ILE A 56 4.34 0.71 -3.16
CA ILE A 56 3.96 0.61 -4.57
C ILE A 56 4.76 -0.47 -5.32
N PRO A 57 6.12 -0.40 -5.35
CA PRO A 57 6.92 -1.40 -6.07
C PRO A 57 6.82 -2.80 -5.46
N ARG A 58 6.68 -2.87 -4.14
CA ARG A 58 6.56 -4.15 -3.45
C ARG A 58 5.28 -4.86 -3.88
N MET A 59 4.22 -4.09 -4.03
CA MET A 59 2.95 -4.66 -4.48
C MET A 59 2.99 -4.96 -5.96
N HIS A 60 3.75 -4.19 -6.72
CA HIS A 60 3.99 -4.51 -8.13
C HIS A 60 4.57 -5.90 -8.26
N ASP A 61 5.49 -6.22 -7.37
CA ASP A 61 6.07 -7.57 -7.28
C ASP A 61 4.99 -8.62 -7.08
N LEU A 62 4.16 -8.42 -6.07
CA LEU A 62 3.07 -9.33 -5.74
C LEU A 62 2.11 -9.51 -6.94
N LEU A 63 1.78 -8.39 -7.57
CA LEU A 63 0.86 -8.39 -8.70
C LEU A 63 1.48 -9.04 -9.93
N ASP A 64 2.75 -8.74 -10.18
CA ASP A 64 3.45 -9.27 -11.35
C ASP A 64 3.65 -10.77 -11.23
N ASN A 65 3.98 -11.22 -10.02
CA ASN A 65 4.13 -12.65 -9.76
C ASN A 65 2.77 -13.34 -9.82
N LYS A 66 1.71 -12.54 -9.79
CA LYS A 66 0.34 -13.01 -9.96
C LYS A 66 -0.07 -13.93 -8.82
N GLN A 67 0.46 -13.67 -7.63
CA GLN A 67 0.14 -14.46 -6.47
C GLN A 67 -1.19 -13.98 -5.88
N PRO A 68 -1.93 -14.89 -5.22
CA PRO A 68 -3.17 -14.54 -4.52
C PRO A 68 -2.93 -13.47 -3.47
N LEU A 69 -3.84 -12.51 -3.37
CA LEU A 69 -3.66 -11.39 -2.47
C LEU A 69 -3.69 -11.85 -1.02
N PRO A 70 -2.91 -11.19 -0.14
CA PRO A 70 -2.80 -11.54 1.27
C PRO A 70 -4.16 -11.69 1.95
N GLY A 71 -5.11 -10.85 1.57
CA GLY A 71 -6.46 -10.94 2.13
C GLY A 71 -6.59 -10.24 3.47
N ALA A 72 -5.50 -10.20 4.21
CA ALA A 72 -5.47 -9.55 5.50
C ALA A 72 -4.35 -8.52 5.55
N PHE A 73 -4.52 -7.49 4.73
CA PHE A 73 -3.55 -6.40 4.66
C PHE A 73 -4.29 -5.08 4.61
N ALA A 74 -4.42 -4.46 5.77
CA ALA A 74 -5.09 -3.17 5.88
C ALA A 74 -4.08 -2.08 6.19
N VAL A 75 -4.23 -0.95 5.52
CA VAL A 75 -3.32 0.17 5.72
C VAL A 75 -4.09 1.43 6.08
N ALA A 76 -5.34 1.53 5.62
CA ALA A 76 -6.15 2.72 5.84
C ALA A 76 -6.42 2.96 7.33
N PRO A 77 -6.88 1.94 8.10
CA PRO A 77 -7.09 2.07 9.54
C PRO A 77 -5.82 2.48 10.27
N TYR A 78 -4.68 2.02 9.76
CA TYR A 78 -3.39 2.36 10.34
C TYR A 78 -3.03 3.81 10.05
N TYR A 79 -3.18 4.22 8.80
CA TYR A 79 -2.86 5.58 8.39
C TYR A 79 -3.83 6.59 9.00
N GLU A 80 -5.02 6.12 9.36
CA GLU A 80 -5.98 6.95 10.09
C GLU A 80 -5.40 7.37 11.44
N MET A 81 -4.43 6.59 11.92
CA MET A 81 -3.71 6.90 13.14
C MET A 81 -2.37 7.57 12.81
N ALA A 82 -1.62 6.93 11.92
CA ALA A 82 -0.27 7.37 11.55
C ALA A 82 -0.27 8.77 10.96
N LEU A 83 -1.24 9.05 10.09
CA LEU A 83 -1.37 10.38 9.52
C LEU A 83 -2.03 11.30 10.53
N ALA A 84 -1.23 11.79 11.46
CA ALA A 84 -1.72 12.68 12.51
C ALA A 84 -2.32 13.94 11.92
N THR A 85 -3.16 14.60 12.71
CA THR A 85 -3.88 15.78 12.25
C THR A 85 -2.96 17.00 12.18
N ASP A 86 -1.66 16.74 12.12
CA ASP A 86 -0.67 17.80 11.95
C ASP A 86 -0.81 18.41 10.56
N HIS A 87 -0.98 17.54 9.58
CA HIS A 87 -1.23 17.98 8.21
C HIS A 87 -2.64 17.56 7.79
N PRO A 88 -3.52 18.55 7.56
CA PRO A 88 -4.90 18.32 7.11
C PRO A 88 -4.94 17.73 5.70
N GLN A 89 -6.17 17.48 5.21
CA GLN A 89 -6.37 16.87 3.90
C GLN A 89 -5.83 15.45 3.86
N ARG A 90 -5.81 14.81 5.02
CA ARG A 90 -5.33 13.44 5.13
C ARG A 90 -6.38 12.46 4.61
N ALA A 91 -7.63 12.92 4.56
CA ALA A 91 -8.74 12.09 4.12
C ALA A 91 -8.64 11.80 2.63
N LEU A 92 -8.00 12.71 1.89
CA LEU A 92 -7.76 12.48 0.46
C LEU A 92 -6.85 11.27 0.29
N ILE A 93 -5.78 11.23 1.09
CA ILE A 93 -4.86 10.12 1.06
C ILE A 93 -5.56 8.85 1.53
N LEU A 94 -6.28 8.96 2.64
CA LEU A 94 -7.03 7.85 3.19
C LEU A 94 -8.04 7.31 2.18
N ALA A 95 -8.61 8.20 1.38
CA ALA A 95 -9.57 7.81 0.34
C ALA A 95 -8.94 6.83 -0.64
N GLU A 96 -7.79 7.21 -1.20
CA GLU A 96 -7.08 6.34 -2.13
C GLU A 96 -6.56 5.10 -1.41
N LEU A 97 -6.25 5.23 -0.13
CA LEU A 97 -5.79 4.11 0.68
C LEU A 97 -6.90 3.09 0.86
N GLU A 98 -8.11 3.55 1.18
CA GLU A 98 -9.26 2.67 1.35
C GLU A 98 -9.54 1.89 0.07
N LYS A 99 -9.31 2.54 -1.07
CA LYS A 99 -9.43 1.86 -2.36
C LYS A 99 -8.53 0.63 -2.40
N LEU A 100 -7.24 0.85 -2.18
CA LEU A 100 -6.26 -0.23 -2.18
C LEU A 100 -6.56 -1.24 -1.06
N ASP A 101 -6.95 -0.70 0.09
CA ASP A 101 -7.27 -1.51 1.26
C ASP A 101 -8.38 -2.50 0.94
N ALA A 102 -9.39 -2.03 0.22
CA ALA A 102 -10.51 -2.87 -0.17
C ALA A 102 -10.10 -3.86 -1.27
N LEU A 103 -9.13 -3.48 -2.08
CA LEU A 103 -8.67 -4.35 -3.18
C LEU A 103 -8.06 -5.63 -2.62
N PHE A 104 -7.35 -5.52 -1.50
CA PHE A 104 -6.75 -6.70 -0.88
C PHE A 104 -7.83 -7.57 -0.23
N ALA A 105 -9.03 -7.03 -0.11
CA ALA A 105 -10.16 -7.79 0.39
C ALA A 105 -11.05 -8.25 -0.77
N ASP A 106 -10.63 -7.90 -1.99
CA ASP A 106 -11.36 -8.26 -3.19
C ASP A 106 -11.04 -9.69 -3.61
N ASP A 107 -9.75 -10.04 -3.56
CA ASP A 107 -9.30 -11.39 -3.89
C ASP A 107 -9.41 -12.28 -2.67
N ALA A 108 -10.20 -11.83 -1.72
CA ALA A 108 -10.39 -12.56 -0.48
C ALA A 108 -11.71 -13.33 -0.52
N SER A 109 -12.37 -13.28 -1.68
CA SER A 109 -13.61 -14.03 -1.89
C SER A 109 -13.36 -15.53 -1.66
N LEU A 110 -12.27 -16.02 -2.20
CA LEU A 110 -11.87 -17.39 -1.99
C LEU A 110 -10.89 -17.47 -0.83
N GLU A 111 -11.41 -17.73 0.36
CA GLU A 111 -10.59 -17.82 1.55
C GLU A 111 -9.61 -18.98 1.45
N HIS A 112 -10.03 -20.05 0.80
CA HIS A 112 -9.12 -21.10 0.42
C HIS A 112 -8.52 -20.77 -0.95
N HIS A 113 -7.42 -20.03 -0.94
CA HIS A 113 -6.84 -19.51 -2.18
C HIS A 113 -6.22 -20.63 -3.02
N HIS A 114 -6.14 -21.81 -2.46
CA HIS A 114 -5.60 -22.96 -3.18
C HIS A 114 -6.74 -23.78 -3.80
N HIS A 115 -7.96 -23.28 -3.65
CA HIS A 115 -9.13 -23.93 -4.23
C HIS A 115 -9.90 -22.95 -5.10
N HIS A 116 -10.13 -23.33 -6.35
CA HIS A 116 -10.79 -22.45 -7.31
C HIS A 116 -11.86 -23.21 -8.08
N HIS A 117 -12.70 -22.47 -8.79
CA HIS A 117 -13.69 -23.06 -9.67
C HIS A 117 -13.77 -22.27 -10.97
N MET A 1 -8.68 -12.30 -13.06
CA MET A 1 -7.27 -11.93 -12.81
C MET A 1 -7.06 -10.43 -12.96
N THR A 2 -8.06 -9.75 -13.53
CA THR A 2 -7.98 -8.33 -13.83
C THR A 2 -7.85 -7.47 -12.57
N THR A 3 -8.25 -8.02 -11.43
CA THR A 3 -8.12 -7.32 -10.16
C THR A 3 -6.66 -6.90 -9.91
N HIS A 4 -5.73 -7.80 -10.24
CA HIS A 4 -4.31 -7.53 -10.06
C HIS A 4 -3.89 -6.32 -10.88
N ASP A 5 -4.47 -6.18 -12.06
CA ASP A 5 -4.18 -5.05 -12.94
C ASP A 5 -4.72 -3.74 -12.35
N ARG A 6 -5.92 -3.81 -11.81
CA ARG A 6 -6.55 -2.64 -11.20
C ARG A 6 -5.77 -2.18 -9.98
N VAL A 7 -5.21 -3.14 -9.25
CA VAL A 7 -4.37 -2.82 -8.09
C VAL A 7 -3.13 -2.04 -8.54
N ARG A 8 -2.55 -2.45 -9.66
CA ARG A 8 -1.40 -1.75 -10.22
C ARG A 8 -1.76 -0.30 -10.55
N LEU A 9 -2.94 -0.12 -11.15
CA LEU A 9 -3.43 1.21 -11.48
C LEU A 9 -3.63 2.04 -10.22
N GLN A 10 -4.11 1.39 -9.16
CA GLN A 10 -4.33 2.05 -7.88
C GLN A 10 -3.00 2.54 -7.32
N LEU A 11 -1.99 1.69 -7.38
CA LEU A 11 -0.64 2.04 -6.91
C LEU A 11 -0.14 3.27 -7.66
N GLN A 12 -0.37 3.29 -8.96
CA GLN A 12 0.05 4.41 -9.79
C GLN A 12 -0.71 5.69 -9.40
N ALA A 13 -1.97 5.53 -9.02
CA ALA A 13 -2.78 6.65 -8.57
C ALA A 13 -2.28 7.19 -7.24
N LEU A 14 -1.91 6.28 -6.34
CA LEU A 14 -1.36 6.65 -5.04
C LEU A 14 -0.05 7.41 -5.24
N GLU A 15 0.77 6.92 -6.15
CA GLU A 15 2.02 7.61 -6.51
C GLU A 15 1.71 9.01 -7.03
N ALA A 16 0.74 9.10 -7.93
CA ALA A 16 0.34 10.36 -8.54
C ALA A 16 -0.15 11.35 -7.48
N LEU A 17 -0.74 10.82 -6.42
CA LEU A 17 -1.22 11.65 -5.32
C LEU A 17 -0.05 12.35 -4.64
N LEU A 18 0.97 11.57 -4.29
CA LEU A 18 2.14 12.11 -3.61
C LEU A 18 3.07 12.80 -4.59
N ARG A 19 2.81 12.61 -5.88
CA ARG A 19 3.56 13.31 -6.93
C ARG A 19 3.09 14.76 -7.00
N GLU A 20 1.77 14.94 -7.13
CA GLU A 20 1.21 16.28 -7.21
C GLU A 20 1.19 16.94 -5.84
N HIS A 21 1.01 16.14 -4.80
CA HIS A 21 1.20 16.60 -3.43
C HIS A 21 2.64 16.34 -3.05
N GLN A 22 3.53 16.84 -3.91
CA GLN A 22 4.98 16.65 -3.87
C GLN A 22 5.54 16.29 -2.50
N HIS A 23 5.50 15.01 -2.20
CA HIS A 23 6.18 14.46 -1.03
C HIS A 23 6.80 13.13 -1.41
N TRP A 24 6.77 12.84 -2.70
CA TRP A 24 7.25 11.57 -3.23
C TRP A 24 8.77 11.56 -3.31
N ARG A 25 9.36 10.50 -2.78
CA ARG A 25 10.81 10.33 -2.82
C ARG A 25 11.33 10.25 -4.25
N ASN A 26 12.18 11.18 -4.62
CA ASN A 26 12.90 11.10 -5.89
C ASN A 26 14.24 10.41 -5.64
N ASP A 27 14.25 9.54 -4.64
CA ASP A 27 15.45 8.86 -4.20
C ASP A 27 15.39 7.39 -4.64
N GLU A 28 16.14 6.52 -3.99
CA GLU A 28 16.18 5.11 -4.36
C GLU A 28 16.43 4.25 -3.13
N PRO A 29 15.66 3.16 -2.96
CA PRO A 29 15.70 2.30 -1.76
C PRO A 29 17.11 1.89 -1.32
N GLN A 30 17.42 2.19 -0.07
CA GLN A 30 18.68 1.79 0.55
C GLN A 30 18.43 0.77 1.65
N PRO A 31 19.35 -0.19 1.84
CA PRO A 31 19.22 -1.27 2.81
C PRO A 31 18.90 -0.80 4.24
N HIS A 32 19.42 0.36 4.63
CA HIS A 32 19.18 0.89 5.98
C HIS A 32 17.69 1.23 6.16
N GLN A 33 17.00 1.50 5.07
CA GLN A 33 15.58 1.81 5.12
C GLN A 33 14.77 0.55 5.42
N PHE A 34 15.37 -0.60 5.13
CA PHE A 34 14.73 -1.89 5.35
C PHE A 34 15.26 -2.52 6.65
N ASN A 35 15.90 -1.71 7.46
CA ASN A 35 16.47 -2.17 8.73
C ASN A 35 15.36 -2.36 9.76
N SER A 36 15.67 -3.09 10.84
CA SER A 36 14.70 -3.41 11.90
C SER A 36 13.61 -4.36 11.42
N THR A 37 13.65 -4.70 10.12
CA THR A 37 12.69 -5.60 9.47
C THR A 37 11.27 -5.46 10.02
N GLN A 38 10.67 -4.31 9.74
CA GLN A 38 9.31 -4.03 10.17
C GLN A 38 8.37 -4.00 8.96
N PRO A 39 7.14 -4.49 9.12
CA PRO A 39 6.16 -4.55 8.03
C PRO A 39 5.83 -3.17 7.46
N PHE A 40 5.92 -2.16 8.31
CA PHE A 40 5.63 -0.79 7.91
C PHE A 40 6.86 0.11 8.04
N PHE A 41 7.97 -0.49 8.52
CA PHE A 41 9.21 0.25 8.79
C PHE A 41 8.93 1.53 9.59
N MET A 42 8.74 1.37 10.89
CA MET A 42 8.30 2.45 11.74
C MET A 42 9.49 3.17 12.38
N ASP A 43 10.61 2.46 12.48
CA ASP A 43 11.82 3.02 13.08
C ASP A 43 12.74 3.64 12.03
N THR A 44 12.96 2.92 10.95
CA THR A 44 13.88 3.34 9.92
C THR A 44 13.34 4.54 9.12
N MET A 45 12.04 4.55 8.90
CA MET A 45 11.40 5.61 8.14
C MET A 45 10.17 6.08 8.87
N GLU A 46 9.52 7.11 8.35
CA GLU A 46 8.23 7.55 8.87
C GLU A 46 7.13 6.75 8.18
N PRO A 47 6.02 6.48 8.88
CA PRO A 47 4.93 5.65 8.35
C PRO A 47 4.42 6.11 6.98
N LEU A 48 4.55 7.40 6.71
CA LEU A 48 4.09 7.96 5.42
C LEU A 48 5.03 7.53 4.29
N GLU A 49 6.29 7.30 4.62
CA GLU A 49 7.30 6.97 3.63
C GLU A 49 7.19 5.51 3.20
N TRP A 50 6.44 4.72 3.96
CA TRP A 50 6.27 3.30 3.67
C TRP A 50 5.60 3.10 2.32
N LEU A 51 4.71 4.02 1.96
CA LEU A 51 4.05 3.99 0.66
C LEU A 51 5.06 4.16 -0.47
N GLN A 52 6.13 4.88 -0.16
CA GLN A 52 7.07 5.33 -1.16
C GLN A 52 8.26 4.38 -1.28
N TRP A 53 8.34 3.72 -2.42
CA TRP A 53 9.47 2.84 -2.76
C TRP A 53 9.47 1.55 -1.94
N VAL A 54 8.48 1.37 -1.09
CA VAL A 54 8.29 0.07 -0.47
C VAL A 54 6.97 -0.53 -0.87
N LEU A 55 5.86 -0.02 -0.32
CA LEU A 55 4.54 -0.60 -0.56
C LEU A 55 4.23 -0.73 -2.04
N ILE A 56 4.29 0.39 -2.76
CA ILE A 56 3.95 0.39 -4.19
C ILE A 56 4.83 -0.59 -4.99
N PRO A 57 6.18 -0.48 -4.93
CA PRO A 57 7.07 -1.43 -5.63
C PRO A 57 6.90 -2.87 -5.14
N ARG A 58 6.70 -3.05 -3.83
CA ARG A 58 6.55 -4.38 -3.27
C ARG A 58 5.26 -5.00 -3.76
N MET A 59 4.22 -4.18 -3.92
CA MET A 59 2.95 -4.64 -4.47
C MET A 59 3.09 -4.95 -5.96
N HIS A 60 3.95 -4.21 -6.66
CA HIS A 60 4.25 -4.54 -8.05
C HIS A 60 4.83 -5.95 -8.14
N ASP A 61 5.73 -6.26 -7.21
CA ASP A 61 6.32 -7.58 -7.11
C ASP A 61 5.26 -8.62 -6.75
N LEU A 62 4.38 -8.25 -5.82
CA LEU A 62 3.30 -9.12 -5.41
C LEU A 62 2.32 -9.37 -6.55
N LEU A 63 2.05 -8.33 -7.34
CA LEU A 63 1.14 -8.43 -8.47
C LEU A 63 1.78 -9.22 -9.61
N ASP A 64 3.09 -9.11 -9.74
CA ASP A 64 3.84 -9.92 -10.70
C ASP A 64 3.74 -11.39 -10.31
N ASN A 65 3.99 -11.66 -9.04
CA ASN A 65 3.81 -13.00 -8.49
C ASN A 65 2.33 -13.37 -8.51
N LYS A 66 1.50 -12.33 -8.62
CA LYS A 66 0.04 -12.45 -8.73
C LYS A 66 -0.57 -12.84 -7.40
N GLN A 67 -0.45 -14.11 -7.02
CA GLN A 67 -0.87 -14.58 -5.70
C GLN A 67 -2.39 -14.44 -5.50
N PRO A 68 -2.93 -15.13 -4.48
CA PRO A 68 -4.34 -14.98 -4.09
C PRO A 68 -4.59 -13.66 -3.36
N LEU A 69 -3.50 -12.93 -3.12
CA LEU A 69 -3.54 -11.61 -2.46
C LEU A 69 -3.87 -11.73 -0.97
N PRO A 70 -3.33 -10.82 -0.15
CA PRO A 70 -3.65 -10.74 1.26
C PRO A 70 -5.09 -10.26 1.49
N GLY A 71 -5.97 -11.19 1.82
CA GLY A 71 -7.39 -10.87 1.93
C GLY A 71 -7.74 -10.17 3.23
N ALA A 72 -6.73 -9.74 3.97
CA ALA A 72 -6.93 -9.04 5.22
C ALA A 72 -6.01 -7.84 5.31
N PHE A 73 -5.62 -7.32 4.15
CA PHE A 73 -4.72 -6.19 4.09
C PHE A 73 -5.47 -4.87 4.15
N ALA A 74 -5.44 -4.24 5.32
CA ALA A 74 -6.11 -2.96 5.52
C ALA A 74 -5.21 -2.02 6.31
N VAL A 75 -4.67 -1.03 5.62
CA VAL A 75 -3.72 -0.11 6.23
C VAL A 75 -4.38 1.23 6.55
N ALA A 76 -5.63 1.39 6.15
CA ALA A 76 -6.38 2.61 6.43
C ALA A 76 -6.44 2.90 7.94
N PRO A 77 -6.81 1.91 8.80
CA PRO A 77 -6.82 2.12 10.26
C PRO A 77 -5.44 2.41 10.81
N TYR A 78 -4.40 1.98 10.09
CA TYR A 78 -3.03 2.24 10.51
C TYR A 78 -2.65 3.69 10.20
N TYR A 79 -3.00 4.16 9.02
CA TYR A 79 -2.70 5.53 8.63
C TYR A 79 -3.65 6.51 9.30
N GLU A 80 -4.74 6.01 9.85
CA GLU A 80 -5.60 6.81 10.70
C GLU A 80 -4.83 7.22 11.95
N MET A 81 -3.91 6.35 12.36
CA MET A 81 -3.03 6.62 13.50
C MET A 81 -1.79 7.37 13.04
N ALA A 82 -1.25 6.94 11.90
CA ALA A 82 -0.03 7.51 11.36
C ALA A 82 -0.23 8.95 10.93
N LEU A 83 -1.29 9.21 10.18
CA LEU A 83 -1.61 10.55 9.73
C LEU A 83 -2.45 11.25 10.78
N ALA A 84 -1.80 12.13 11.53
CA ALA A 84 -2.48 12.86 12.60
C ALA A 84 -3.20 14.09 12.04
N THR A 85 -3.45 15.05 12.92
CA THR A 85 -4.17 16.26 12.56
C THR A 85 -3.33 17.16 11.65
N ASP A 86 -2.03 16.90 11.59
CA ASP A 86 -1.13 17.64 10.72
C ASP A 86 -1.20 17.05 9.31
N HIS A 87 -0.44 17.64 8.38
CA HIS A 87 -0.47 17.23 6.97
C HIS A 87 -1.77 17.66 6.30
N PRO A 88 -1.67 18.44 5.22
CA PRO A 88 -2.84 18.88 4.44
C PRO A 88 -3.53 17.70 3.74
N GLN A 89 -4.81 17.51 4.07
CA GLN A 89 -5.66 16.48 3.45
C GLN A 89 -5.16 15.07 3.78
N ARG A 90 -5.57 14.56 4.92
CA ARG A 90 -5.23 13.21 5.34
C ARG A 90 -6.24 12.20 4.79
N ALA A 91 -7.47 12.67 4.58
CA ALA A 91 -8.56 11.82 4.13
C ALA A 91 -8.35 11.28 2.72
N LEU A 92 -7.74 12.10 1.86
CA LEU A 92 -7.50 11.69 0.47
C LEU A 92 -6.60 10.45 0.42
N ILE A 93 -5.62 10.41 1.30
CA ILE A 93 -4.72 9.26 1.39
C ILE A 93 -5.50 8.05 1.88
N LEU A 94 -6.33 8.26 2.89
CA LEU A 94 -7.17 7.21 3.45
C LEU A 94 -8.12 6.66 2.39
N ALA A 95 -8.64 7.54 1.53
CA ALA A 95 -9.53 7.16 0.46
C ALA A 95 -8.85 6.14 -0.47
N GLU A 96 -7.61 6.41 -0.83
CA GLU A 96 -6.83 5.50 -1.66
C GLU A 96 -6.60 4.17 -0.92
N LEU A 97 -6.31 4.26 0.37
CA LEU A 97 -6.05 3.08 1.18
C LEU A 97 -7.30 2.20 1.28
N GLU A 98 -8.45 2.84 1.46
CA GLU A 98 -9.73 2.13 1.50
C GLU A 98 -10.01 1.47 0.16
N LYS A 99 -9.64 2.15 -0.90
CA LYS A 99 -9.87 1.66 -2.26
C LYS A 99 -9.05 0.40 -2.50
N LEU A 100 -7.79 0.44 -2.10
CA LEU A 100 -6.90 -0.70 -2.24
C LEU A 100 -7.39 -1.88 -1.38
N ASP A 101 -7.82 -1.56 -0.17
CA ASP A 101 -8.36 -2.55 0.76
C ASP A 101 -9.56 -3.28 0.15
N ALA A 102 -10.42 -2.52 -0.53
CA ALA A 102 -11.61 -3.09 -1.16
C ALA A 102 -11.24 -4.07 -2.26
N LEU A 103 -10.10 -3.82 -2.92
CA LEU A 103 -9.63 -4.68 -3.98
C LEU A 103 -9.20 -6.04 -3.44
N PHE A 104 -8.53 -6.02 -2.28
CA PHE A 104 -8.09 -7.26 -1.65
C PHE A 104 -9.25 -7.97 -0.96
N ALA A 105 -10.33 -7.24 -0.75
CA ALA A 105 -11.49 -7.76 -0.03
C ALA A 105 -12.31 -8.72 -0.88
N ASP A 106 -12.44 -8.43 -2.16
CA ASP A 106 -13.31 -9.22 -3.03
C ASP A 106 -12.71 -9.38 -4.43
N ASP A 107 -12.47 -10.63 -4.81
CA ASP A 107 -11.96 -10.95 -6.13
C ASP A 107 -12.91 -11.91 -6.83
N ALA A 108 -12.82 -11.99 -8.16
CA ALA A 108 -13.73 -12.79 -8.95
C ALA A 108 -13.47 -14.29 -8.81
N SER A 109 -12.39 -14.66 -8.12
CA SER A 109 -12.07 -16.06 -7.90
C SER A 109 -12.88 -16.63 -6.73
N LEU A 110 -13.58 -15.75 -6.02
CA LEU A 110 -14.36 -16.17 -4.87
C LEU A 110 -15.85 -16.00 -5.12
N GLU A 111 -16.64 -16.89 -4.53
CA GLU A 111 -18.09 -16.79 -4.58
C GLU A 111 -18.56 -15.63 -3.70
N HIS A 112 -19.50 -14.85 -4.19
CA HIS A 112 -20.00 -13.72 -3.43
C HIS A 112 -20.87 -14.22 -2.29
N HIS A 113 -21.84 -15.07 -2.62
CA HIS A 113 -22.58 -15.80 -1.60
C HIS A 113 -21.85 -17.10 -1.30
N HIS A 114 -21.17 -17.12 -0.16
CA HIS A 114 -20.26 -18.20 0.18
C HIS A 114 -21.02 -19.47 0.55
N HIS A 115 -20.31 -20.58 0.53
CA HIS A 115 -20.88 -21.88 0.86
C HIS A 115 -19.99 -22.62 1.83
N HIS A 116 -20.54 -23.60 2.50
CA HIS A 116 -19.78 -24.47 3.39
C HIS A 116 -19.68 -25.86 2.79
N HIS A 117 -20.70 -26.24 2.01
CA HIS A 117 -20.71 -27.53 1.35
C HIS A 117 -21.90 -27.60 0.38
N MET A 1 -9.83 -12.90 -10.73
CA MET A 1 -8.54 -12.78 -11.44
C MET A 1 -8.20 -11.32 -11.70
N THR A 2 -9.19 -10.56 -12.14
CA THR A 2 -8.97 -9.19 -12.61
C THR A 2 -8.79 -8.21 -11.45
N THR A 3 -8.81 -8.73 -10.22
CA THR A 3 -8.60 -7.90 -9.05
C THR A 3 -7.13 -7.47 -8.94
N HIS A 4 -6.24 -8.29 -9.49
CA HIS A 4 -4.82 -7.92 -9.55
C HIS A 4 -4.66 -6.61 -10.30
N ASP A 5 -5.37 -6.52 -11.42
CA ASP A 5 -5.35 -5.35 -12.29
C ASP A 5 -5.82 -4.12 -11.52
N ARG A 6 -6.80 -4.32 -10.63
CA ARG A 6 -7.32 -3.23 -9.80
C ARG A 6 -6.21 -2.61 -8.97
N VAL A 7 -5.53 -3.46 -8.21
CA VAL A 7 -4.51 -3.01 -7.27
C VAL A 7 -3.38 -2.28 -8.00
N ARG A 8 -3.04 -2.73 -9.19
CA ARG A 8 -1.95 -2.12 -9.94
C ARG A 8 -2.33 -0.70 -10.37
N LEU A 9 -3.55 -0.54 -10.86
CA LEU A 9 -4.04 0.78 -11.25
C LEU A 9 -4.17 1.67 -10.02
N GLN A 10 -4.46 1.07 -8.88
CA GLN A 10 -4.58 1.81 -7.64
C GLN A 10 -3.20 2.23 -7.13
N LEU A 11 -2.19 1.40 -7.38
CA LEU A 11 -0.82 1.75 -7.05
C LEU A 11 -0.36 2.93 -7.89
N GLN A 12 -0.85 2.99 -9.12
CA GLN A 12 -0.55 4.12 -10.00
C GLN A 12 -1.41 5.33 -9.65
N ALA A 13 -2.60 5.07 -9.10
CA ALA A 13 -3.44 6.14 -8.60
C ALA A 13 -2.80 6.79 -7.38
N LEU A 14 -2.37 5.95 -6.45
CA LEU A 14 -1.63 6.41 -5.28
C LEU A 14 -0.33 7.09 -5.72
N GLU A 15 0.29 6.51 -6.74
CA GLU A 15 1.49 7.08 -7.34
C GLU A 15 1.23 8.51 -7.81
N ALA A 16 0.09 8.71 -8.48
CA ALA A 16 -0.30 10.02 -8.96
C ALA A 16 -0.54 10.99 -7.81
N LEU A 17 -1.19 10.50 -6.75
CA LEU A 17 -1.44 11.31 -5.57
C LEU A 17 -0.12 11.71 -4.92
N LEU A 18 0.77 10.75 -4.72
CA LEU A 18 2.09 11.03 -4.16
C LEU A 18 2.87 11.95 -5.09
N ARG A 19 2.62 11.80 -6.38
CA ARG A 19 3.23 12.63 -7.42
C ARG A 19 2.80 14.09 -7.25
N GLU A 20 1.50 14.32 -7.20
CA GLU A 20 0.96 15.67 -7.04
C GLU A 20 1.42 16.29 -5.72
N HIS A 21 1.37 15.49 -4.66
CA HIS A 21 1.71 15.98 -3.33
C HIS A 21 3.22 15.90 -3.10
N GLN A 22 3.95 15.67 -4.19
CA GLN A 22 5.41 15.77 -4.21
C GLN A 22 6.10 14.88 -3.17
N HIS A 23 5.58 13.68 -3.00
CA HIS A 23 6.27 12.68 -2.20
C HIS A 23 6.88 11.65 -3.13
N TRP A 24 6.56 11.77 -4.41
CA TRP A 24 7.10 10.89 -5.42
C TRP A 24 8.38 11.48 -6.00
N ARG A 25 9.50 11.12 -5.41
CA ARG A 25 10.79 11.64 -5.85
C ARG A 25 11.64 10.54 -6.44
N ASN A 26 12.72 10.94 -7.09
CA ASN A 26 13.67 10.01 -7.69
C ASN A 26 14.62 9.48 -6.61
N ASP A 27 14.68 10.20 -5.51
CA ASP A 27 15.55 9.84 -4.40
C ASP A 27 14.86 8.84 -3.48
N GLU A 28 15.50 7.70 -3.26
CA GLU A 28 14.97 6.72 -2.34
C GLU A 28 15.73 6.77 -1.01
N PRO A 29 15.04 6.50 0.11
CA PRO A 29 15.63 6.50 1.45
C PRO A 29 16.84 5.59 1.58
N GLN A 30 17.59 5.78 2.66
CA GLN A 30 18.83 5.05 2.91
C GLN A 30 18.59 3.53 2.94
N PRO A 31 19.56 2.75 2.41
CA PRO A 31 19.47 1.28 2.41
C PRO A 31 19.44 0.70 3.82
N HIS A 32 20.03 1.44 4.77
CA HIS A 32 20.01 1.03 6.18
C HIS A 32 18.57 1.01 6.71
N GLN A 33 17.71 1.79 6.08
CA GLN A 33 16.30 1.85 6.45
C GLN A 33 15.57 0.61 5.96
N PHE A 34 16.05 0.05 4.86
CA PHE A 34 15.46 -1.15 4.27
C PHE A 34 15.85 -2.39 5.08
N ASN A 35 16.76 -2.18 6.02
CA ASN A 35 17.26 -3.25 6.87
C ASN A 35 16.30 -3.49 8.05
N SER A 36 15.38 -2.55 8.24
CA SER A 36 14.36 -2.70 9.26
C SER A 36 13.28 -3.66 8.78
N THR A 37 13.33 -4.89 9.26
CA THR A 37 12.39 -5.91 8.82
C THR A 37 11.10 -5.85 9.65
N GLN A 38 10.98 -4.79 10.44
CA GLN A 38 9.75 -4.49 11.17
C GLN A 38 8.62 -4.25 10.17
N PRO A 39 7.39 -4.68 10.49
CA PRO A 39 6.21 -4.34 9.71
C PRO A 39 6.10 -2.84 9.51
N PHE A 40 5.77 -2.43 8.29
CA PHE A 40 5.69 -1.00 7.93
C PHE A 40 7.06 -0.33 8.09
N PHE A 41 8.10 -1.13 8.31
CA PHE A 41 9.46 -0.64 8.53
C PHE A 41 9.51 0.37 9.68
N MET A 42 8.68 0.12 10.68
CA MET A 42 8.57 0.99 11.85
C MET A 42 9.72 0.75 12.81
N ASP A 43 10.90 1.24 12.44
CA ASP A 43 12.10 1.06 13.24
C ASP A 43 13.09 2.20 13.00
N THR A 44 13.59 2.30 11.78
CA THR A 44 14.54 3.34 11.43
C THR A 44 13.86 4.70 11.34
N MET A 45 12.69 4.73 10.72
CA MET A 45 11.91 5.95 10.61
C MET A 45 10.47 5.71 11.05
N GLU A 46 9.65 6.73 10.88
CA GLU A 46 8.25 6.66 11.28
C GLU A 46 7.41 5.99 10.19
N PRO A 47 6.25 5.41 10.57
CA PRO A 47 5.38 4.71 9.63
C PRO A 47 4.70 5.65 8.64
N LEU A 48 5.32 5.84 7.48
CA LEU A 48 4.76 6.73 6.46
C LEU A 48 5.26 6.33 5.07
N GLU A 49 6.57 6.42 4.86
CA GLU A 49 7.16 6.22 3.54
C GLU A 49 7.13 4.75 3.12
N TRP A 50 6.69 3.88 4.01
CA TRP A 50 6.54 2.46 3.71
C TRP A 50 5.57 2.27 2.55
N LEU A 51 4.52 3.09 2.56
CA LEU A 51 3.45 3.02 1.57
C LEU A 51 4.00 3.16 0.15
N GLN A 52 4.96 4.05 -0.03
CA GLN A 52 5.47 4.35 -1.37
C GLN A 52 6.78 3.63 -1.68
N TRP A 53 7.65 3.52 -0.69
CA TRP A 53 8.99 2.99 -0.92
C TRP A 53 9.01 1.46 -0.86
N VAL A 54 8.11 0.88 -0.08
CA VAL A 54 8.08 -0.57 0.08
C VAL A 54 6.85 -1.16 -0.57
N LEU A 55 5.67 -0.71 -0.14
CA LEU A 55 4.41 -1.32 -0.56
C LEU A 55 4.24 -1.28 -2.07
N ILE A 56 4.31 -0.10 -2.67
CA ILE A 56 4.10 0.06 -4.11
C ILE A 56 5.01 -0.87 -4.93
N PRO A 57 6.36 -0.80 -4.78
CA PRO A 57 7.28 -1.67 -5.54
C PRO A 57 7.07 -3.15 -5.22
N ARG A 58 6.77 -3.45 -3.96
CA ARG A 58 6.57 -4.82 -3.53
C ARG A 58 5.32 -5.42 -4.16
N MET A 59 4.24 -4.65 -4.18
CA MET A 59 2.98 -5.14 -4.73
C MET A 59 3.05 -5.21 -6.25
N HIS A 60 3.85 -4.35 -6.86
CA HIS A 60 4.09 -4.42 -8.30
C HIS A 60 4.66 -5.79 -8.65
N ASP A 61 5.63 -6.23 -7.85
CA ASP A 61 6.22 -7.56 -7.99
C ASP A 61 5.16 -8.65 -7.80
N LEU A 62 4.37 -8.50 -6.76
CA LEU A 62 3.33 -9.48 -6.43
C LEU A 62 2.29 -9.58 -7.54
N LEU A 63 1.86 -8.42 -8.05
CA LEU A 63 0.83 -8.37 -9.08
C LEU A 63 1.35 -8.88 -10.42
N ASP A 64 2.60 -8.53 -10.74
CA ASP A 64 3.19 -8.94 -12.02
C ASP A 64 3.54 -10.42 -11.99
N ASN A 65 3.81 -10.92 -10.78
CA ASN A 65 4.11 -12.34 -10.59
C ASN A 65 2.81 -13.14 -10.58
N LYS A 66 1.69 -12.42 -10.51
CA LYS A 66 0.34 -12.99 -10.58
C LYS A 66 0.03 -13.86 -9.35
N GLN A 67 0.64 -13.48 -8.23
CA GLN A 67 0.44 -14.21 -6.97
C GLN A 67 -0.91 -13.85 -6.35
N PRO A 68 -1.47 -14.76 -5.54
CA PRO A 68 -2.73 -14.51 -4.83
C PRO A 68 -2.60 -13.34 -3.85
N LEU A 69 -3.58 -12.45 -3.85
CA LEU A 69 -3.55 -11.28 -2.99
C LEU A 69 -3.81 -11.66 -1.53
N PRO A 70 -3.20 -10.94 -0.59
CA PRO A 70 -3.51 -11.09 0.83
C PRO A 70 -4.92 -10.56 1.15
N GLY A 71 -5.83 -11.46 1.47
CA GLY A 71 -7.20 -11.09 1.74
C GLY A 71 -7.34 -10.27 3.01
N ALA A 72 -6.40 -10.45 3.93
CA ALA A 72 -6.42 -9.71 5.18
C ALA A 72 -5.41 -8.58 5.15
N PHE A 73 -5.49 -7.77 4.10
CA PHE A 73 -4.62 -6.63 3.95
C PHE A 73 -5.40 -5.35 4.22
N ALA A 74 -4.95 -4.57 5.18
CA ALA A 74 -5.60 -3.31 5.52
C ALA A 74 -4.59 -2.35 6.13
N VAL A 75 -4.35 -1.25 5.44
CA VAL A 75 -3.41 -0.24 5.92
C VAL A 75 -4.11 1.06 6.26
N ALA A 76 -5.31 1.27 5.73
CA ALA A 76 -6.07 2.49 5.97
C ALA A 76 -6.35 2.70 7.46
N PRO A 77 -6.88 1.68 8.19
CA PRO A 77 -7.16 1.82 9.63
C PRO A 77 -5.93 2.20 10.44
N TYR A 78 -4.76 1.78 10.00
CA TYR A 78 -3.54 2.05 10.74
C TYR A 78 -3.02 3.45 10.41
N TYR A 79 -2.94 3.78 9.13
CA TYR A 79 -2.45 5.09 8.71
C TYR A 79 -3.38 6.21 9.18
N GLU A 80 -4.64 5.87 9.43
CA GLU A 80 -5.58 6.81 10.02
C GLU A 80 -5.05 7.32 11.36
N MET A 81 -4.42 6.42 12.10
CA MET A 81 -3.88 6.76 13.42
C MET A 81 -2.42 7.22 13.29
N ALA A 82 -1.70 6.58 12.37
CA ALA A 82 -0.30 6.89 12.16
C ALA A 82 -0.11 8.31 11.65
N LEU A 83 -1.06 8.78 10.87
CA LEU A 83 -1.01 10.14 10.35
C LEU A 83 -1.96 11.02 11.15
N ALA A 84 -1.39 12.08 11.73
CA ALA A 84 -2.11 12.97 12.64
C ALA A 84 -3.40 13.52 12.04
N THR A 85 -4.46 13.52 12.84
CA THR A 85 -5.76 14.01 12.41
C THR A 85 -5.71 15.50 12.07
N ASP A 86 -4.79 16.22 12.70
CA ASP A 86 -4.63 17.65 12.49
C ASP A 86 -3.85 17.94 11.22
N HIS A 87 -3.65 16.90 10.41
CA HIS A 87 -2.98 17.07 9.12
C HIS A 87 -4.00 16.84 8.01
N PRO A 88 -4.67 17.91 7.55
CA PRO A 88 -5.84 17.83 6.64
C PRO A 88 -5.57 17.05 5.36
N GLN A 89 -4.31 16.99 4.94
CA GLN A 89 -3.93 16.31 3.71
C GLN A 89 -4.13 14.79 3.82
N ARG A 90 -4.37 14.32 5.05
CA ARG A 90 -4.55 12.89 5.33
C ARG A 90 -5.78 12.34 4.62
N ALA A 91 -6.79 13.19 4.45
CA ALA A 91 -8.08 12.76 3.91
C ALA A 91 -7.95 12.21 2.50
N LEU A 92 -7.05 12.78 1.71
CA LEU A 92 -6.84 12.32 0.35
C LEU A 92 -6.07 11.00 0.34
N ILE A 93 -5.11 10.89 1.24
CA ILE A 93 -4.30 9.69 1.35
C ILE A 93 -5.17 8.52 1.83
N LEU A 94 -5.95 8.77 2.87
CA LEU A 94 -6.84 7.76 3.43
C LEU A 94 -7.87 7.32 2.40
N ALA A 95 -8.25 8.25 1.52
CA ALA A 95 -9.18 7.96 0.44
C ALA A 95 -8.64 6.87 -0.48
N GLU A 96 -7.39 7.04 -0.92
CA GLU A 96 -6.77 6.06 -1.79
C GLU A 96 -6.50 4.76 -1.05
N LEU A 97 -6.35 4.86 0.27
CA LEU A 97 -6.16 3.67 1.10
C LEU A 97 -7.46 2.90 1.20
N GLU A 98 -8.58 3.61 1.30
CA GLU A 98 -9.89 2.97 1.28
C GLU A 98 -10.03 2.11 0.04
N LYS A 99 -9.59 2.65 -1.09
CA LYS A 99 -9.64 1.94 -2.36
C LYS A 99 -8.74 0.70 -2.31
N LEU A 100 -7.49 0.91 -1.92
CA LEU A 100 -6.49 -0.17 -1.89
C LEU A 100 -6.96 -1.33 -1.02
N ASP A 101 -7.28 -1.03 0.24
CA ASP A 101 -7.74 -2.04 1.19
C ASP A 101 -8.96 -2.78 0.66
N ALA A 102 -9.86 -2.04 0.02
CA ALA A 102 -11.09 -2.62 -0.52
C ALA A 102 -10.82 -3.50 -1.73
N LEU A 103 -9.64 -3.36 -2.32
CA LEU A 103 -9.27 -4.17 -3.47
C LEU A 103 -8.74 -5.52 -3.03
N PHE A 104 -8.06 -5.55 -1.89
CA PHE A 104 -7.61 -6.83 -1.32
C PHE A 104 -8.80 -7.59 -0.73
N ALA A 105 -9.82 -6.85 -0.35
CA ALA A 105 -11.05 -7.44 0.15
C ALA A 105 -12.09 -7.54 -0.96
N ASP A 106 -11.64 -7.39 -2.21
CA ASP A 106 -12.53 -7.42 -3.37
C ASP A 106 -12.80 -8.85 -3.82
N ASP A 107 -11.77 -9.67 -3.82
CA ASP A 107 -11.89 -11.05 -4.28
C ASP A 107 -12.04 -12.00 -3.10
N ALA A 108 -12.90 -13.00 -3.27
CA ALA A 108 -13.15 -13.97 -2.21
C ALA A 108 -12.85 -15.39 -2.71
N SER A 109 -12.01 -15.47 -3.73
CA SER A 109 -11.68 -16.75 -4.35
C SER A 109 -10.18 -16.87 -4.55
N LEU A 110 -9.43 -16.24 -3.66
CA LEU A 110 -7.97 -16.22 -3.72
C LEU A 110 -7.38 -17.62 -3.91
N GLU A 111 -6.47 -17.73 -4.87
CA GLU A 111 -5.83 -19.01 -5.18
C GLU A 111 -5.06 -19.55 -3.99
N HIS A 112 -5.07 -20.87 -3.86
CA HIS A 112 -4.35 -21.55 -2.79
C HIS A 112 -3.22 -22.37 -3.39
N HIS A 113 -2.22 -22.68 -2.57
CA HIS A 113 -1.10 -23.51 -3.01
C HIS A 113 -1.56 -24.94 -3.26
N HIS A 114 -2.42 -25.44 -2.37
CA HIS A 114 -3.00 -26.76 -2.54
C HIS A 114 -4.51 -26.65 -2.66
N HIS A 115 -5.02 -26.98 -3.84
CA HIS A 115 -6.45 -26.88 -4.11
C HIS A 115 -7.20 -28.14 -3.66
N HIS A 116 -8.50 -28.01 -3.51
CA HIS A 116 -9.39 -29.14 -3.28
C HIS A 116 -10.49 -29.13 -4.32
N HIS A 117 -10.61 -30.24 -5.05
CA HIS A 117 -11.53 -30.35 -6.18
C HIS A 117 -11.16 -29.35 -7.26
N MET A 1 -13.31 -8.97 -14.88
CA MET A 1 -12.75 -9.16 -13.52
C MET A 1 -11.54 -8.26 -13.32
N THR A 2 -10.42 -8.61 -13.97
CA THR A 2 -9.18 -7.81 -13.94
C THR A 2 -8.88 -7.26 -12.54
N THR A 3 -8.97 -8.13 -11.54
CA THR A 3 -8.77 -7.73 -10.17
C THR A 3 -7.34 -7.27 -9.95
N HIS A 4 -6.39 -7.96 -10.59
CA HIS A 4 -4.99 -7.60 -10.47
C HIS A 4 -4.74 -6.23 -11.09
N ASP A 5 -5.43 -5.95 -12.19
CA ASP A 5 -5.24 -4.69 -12.89
C ASP A 5 -5.89 -3.55 -12.14
N ARG A 6 -7.05 -3.82 -11.54
CA ARG A 6 -7.74 -2.83 -10.71
C ARG A 6 -6.84 -2.39 -9.56
N VAL A 7 -6.21 -3.35 -8.90
CA VAL A 7 -5.28 -3.05 -7.82
C VAL A 7 -4.09 -2.26 -8.36
N ARG A 8 -3.61 -2.66 -9.53
CA ARG A 8 -2.48 -2.00 -10.18
C ARG A 8 -2.77 -0.53 -10.44
N LEU A 9 -3.96 -0.25 -10.94
CA LEU A 9 -4.37 1.12 -11.25
C LEU A 9 -4.41 1.98 -10.00
N GLN A 10 -4.81 1.38 -8.88
CA GLN A 10 -4.86 2.09 -7.61
C GLN A 10 -3.46 2.28 -7.03
N LEU A 11 -2.56 1.36 -7.34
CA LEU A 11 -1.16 1.54 -6.99
C LEU A 11 -0.60 2.74 -7.74
N GLN A 12 -0.94 2.83 -9.02
CA GLN A 12 -0.53 3.96 -9.85
C GLN A 12 -1.18 5.25 -9.36
N ALA A 13 -2.38 5.13 -8.80
CA ALA A 13 -3.06 6.28 -8.22
C ALA A 13 -2.29 6.79 -7.00
N LEU A 14 -1.90 5.87 -6.12
CA LEU A 14 -1.06 6.21 -4.97
C LEU A 14 0.26 6.81 -5.43
N GLU A 15 0.85 6.19 -6.44
CA GLU A 15 2.09 6.67 -7.04
C GLU A 15 1.93 8.10 -7.54
N ALA A 16 0.90 8.32 -8.35
CA ALA A 16 0.64 9.63 -8.93
C ALA A 16 0.31 10.66 -7.87
N LEU A 17 -0.49 10.27 -6.89
CA LEU A 17 -0.88 11.16 -5.79
C LEU A 17 0.36 11.71 -5.10
N LEU A 18 1.27 10.82 -4.75
CA LEU A 18 2.51 11.22 -4.09
C LEU A 18 3.44 11.95 -5.06
N ARG A 19 3.39 11.57 -6.33
CA ARG A 19 4.20 12.21 -7.36
C ARG A 19 3.81 13.68 -7.50
N GLU A 20 2.52 13.95 -7.49
CA GLU A 20 2.02 15.31 -7.63
C GLU A 20 2.28 16.11 -6.36
N HIS A 21 2.48 15.39 -5.26
CA HIS A 21 2.84 16.00 -3.99
C HIS A 21 4.33 15.79 -3.71
N GLN A 22 5.07 15.61 -4.80
CA GLN A 22 6.53 15.45 -4.77
C GLN A 22 6.95 14.18 -4.02
N HIS A 23 7.24 14.32 -2.73
CA HIS A 23 7.77 13.24 -1.88
C HIS A 23 8.64 12.25 -2.66
N TRP A 24 7.99 11.17 -3.11
CA TRP A 24 8.60 10.03 -3.80
C TRP A 24 10.10 9.86 -3.53
N ARG A 25 10.93 10.50 -4.35
CA ARG A 25 12.36 10.33 -4.28
C ARG A 25 12.97 11.26 -3.23
N ASN A 26 13.21 10.72 -2.05
CA ASN A 26 13.90 11.45 -0.98
C ASN A 26 15.27 11.89 -1.47
N ASP A 27 15.73 13.04 -1.01
CA ASP A 27 17.04 13.55 -1.41
C ASP A 27 18.13 12.59 -0.95
N GLU A 28 18.04 12.19 0.31
CA GLU A 28 18.97 11.23 0.87
C GLU A 28 18.21 10.01 1.40
N PRO A 29 18.25 8.89 0.66
CA PRO A 29 17.67 7.64 1.13
C PRO A 29 18.45 7.08 2.32
N GLN A 30 17.90 7.27 3.51
CA GLN A 30 18.58 6.85 4.74
C GLN A 30 18.74 5.33 4.78
N PRO A 31 19.99 4.84 4.81
CA PRO A 31 20.28 3.41 4.84
C PRO A 31 19.67 2.72 6.06
N HIS A 32 19.53 3.45 7.16
CA HIS A 32 19.02 2.88 8.40
C HIS A 32 17.53 2.58 8.29
N GLN A 33 16.87 3.17 7.31
CA GLN A 33 15.44 2.92 7.08
C GLN A 33 15.20 1.44 6.82
N PHE A 34 16.01 0.87 5.94
CA PHE A 34 15.88 -0.54 5.59
C PHE A 34 16.57 -1.42 6.64
N ASN A 35 17.38 -0.81 7.49
CA ASN A 35 18.08 -1.55 8.54
C ASN A 35 17.17 -1.77 9.73
N SER A 36 16.21 -0.89 9.92
CA SER A 36 15.12 -1.17 10.84
C SER A 36 14.14 -2.07 10.11
N THR A 37 14.48 -3.35 10.04
CA THR A 37 13.83 -4.29 9.15
C THR A 37 12.52 -4.78 9.74
N GLN A 38 11.58 -3.87 9.80
CA GLN A 38 10.19 -4.19 10.11
C GLN A 38 9.41 -4.23 8.81
N PRO A 39 8.20 -4.83 8.81
CA PRO A 39 7.35 -4.88 7.63
C PRO A 39 7.05 -3.50 7.04
N PHE A 40 7.03 -2.48 7.91
CA PHE A 40 6.74 -1.12 7.47
C PHE A 40 7.90 -0.18 7.76
N PHE A 41 8.99 -0.72 8.33
CA PHE A 41 10.15 0.10 8.74
C PHE A 41 9.73 1.19 9.73
N MET A 42 8.79 0.82 10.61
CA MET A 42 8.15 1.78 11.51
C MET A 42 9.08 2.23 12.64
N ASP A 43 10.15 1.47 12.85
CA ASP A 43 11.04 1.74 13.96
C ASP A 43 12.03 2.84 13.62
N THR A 44 12.05 3.23 12.34
CA THR A 44 12.93 4.28 11.89
C THR A 44 12.21 5.63 11.87
N MET A 45 10.96 5.60 11.42
CA MET A 45 10.20 6.82 11.23
C MET A 45 8.73 6.45 11.07
N GLU A 46 7.85 7.44 10.86
CA GLU A 46 6.43 7.17 10.73
C GLU A 46 6.16 6.38 9.45
N PRO A 47 5.19 5.45 9.51
CA PRO A 47 4.79 4.65 8.34
C PRO A 47 4.12 5.51 7.28
N LEU A 48 4.94 6.14 6.45
CA LEU A 48 4.44 6.91 5.32
C LEU A 48 5.33 6.67 4.11
N GLU A 49 6.64 6.81 4.30
CA GLU A 49 7.61 6.60 3.23
C GLU A 49 7.53 5.15 2.72
N TRP A 50 7.06 4.26 3.58
CA TRP A 50 6.92 2.84 3.26
C TRP A 50 5.99 2.63 2.07
N LEU A 51 4.99 3.50 1.94
CA LEU A 51 4.06 3.44 0.83
C LEU A 51 4.81 3.55 -0.48
N GLN A 52 5.87 4.35 -0.47
CA GLN A 52 6.67 4.57 -1.65
C GLN A 52 7.80 3.55 -1.72
N TRP A 53 8.21 3.22 -2.94
CA TRP A 53 9.38 2.34 -3.18
C TRP A 53 9.11 0.89 -2.80
N VAL A 54 8.41 0.66 -1.70
CA VAL A 54 8.13 -0.68 -1.24
C VAL A 54 6.75 -1.16 -1.67
N LEU A 55 5.71 -0.60 -1.05
CA LEU A 55 4.35 -1.14 -1.21
C LEU A 55 3.90 -1.24 -2.66
N ILE A 56 3.94 -0.13 -3.41
CA ILE A 56 3.48 -0.14 -4.80
C ILE A 56 4.21 -1.21 -5.63
N PRO A 57 5.55 -1.19 -5.74
CA PRO A 57 6.29 -2.20 -6.51
C PRO A 57 6.11 -3.61 -5.96
N ARG A 58 6.06 -3.74 -4.64
CA ARG A 58 5.94 -5.05 -3.99
C ARG A 58 4.58 -5.67 -4.28
N MET A 59 3.56 -4.84 -4.41
CA MET A 59 2.24 -5.32 -4.79
C MET A 59 2.18 -5.61 -6.28
N HIS A 60 3.02 -4.92 -7.06
CA HIS A 60 3.14 -5.23 -8.48
C HIS A 60 3.59 -6.67 -8.66
N ASP A 61 4.52 -7.12 -7.81
CA ASP A 61 4.96 -8.52 -7.83
C ASP A 61 3.77 -9.45 -7.65
N LEU A 62 2.93 -9.12 -6.68
CA LEU A 62 1.74 -9.91 -6.37
C LEU A 62 0.78 -9.94 -7.57
N LEU A 63 0.75 -8.86 -8.33
CA LEU A 63 -0.16 -8.73 -9.46
C LEU A 63 0.42 -9.35 -10.72
N ASP A 64 1.69 -9.03 -11.01
CA ASP A 64 2.34 -9.49 -12.23
C ASP A 64 2.62 -10.98 -12.19
N ASN A 65 2.81 -11.52 -11.00
CA ASN A 65 3.01 -12.96 -10.85
C ASN A 65 1.67 -13.68 -10.84
N LYS A 66 0.60 -12.89 -10.91
CA LYS A 66 -0.77 -13.41 -10.96
C LYS A 66 -1.06 -14.30 -9.76
N GLN A 67 -1.06 -13.69 -8.58
CA GLN A 67 -1.30 -14.41 -7.34
C GLN A 67 -2.62 -13.97 -6.72
N PRO A 68 -3.19 -14.80 -5.82
CA PRO A 68 -4.39 -14.41 -5.08
C PRO A 68 -4.09 -13.30 -4.09
N LEU A 69 -5.02 -12.36 -3.96
CA LEU A 69 -4.81 -11.21 -3.10
C LEU A 69 -5.12 -11.57 -1.65
N PRO A 70 -4.34 -11.05 -0.70
CA PRO A 70 -4.61 -11.23 0.72
C PRO A 70 -5.92 -10.57 1.12
N GLY A 71 -6.95 -11.39 1.27
CA GLY A 71 -8.29 -10.87 1.55
C GLY A 71 -8.39 -10.17 2.89
N ALA A 72 -7.37 -10.33 3.72
CA ALA A 72 -7.36 -9.69 5.02
C ALA A 72 -6.25 -8.66 5.13
N PHE A 73 -5.83 -8.13 3.98
CA PHE A 73 -4.83 -7.08 3.95
C PHE A 73 -5.50 -5.74 4.24
N ALA A 74 -5.07 -5.09 5.32
CA ALA A 74 -5.64 -3.83 5.72
C ALA A 74 -4.59 -2.96 6.39
N VAL A 75 -4.21 -1.87 5.73
CA VAL A 75 -3.21 -0.97 6.29
C VAL A 75 -3.79 0.41 6.54
N ALA A 76 -4.96 0.67 5.96
CA ALA A 76 -5.62 1.97 6.11
C ALA A 76 -5.97 2.26 7.57
N PRO A 77 -6.61 1.30 8.30
CA PRO A 77 -6.91 1.47 9.73
C PRO A 77 -5.68 1.84 10.55
N TYR A 78 -4.53 1.27 10.18
CA TYR A 78 -3.29 1.55 10.88
C TYR A 78 -2.75 2.92 10.48
N TYR A 79 -2.85 3.24 9.19
CA TYR A 79 -2.36 4.51 8.67
C TYR A 79 -3.12 5.70 9.28
N GLU A 80 -4.36 5.47 9.69
CA GLU A 80 -5.15 6.50 10.35
C GLU A 80 -4.41 6.99 11.61
N MET A 81 -3.74 6.07 12.28
CA MET A 81 -2.96 6.40 13.47
C MET A 81 -1.56 6.85 13.08
N ALA A 82 -1.01 6.20 12.06
CA ALA A 82 0.35 6.48 11.59
C ALA A 82 0.49 7.92 11.12
N LEU A 83 -0.56 8.44 10.48
CA LEU A 83 -0.56 9.81 9.98
C LEU A 83 -1.03 10.78 11.06
N ALA A 84 -1.58 10.22 12.14
CA ALA A 84 -2.07 11.01 13.27
C ALA A 84 -3.19 11.96 12.84
N THR A 85 -3.53 12.89 13.72
CA THR A 85 -4.55 13.88 13.44
C THR A 85 -3.93 15.22 13.06
N ASP A 86 -2.66 15.38 13.43
CA ASP A 86 -1.95 16.64 13.25
C ASP A 86 -1.57 16.88 11.80
N HIS A 87 -1.55 15.82 11.00
CA HIS A 87 -1.17 15.93 9.60
C HIS A 87 -2.43 15.95 8.73
N PRO A 88 -2.86 17.14 8.27
CA PRO A 88 -4.15 17.32 7.59
C PRO A 88 -4.23 16.62 6.24
N GLN A 89 -3.09 16.45 5.59
CA GLN A 89 -3.05 15.87 4.25
C GLN A 89 -3.24 14.35 4.30
N ARG A 90 -3.60 13.85 5.48
CA ARG A 90 -3.86 12.44 5.68
C ARG A 90 -5.08 11.99 4.89
N ALA A 91 -6.05 12.89 4.75
CA ALA A 91 -7.32 12.57 4.10
C ALA A 91 -7.12 12.03 2.70
N LEU A 92 -6.28 12.70 1.92
CA LEU A 92 -6.01 12.29 0.54
C LEU A 92 -5.39 10.89 0.50
N ILE A 93 -4.38 10.70 1.34
CA ILE A 93 -3.65 9.45 1.37
C ILE A 93 -4.53 8.31 1.89
N LEU A 94 -5.25 8.56 2.98
CA LEU A 94 -6.11 7.55 3.58
C LEU A 94 -7.24 7.15 2.64
N ALA A 95 -7.84 8.14 1.99
CA ALA A 95 -8.95 7.88 1.07
C ALA A 95 -8.53 6.91 -0.03
N GLU A 96 -7.38 7.17 -0.63
CA GLU A 96 -6.88 6.33 -1.71
C GLU A 96 -6.43 4.97 -1.17
N LEU A 97 -5.86 4.98 0.04
CA LEU A 97 -5.48 3.73 0.70
C LEU A 97 -6.70 2.86 0.95
N GLU A 98 -7.78 3.48 1.43
CA GLU A 98 -9.02 2.76 1.69
C GLU A 98 -9.57 2.15 0.40
N LYS A 99 -9.33 2.83 -0.72
CA LYS A 99 -9.78 2.35 -2.02
C LYS A 99 -9.04 1.06 -2.37
N LEU A 100 -7.71 1.10 -2.24
CA LEU A 100 -6.88 -0.08 -2.47
C LEU A 100 -7.20 -1.17 -1.44
N ASP A 101 -7.39 -0.73 -0.21
CA ASP A 101 -7.72 -1.59 0.92
C ASP A 101 -9.01 -2.36 0.63
N ALA A 102 -9.93 -1.72 -0.08
CA ALA A 102 -11.21 -2.32 -0.43
C ALA A 102 -11.04 -3.33 -1.57
N LEU A 103 -9.96 -3.18 -2.32
CA LEU A 103 -9.67 -4.10 -3.42
C LEU A 103 -9.18 -5.43 -2.89
N PHE A 104 -8.41 -5.38 -1.81
CA PHE A 104 -7.96 -6.61 -1.15
C PHE A 104 -9.13 -7.27 -0.44
N ALA A 105 -10.10 -6.46 -0.04
CA ALA A 105 -11.32 -6.97 0.56
C ALA A 105 -12.29 -7.44 -0.52
N ASP A 106 -11.95 -7.16 -1.78
CA ASP A 106 -12.78 -7.58 -2.91
C ASP A 106 -12.38 -8.98 -3.35
N ASP A 107 -11.08 -9.20 -3.48
CA ASP A 107 -10.57 -10.51 -3.86
C ASP A 107 -10.50 -11.41 -2.64
N ALA A 108 -11.62 -12.04 -2.32
CA ALA A 108 -11.71 -12.89 -1.16
C ALA A 108 -12.21 -14.28 -1.54
N SER A 109 -11.63 -15.28 -0.91
CA SER A 109 -12.03 -16.66 -1.14
C SER A 109 -13.26 -16.99 -0.32
N LEU A 110 -14.18 -17.76 -0.92
CA LEU A 110 -15.37 -18.23 -0.21
C LEU A 110 -14.96 -19.13 0.95
N GLU A 111 -13.81 -19.77 0.79
CA GLU A 111 -13.22 -20.56 1.85
C GLU A 111 -12.02 -19.82 2.41
N HIS A 112 -12.18 -19.29 3.62
CA HIS A 112 -11.16 -18.44 4.22
C HIS A 112 -9.91 -19.23 4.55
N HIS A 113 -10.08 -20.49 4.93
CA HIS A 113 -8.96 -21.38 5.17
C HIS A 113 -8.94 -22.45 4.10
N HIS A 114 -8.39 -22.11 2.95
CA HIS A 114 -8.42 -23.00 1.79
C HIS A 114 -7.18 -23.87 1.74
N HIS A 115 -7.39 -25.17 1.88
CA HIS A 115 -6.32 -26.14 1.72
C HIS A 115 -6.22 -26.54 0.26
N HIS A 116 -5.15 -27.24 -0.09
CA HIS A 116 -4.97 -27.69 -1.47
C HIS A 116 -5.71 -29.00 -1.70
N HIS A 117 -6.11 -29.63 -0.61
CA HIS A 117 -6.91 -30.84 -0.67
C HIS A 117 -8.38 -30.50 -0.45
N MET A 1 -7.95 -13.46 -11.29
CA MET A 1 -6.86 -13.01 -12.20
C MET A 1 -6.87 -11.50 -12.37
N THR A 2 -7.88 -10.99 -13.08
CA THR A 2 -7.95 -9.61 -13.52
C THR A 2 -7.77 -8.60 -12.38
N THR A 3 -8.24 -8.95 -11.18
CA THR A 3 -8.18 -8.07 -10.03
C THR A 3 -6.73 -7.63 -9.74
N HIS A 4 -5.77 -8.48 -10.07
CA HIS A 4 -4.37 -8.21 -9.77
C HIS A 4 -3.86 -7.00 -10.53
N ASP A 5 -4.35 -6.79 -11.74
CA ASP A 5 -3.89 -5.65 -12.54
C ASP A 5 -4.64 -4.38 -12.15
N ARG A 6 -5.87 -4.54 -11.70
CA ARG A 6 -6.67 -3.40 -11.25
C ARG A 6 -6.02 -2.74 -10.05
N VAL A 7 -5.41 -3.56 -9.19
CA VAL A 7 -4.69 -3.06 -8.03
C VAL A 7 -3.50 -2.22 -8.47
N ARG A 8 -2.88 -2.61 -9.57
CA ARG A 8 -1.74 -1.89 -10.11
C ARG A 8 -2.15 -0.48 -10.52
N LEU A 9 -3.35 -0.38 -11.09
CA LEU A 9 -3.89 0.90 -11.51
C LEU A 9 -4.09 1.81 -10.31
N GLN A 10 -4.55 1.23 -9.21
CA GLN A 10 -4.76 1.97 -7.98
C GLN A 10 -3.42 2.39 -7.39
N LEU A 11 -2.41 1.54 -7.53
CA LEU A 11 -1.06 1.88 -7.08
C LEU A 11 -0.55 3.12 -7.79
N GLN A 12 -0.89 3.26 -9.07
CA GLN A 12 -0.51 4.43 -9.84
C GLN A 12 -1.24 5.67 -9.33
N ALA A 13 -2.46 5.47 -8.84
CA ALA A 13 -3.20 6.55 -8.20
C ALA A 13 -2.49 7.00 -6.94
N LEU A 14 -1.98 6.04 -6.17
CA LEU A 14 -1.19 6.34 -4.98
C LEU A 14 0.10 7.04 -5.36
N GLU A 15 0.69 6.60 -6.47
CA GLU A 15 1.90 7.21 -7.01
C GLU A 15 1.65 8.69 -7.32
N ALA A 16 0.53 8.96 -7.95
CA ALA A 16 0.14 10.34 -8.26
C ALA A 16 -0.22 11.11 -6.99
N LEU A 17 -0.80 10.41 -6.02
CA LEU A 17 -1.14 11.01 -4.74
C LEU A 17 0.11 11.50 -4.03
N LEU A 18 1.11 10.64 -3.96
CA LEU A 18 2.39 11.00 -3.34
C LEU A 18 3.07 12.10 -4.14
N ARG A 19 2.78 12.12 -5.43
CA ARG A 19 3.26 13.15 -6.33
C ARG A 19 2.66 14.51 -5.97
N GLU A 20 1.33 14.54 -5.86
CA GLU A 20 0.62 15.76 -5.48
C GLU A 20 0.99 16.21 -4.08
N HIS A 21 0.99 15.26 -3.15
CA HIS A 21 1.22 15.57 -1.75
C HIS A 21 2.71 15.60 -1.42
N GLN A 22 3.54 15.62 -2.48
CA GLN A 22 4.98 15.86 -2.38
C GLN A 22 5.67 14.96 -1.36
N HIS A 23 5.21 13.72 -1.26
CA HIS A 23 5.82 12.77 -0.34
C HIS A 23 6.64 11.74 -1.10
N TRP A 24 6.87 12.01 -2.37
CA TRP A 24 7.69 11.15 -3.20
C TRP A 24 9.11 11.70 -3.26
N ARG A 25 10.00 11.11 -2.48
CA ARG A 25 11.40 11.52 -2.48
C ARG A 25 12.08 11.17 -3.80
N ASN A 26 13.25 11.75 -4.02
CA ASN A 26 14.10 11.32 -5.13
C ASN A 26 15.31 10.59 -4.56
N ASP A 27 15.28 10.36 -3.25
CA ASP A 27 16.35 9.70 -2.52
C ASP A 27 16.42 8.22 -2.89
N GLU A 28 17.50 7.58 -2.46
CA GLU A 28 17.65 6.14 -2.65
C GLU A 28 17.37 5.42 -1.34
N PRO A 29 16.74 4.25 -1.40
CA PRO A 29 16.50 3.43 -0.22
C PRO A 29 17.70 2.53 0.09
N GLN A 30 17.94 2.30 1.37
CA GLN A 30 19.03 1.44 1.79
C GLN A 30 18.49 0.15 2.39
N PRO A 31 19.20 -0.97 2.17
CA PRO A 31 18.79 -2.29 2.70
C PRO A 31 18.50 -2.28 4.20
N HIS A 32 19.22 -1.45 4.95
CA HIS A 32 19.00 -1.34 6.39
C HIS A 32 17.60 -0.80 6.69
N GLN A 33 17.08 0.03 5.79
CA GLN A 33 15.74 0.56 5.93
C GLN A 33 14.71 -0.55 5.73
N PHE A 34 15.14 -1.61 5.06
CA PHE A 34 14.27 -2.75 4.81
C PHE A 34 14.52 -3.85 5.83
N ASN A 35 15.36 -3.58 6.82
CA ASN A 35 15.68 -4.56 7.86
C ASN A 35 14.62 -4.55 8.93
N SER A 36 13.85 -3.47 9.00
CA SER A 36 12.75 -3.39 9.95
C SER A 36 11.58 -4.23 9.45
N THR A 37 11.53 -5.48 9.85
CA THR A 37 10.47 -6.38 9.41
C THR A 37 9.16 -6.04 10.10
N GLN A 38 9.23 -5.16 11.09
CA GLN A 38 8.04 -4.66 11.77
C GLN A 38 7.15 -3.94 10.77
N PRO A 39 5.82 -4.11 10.87
CA PRO A 39 4.86 -3.48 9.96
C PRO A 39 5.15 -2.00 9.74
N PHE A 40 5.06 -1.56 8.48
CA PHE A 40 5.25 -0.17 8.10
C PHE A 40 6.72 0.27 8.20
N PHE A 41 7.59 -0.64 8.66
CA PHE A 41 9.02 -0.36 8.78
C PHE A 41 9.24 0.87 9.65
N MET A 42 8.39 0.99 10.68
CA MET A 42 8.33 2.17 11.56
C MET A 42 9.69 2.56 12.12
N ASP A 43 10.54 1.57 12.36
CA ASP A 43 11.81 1.79 13.03
C ASP A 43 12.77 2.64 12.19
N THR A 44 13.03 2.20 10.97
CA THR A 44 14.03 2.84 10.13
C THR A 44 13.41 3.78 9.08
N MET A 45 12.16 3.54 8.74
CA MET A 45 11.49 4.36 7.73
C MET A 45 10.31 5.11 8.34
N GLU A 46 9.98 6.24 7.75
CA GLU A 46 8.80 6.99 8.16
C GLU A 46 7.56 6.35 7.55
N PRO A 47 6.53 6.08 8.36
CA PRO A 47 5.29 5.45 7.89
C PRO A 47 4.72 6.15 6.66
N LEU A 48 4.77 7.47 6.64
CA LEU A 48 4.20 8.27 5.55
C LEU A 48 5.03 8.13 4.27
N GLU A 49 6.24 7.60 4.40
CA GLU A 49 7.13 7.46 3.26
C GLU A 49 7.31 5.99 2.90
N TRP A 50 6.66 5.12 3.67
CA TRP A 50 6.66 3.68 3.41
C TRP A 50 5.94 3.37 2.10
N LEU A 51 4.96 4.21 1.79
CA LEU A 51 4.16 4.06 0.57
C LEU A 51 5.04 4.14 -0.67
N GLN A 52 6.10 4.93 -0.57
CA GLN A 52 6.94 5.26 -1.71
C GLN A 52 7.79 4.09 -2.18
N TRP A 53 8.79 3.73 -1.38
CA TRP A 53 9.79 2.75 -1.82
C TRP A 53 9.43 1.32 -1.46
N VAL A 54 8.40 1.12 -0.63
CA VAL A 54 8.03 -0.23 -0.26
C VAL A 54 6.70 -0.63 -0.87
N LEU A 55 5.62 0.00 -0.43
CA LEU A 55 4.26 -0.44 -0.81
C LEU A 55 4.10 -0.61 -2.32
N ILE A 56 4.18 0.50 -3.05
CA ILE A 56 3.93 0.48 -4.49
C ILE A 56 4.87 -0.49 -5.22
N PRO A 57 6.21 -0.36 -5.08
CA PRO A 57 7.17 -1.24 -5.77
C PRO A 57 6.98 -2.71 -5.40
N ARG A 58 6.79 -2.99 -4.11
CA ARG A 58 6.64 -4.37 -3.65
C ARG A 58 5.38 -4.99 -4.23
N MET A 59 4.29 -4.22 -4.24
CA MET A 59 3.01 -4.72 -4.75
C MET A 59 3.07 -4.91 -6.26
N HIS A 60 3.91 -4.15 -6.94
CA HIS A 60 4.11 -4.33 -8.37
C HIS A 60 4.62 -5.74 -8.65
N ASP A 61 5.56 -6.20 -7.84
CA ASP A 61 6.07 -7.58 -7.94
C ASP A 61 4.96 -8.57 -7.64
N LEU A 62 4.20 -8.30 -6.59
CA LEU A 62 3.09 -9.16 -6.16
C LEU A 62 2.06 -9.33 -7.30
N LEU A 63 1.68 -8.21 -7.89
CA LEU A 63 0.64 -8.19 -8.92
C LEU A 63 1.14 -8.74 -10.25
N ASP A 64 2.36 -8.37 -10.63
CA ASP A 64 2.96 -8.89 -11.87
C ASP A 64 3.07 -10.41 -11.80
N ASN A 65 3.45 -10.90 -10.63
CA ASN A 65 3.61 -12.32 -10.39
C ASN A 65 2.26 -13.01 -10.33
N LYS A 66 1.20 -12.18 -10.26
CA LYS A 66 -0.18 -12.67 -10.22
C LYS A 66 -0.40 -13.51 -8.98
N GLN A 67 0.26 -13.11 -7.91
CA GLN A 67 0.13 -13.77 -6.63
C GLN A 67 -1.20 -13.40 -5.98
N PRO A 68 -1.89 -14.38 -5.36
CA PRO A 68 -3.13 -14.12 -4.65
C PRO A 68 -2.94 -13.05 -3.58
N LEU A 69 -3.86 -12.09 -3.54
CA LEU A 69 -3.74 -10.96 -2.63
C LEU A 69 -3.84 -11.42 -1.18
N PRO A 70 -3.21 -10.68 -0.25
CA PRO A 70 -3.13 -11.06 1.17
C PRO A 70 -4.49 -11.27 1.84
N GLY A 71 -5.53 -10.65 1.29
CA GLY A 71 -6.87 -10.83 1.82
C GLY A 71 -7.16 -9.98 3.03
N ALA A 72 -6.14 -9.28 3.52
CA ALA A 72 -6.26 -8.46 4.71
C ALA A 72 -5.09 -7.48 4.78
N PHE A 73 -5.26 -6.35 4.14
CA PHE A 73 -4.25 -5.30 4.13
C PHE A 73 -4.89 -3.94 4.38
N ALA A 74 -5.05 -3.61 5.65
CA ALA A 74 -5.67 -2.35 6.04
C ALA A 74 -4.65 -1.43 6.69
N VAL A 75 -4.19 -0.43 5.93
CA VAL A 75 -3.23 0.53 6.44
C VAL A 75 -3.88 1.89 6.70
N ALA A 76 -5.10 2.05 6.19
CA ALA A 76 -5.84 3.31 6.31
C ALA A 76 -5.96 3.76 7.76
N PRO A 77 -6.46 2.91 8.70
CA PRO A 77 -6.61 3.29 10.11
C PRO A 77 -5.31 3.78 10.74
N TYR A 78 -4.20 3.19 10.31
CA TYR A 78 -2.90 3.55 10.84
C TYR A 78 -2.46 4.92 10.33
N TYR A 79 -2.60 5.13 9.03
CA TYR A 79 -2.21 6.38 8.41
C TYR A 79 -3.10 7.54 8.88
N GLU A 80 -4.33 7.22 9.25
CA GLU A 80 -5.23 8.23 9.81
C GLU A 80 -4.62 8.85 11.06
N MET A 81 -3.91 8.03 11.83
CA MET A 81 -3.26 8.50 13.05
C MET A 81 -1.86 9.00 12.76
N ALA A 82 -1.18 8.35 11.82
CA ALA A 82 0.21 8.69 11.49
C ALA A 82 0.30 10.02 10.75
N LEU A 83 -0.69 10.30 9.92
CA LEU A 83 -0.74 11.55 9.16
C LEU A 83 -1.45 12.62 9.97
N ALA A 84 -1.94 12.22 11.15
CA ALA A 84 -2.73 13.08 12.03
C ALA A 84 -4.14 13.28 11.50
N THR A 85 -5.11 13.12 12.38
CA THR A 85 -6.51 13.28 12.02
C THR A 85 -6.83 14.72 11.64
N ASP A 86 -6.09 15.66 12.22
CA ASP A 86 -6.27 17.08 11.97
C ASP A 86 -5.85 17.47 10.56
N HIS A 87 -4.99 16.64 9.96
CA HIS A 87 -4.41 16.92 8.64
C HIS A 87 -5.50 17.16 7.60
N PRO A 88 -5.55 18.36 7.03
CA PRO A 88 -6.53 18.71 6.01
C PRO A 88 -6.25 18.00 4.69
N GLN A 89 -7.32 17.54 4.04
CA GLN A 89 -7.23 16.79 2.78
C GLN A 89 -6.57 15.43 3.02
N ARG A 90 -6.89 14.83 4.16
CA ARG A 90 -6.40 13.50 4.49
C ARG A 90 -7.30 12.45 3.85
N ALA A 91 -8.54 12.85 3.57
CA ALA A 91 -9.57 11.95 3.06
C ALA A 91 -9.13 11.26 1.78
N LEU A 92 -8.61 12.01 0.82
CA LEU A 92 -8.16 11.45 -0.45
C LEU A 92 -7.14 10.34 -0.24
N ILE A 93 -6.23 10.56 0.69
CA ILE A 93 -5.17 9.61 0.97
C ILE A 93 -5.74 8.35 1.62
N LEU A 94 -6.55 8.54 2.64
CA LEU A 94 -7.13 7.42 3.37
C LEU A 94 -8.14 6.66 2.53
N ALA A 95 -8.89 7.38 1.72
CA ALA A 95 -9.89 6.78 0.83
C ALA A 95 -9.24 5.80 -0.13
N GLU A 96 -8.14 6.22 -0.72
CA GLU A 96 -7.39 5.36 -1.63
C GLU A 96 -6.79 4.17 -0.90
N LEU A 97 -6.43 4.37 0.36
CA LEU A 97 -5.92 3.28 1.18
C LEU A 97 -7.03 2.27 1.47
N GLU A 98 -8.24 2.78 1.70
CA GLU A 98 -9.41 1.92 1.93
C GLU A 98 -9.79 1.22 0.64
N LYS A 99 -9.61 1.92 -0.48
CA LYS A 99 -9.87 1.35 -1.80
C LYS A 99 -8.89 0.22 -2.08
N LEU A 100 -7.61 0.47 -1.79
CA LEU A 100 -6.57 -0.54 -1.95
C LEU A 100 -6.84 -1.72 -1.02
N ASP A 101 -7.28 -1.41 0.20
CA ASP A 101 -7.68 -2.41 1.18
C ASP A 101 -8.78 -3.30 0.61
N ALA A 102 -9.79 -2.66 0.01
CA ALA A 102 -10.91 -3.38 -0.58
C ALA A 102 -10.44 -4.33 -1.66
N LEU A 103 -9.47 -3.89 -2.45
CA LEU A 103 -8.91 -4.70 -3.52
C LEU A 103 -8.23 -5.94 -2.96
N PHE A 104 -7.38 -5.74 -1.96
CA PHE A 104 -6.64 -6.85 -1.35
C PHE A 104 -7.56 -7.83 -0.65
N ALA A 105 -8.66 -7.33 -0.10
CA ALA A 105 -9.61 -8.18 0.61
C ALA A 105 -10.57 -8.86 -0.37
N ASP A 106 -10.70 -8.28 -1.57
CA ASP A 106 -11.63 -8.79 -2.57
C ASP A 106 -11.10 -10.05 -3.23
N ASP A 107 -9.80 -10.05 -3.55
CA ASP A 107 -9.17 -11.23 -4.14
C ASP A 107 -8.85 -12.25 -3.06
N ALA A 108 -9.64 -13.30 -3.02
CA ALA A 108 -9.49 -14.32 -2.00
C ALA A 108 -8.39 -15.30 -2.36
N SER A 109 -7.62 -15.70 -1.35
CA SER A 109 -6.55 -16.66 -1.53
C SER A 109 -7.11 -18.08 -1.71
N LEU A 110 -8.36 -18.25 -1.33
CA LEU A 110 -9.02 -19.55 -1.44
C LEU A 110 -9.78 -19.62 -2.76
N GLU A 111 -9.31 -20.48 -3.67
CA GLU A 111 -9.99 -20.70 -4.93
C GLU A 111 -11.13 -21.70 -4.75
N HIS A 112 -10.86 -22.74 -3.98
CA HIS A 112 -11.86 -23.72 -3.63
C HIS A 112 -12.61 -23.30 -2.39
N HIS A 113 -13.91 -23.50 -2.41
CA HIS A 113 -14.75 -23.21 -1.26
C HIS A 113 -15.58 -24.45 -0.94
N HIS A 114 -16.46 -24.34 0.05
CA HIS A 114 -17.28 -25.49 0.45
C HIS A 114 -18.54 -25.57 -0.40
N HIS A 115 -19.05 -24.42 -0.80
CA HIS A 115 -20.22 -24.37 -1.66
C HIS A 115 -19.80 -24.42 -3.13
N HIS A 116 -18.54 -24.11 -3.38
CA HIS A 116 -17.99 -24.14 -4.73
C HIS A 116 -16.62 -24.80 -4.73
N HIS A 117 -16.57 -26.03 -5.18
CA HIS A 117 -15.31 -26.75 -5.27
C HIS A 117 -14.69 -26.52 -6.64
N MET A 1 -7.20 -6.18 -16.12
CA MET A 1 -7.94 -7.42 -16.43
C MET A 1 -8.34 -8.14 -15.14
N THR A 2 -7.33 -8.47 -14.35
CA THR A 2 -7.53 -9.11 -13.07
C THR A 2 -7.51 -8.08 -11.94
N THR A 3 -7.73 -8.54 -10.72
CA THR A 3 -7.63 -7.68 -9.56
C THR A 3 -6.22 -7.17 -9.40
N HIS A 4 -5.25 -8.02 -9.75
CA HIS A 4 -3.84 -7.68 -9.64
C HIS A 4 -3.51 -6.49 -10.54
N ASP A 5 -4.17 -6.42 -11.69
CA ASP A 5 -4.01 -5.28 -12.59
C ASP A 5 -4.54 -4.02 -11.95
N ARG A 6 -5.72 -4.13 -11.34
CA ARG A 6 -6.40 -3.00 -10.73
C ARG A 6 -5.61 -2.47 -9.55
N VAL A 7 -4.99 -3.37 -8.78
CA VAL A 7 -4.14 -2.95 -7.68
C VAL A 7 -2.90 -2.22 -8.20
N ARG A 8 -2.37 -2.69 -9.32
CA ARG A 8 -1.21 -2.05 -9.95
C ARG A 8 -1.56 -0.63 -10.38
N LEU A 9 -2.74 -0.47 -10.96
CA LEU A 9 -3.23 0.84 -11.36
C LEU A 9 -3.45 1.72 -10.13
N GLN A 10 -4.00 1.11 -9.08
CA GLN A 10 -4.20 1.78 -7.80
C GLN A 10 -2.88 2.30 -7.25
N LEU A 11 -1.83 1.51 -7.39
CA LEU A 11 -0.49 1.89 -6.95
C LEU A 11 -0.04 3.16 -7.66
N GLN A 12 -0.20 3.19 -8.97
CA GLN A 12 0.17 4.35 -9.76
C GLN A 12 -0.69 5.56 -9.41
N ALA A 13 -1.96 5.31 -9.10
CA ALA A 13 -2.87 6.36 -8.68
C ALA A 13 -2.42 6.96 -7.36
N LEU A 14 -2.07 6.09 -6.41
CA LEU A 14 -1.57 6.52 -5.11
C LEU A 14 -0.22 7.23 -5.28
N GLU A 15 0.60 6.69 -6.18
CA GLU A 15 1.88 7.30 -6.50
C GLU A 15 1.68 8.72 -7.01
N ALA A 16 0.75 8.88 -7.94
CA ALA A 16 0.41 10.18 -8.49
C ALA A 16 -0.12 11.10 -7.39
N LEU A 17 -0.96 10.54 -6.53
CA LEU A 17 -1.54 11.28 -5.42
C LEU A 17 -0.45 11.81 -4.49
N LEU A 18 0.48 10.94 -4.12
CA LEU A 18 1.58 11.33 -3.26
C LEU A 18 2.48 12.34 -3.96
N ARG A 19 2.61 12.19 -5.27
CA ARG A 19 3.38 13.12 -6.08
C ARG A 19 2.69 14.49 -6.11
N GLU A 20 1.35 14.49 -6.09
CA GLU A 20 0.58 15.73 -6.03
C GLU A 20 0.95 16.53 -4.79
N HIS A 21 1.10 15.82 -3.68
CA HIS A 21 1.39 16.46 -2.40
C HIS A 21 2.90 16.59 -2.20
N GLN A 22 3.65 16.37 -3.28
CA GLN A 22 5.10 16.60 -3.34
C GLN A 22 5.86 15.82 -2.27
N HIS A 23 5.39 14.63 -1.94
CA HIS A 23 6.12 13.76 -1.02
C HIS A 23 7.03 12.81 -1.79
N TRP A 24 6.80 12.74 -3.10
CA TRP A 24 7.58 11.86 -3.96
C TRP A 24 9.03 12.35 -4.03
N ARG A 25 9.94 11.44 -3.69
CA ARG A 25 11.36 11.75 -3.72
C ARG A 25 12.07 10.83 -4.69
N ASN A 26 13.01 11.38 -5.44
CA ASN A 26 13.89 10.56 -6.25
C ASN A 26 14.98 10.00 -5.35
N ASP A 27 14.68 8.89 -4.68
CA ASP A 27 15.58 8.32 -3.69
C ASP A 27 16.35 7.16 -4.31
N GLU A 28 17.03 6.38 -3.47
CA GLU A 28 17.77 5.22 -3.93
C GLU A 28 17.45 4.02 -3.06
N PRO A 29 17.22 2.84 -3.67
CA PRO A 29 16.88 1.63 -2.93
C PRO A 29 18.07 1.10 -2.13
N GLN A 30 18.11 1.47 -0.86
CA GLN A 30 19.20 1.06 0.02
C GLN A 30 18.85 -0.22 0.76
N PRO A 31 19.84 -1.09 0.98
CA PRO A 31 19.62 -2.34 1.72
C PRO A 31 19.19 -2.06 3.15
N HIS A 32 19.54 -0.87 3.66
CA HIS A 32 19.17 -0.49 5.00
C HIS A 32 17.84 0.27 4.99
N GLN A 33 17.11 0.14 3.90
CA GLN A 33 15.73 0.62 3.84
C GLN A 33 14.78 -0.56 3.89
N PHE A 34 15.18 -1.65 3.24
CA PHE A 34 14.32 -2.81 3.07
C PHE A 34 14.65 -3.91 4.06
N ASN A 35 15.55 -3.63 4.99
CA ASN A 35 15.91 -4.63 6.00
C ASN A 35 14.89 -4.60 7.14
N SER A 36 14.09 -3.55 7.17
CA SER A 36 12.99 -3.47 8.12
C SER A 36 11.88 -4.43 7.68
N THR A 37 11.70 -5.49 8.46
CA THR A 37 10.72 -6.50 8.12
C THR A 37 9.42 -6.24 8.89
N GLN A 38 9.26 -5.00 9.34
CA GLN A 38 8.03 -4.58 9.98
C GLN A 38 7.00 -4.26 8.89
N PRO A 39 5.71 -4.57 9.13
CA PRO A 39 4.66 -4.47 8.09
C PRO A 39 4.58 -3.09 7.44
N PHE A 40 4.99 -2.06 8.16
CA PHE A 40 4.96 -0.69 7.64
C PHE A 40 6.37 -0.12 7.53
N PHE A 41 7.36 -0.99 7.67
CA PHE A 41 8.78 -0.59 7.62
C PHE A 41 9.05 0.58 8.57
N MET A 42 8.40 0.55 9.72
CA MET A 42 8.45 1.65 10.67
C MET A 42 9.76 1.66 11.46
N ASP A 43 10.72 0.84 11.03
CA ASP A 43 12.06 0.89 11.58
C ASP A 43 12.90 1.88 10.80
N THR A 44 12.77 1.83 9.49
CA THR A 44 13.60 2.60 8.59
C THR A 44 12.86 3.81 8.03
N MET A 45 11.54 3.69 7.89
CA MET A 45 10.74 4.76 7.32
C MET A 45 9.61 5.16 8.26
N GLU A 46 8.95 6.26 7.92
CA GLU A 46 7.87 6.80 8.72
C GLU A 46 6.52 6.24 8.27
N PRO A 47 5.59 6.05 9.22
CA PRO A 47 4.25 5.50 8.94
C PRO A 47 3.38 6.44 8.12
N LEU A 48 3.68 6.53 6.83
CA LEU A 48 2.94 7.34 5.88
C LEU A 48 3.60 7.26 4.51
N GLU A 49 4.89 7.56 4.50
CA GLU A 49 5.63 7.63 3.25
C GLU A 49 6.14 6.25 2.85
N TRP A 50 5.76 5.25 3.64
CA TRP A 50 6.04 3.86 3.31
C TRP A 50 5.22 3.44 2.08
N LEU A 51 4.10 4.11 1.89
CA LEU A 51 3.23 3.85 0.75
C LEU A 51 4.00 3.97 -0.55
N GLN A 52 4.83 4.99 -0.64
CA GLN A 52 5.64 5.23 -1.83
C GLN A 52 7.01 4.61 -1.65
N TRP A 53 7.65 4.28 -2.78
CA TRP A 53 9.02 3.78 -2.82
C TRP A 53 9.13 2.33 -2.31
N VAL A 54 8.41 1.99 -1.27
CA VAL A 54 8.42 0.62 -0.77
C VAL A 54 7.14 -0.13 -1.15
N LEU A 55 6.01 0.27 -0.58
CA LEU A 55 4.75 -0.48 -0.77
C LEU A 55 4.41 -0.62 -2.24
N ILE A 56 4.41 0.49 -2.98
CA ILE A 56 4.05 0.47 -4.39
C ILE A 56 4.94 -0.51 -5.19
N PRO A 57 6.29 -0.32 -5.23
CA PRO A 57 7.19 -1.27 -5.93
C PRO A 57 7.08 -2.69 -5.40
N ARG A 58 7.00 -2.83 -4.08
CA ARG A 58 6.90 -4.15 -3.46
C ARG A 58 5.66 -4.89 -3.94
N MET A 59 4.56 -4.16 -4.06
CA MET A 59 3.32 -4.75 -4.56
C MET A 59 3.39 -4.99 -6.07
N HIS A 60 4.18 -4.17 -6.78
CA HIS A 60 4.43 -4.41 -8.19
C HIS A 60 5.01 -5.80 -8.40
N ASP A 61 5.90 -6.19 -7.50
CA ASP A 61 6.52 -7.51 -7.53
C ASP A 61 5.49 -8.57 -7.14
N LEU A 62 4.81 -8.34 -6.03
CA LEU A 62 3.81 -9.27 -5.50
C LEU A 62 2.72 -9.55 -6.54
N LEU A 63 2.21 -8.49 -7.17
CA LEU A 63 1.15 -8.62 -8.16
C LEU A 63 1.64 -9.35 -9.40
N ASP A 64 2.91 -9.18 -9.72
CA ASP A 64 3.50 -9.82 -10.90
C ASP A 64 3.57 -11.33 -10.71
N ASN A 65 3.78 -11.74 -9.47
CA ASN A 65 3.88 -13.17 -9.16
C ASN A 65 2.50 -13.76 -8.91
N LYS A 66 1.46 -12.99 -9.22
CA LYS A 66 0.07 -13.43 -9.12
C LYS A 66 -0.26 -13.93 -7.72
N GLN A 67 0.34 -13.32 -6.71
CA GLN A 67 0.03 -13.67 -5.34
C GLN A 67 -1.38 -13.20 -5.00
N PRO A 68 -2.15 -14.01 -4.24
CA PRO A 68 -3.54 -13.71 -3.88
C PRO A 68 -3.64 -12.64 -2.82
N LEU A 69 -2.60 -11.79 -2.73
CA LEU A 69 -2.53 -10.71 -1.76
C LEU A 69 -2.46 -11.25 -0.34
N PRO A 70 -2.17 -10.39 0.66
CA PRO A 70 -2.17 -10.80 2.07
C PRO A 70 -3.52 -11.39 2.52
N GLY A 71 -4.59 -10.90 1.92
CA GLY A 71 -5.92 -11.39 2.25
C GLY A 71 -6.45 -10.81 3.55
N ALA A 72 -5.66 -9.94 4.15
CA ALA A 72 -6.03 -9.28 5.40
C ALA A 72 -5.29 -7.96 5.51
N PHE A 73 -5.06 -7.35 4.36
CA PHE A 73 -4.26 -6.14 4.30
C PHE A 73 -5.15 -4.91 4.36
N ALA A 74 -5.02 -4.15 5.43
CA ALA A 74 -5.76 -2.92 5.60
C ALA A 74 -4.88 -1.86 6.25
N VAL A 75 -4.52 -0.85 5.48
CA VAL A 75 -3.63 0.20 5.97
C VAL A 75 -4.40 1.42 6.43
N ALA A 76 -5.58 1.64 5.86
CA ALA A 76 -6.39 2.81 6.19
C ALA A 76 -6.71 2.88 7.70
N PRO A 77 -7.15 1.76 8.33
CA PRO A 77 -7.40 1.73 9.78
C PRO A 77 -6.21 2.22 10.60
N TYR A 78 -5.00 1.84 10.18
CA TYR A 78 -3.81 2.24 10.92
C TYR A 78 -3.49 3.71 10.68
N TYR A 79 -3.55 4.13 9.42
CA TYR A 79 -3.24 5.50 9.06
C TYR A 79 -4.26 6.47 9.64
N GLU A 80 -5.47 5.98 9.88
CA GLU A 80 -6.48 6.79 10.54
C GLU A 80 -6.02 7.21 11.93
N MET A 81 -5.35 6.28 12.62
CA MET A 81 -4.85 6.55 13.97
C MET A 81 -3.49 7.25 13.89
N ALA A 82 -2.72 6.90 12.86
CA ALA A 82 -1.38 7.43 12.70
C ALA A 82 -1.39 8.90 12.30
N LEU A 83 -2.18 9.23 11.29
CA LEU A 83 -2.25 10.59 10.78
C LEU A 83 -3.03 11.47 11.74
N ALA A 84 -2.57 12.72 11.86
CA ALA A 84 -3.20 13.67 12.75
C ALA A 84 -3.79 14.83 11.96
N THR A 85 -4.49 15.72 12.66
CA THR A 85 -5.11 16.89 12.04
C THR A 85 -4.03 17.90 11.63
N ASP A 86 -2.80 17.59 12.00
CA ASP A 86 -1.65 18.43 11.69
C ASP A 86 -1.59 18.80 10.22
N HIS A 87 -1.68 17.80 9.36
CA HIS A 87 -1.58 18.04 7.92
C HIS A 87 -2.93 17.85 7.25
N PRO A 88 -3.43 18.90 6.59
CA PRO A 88 -4.66 18.83 5.80
C PRO A 88 -4.48 17.97 4.55
N GLN A 89 -5.56 17.76 3.81
CA GLN A 89 -5.53 16.95 2.58
C GLN A 89 -5.21 15.49 2.91
N ARG A 90 -5.46 15.10 4.15
CA ARG A 90 -5.16 13.75 4.62
C ARG A 90 -6.31 12.81 4.27
N ALA A 91 -7.51 13.39 4.14
CA ALA A 91 -8.69 12.62 3.80
C ALA A 91 -8.58 12.06 2.39
N LEU A 92 -7.93 12.81 1.52
CA LEU A 92 -7.71 12.38 0.15
C LEU A 92 -6.88 11.10 0.12
N ILE A 93 -5.87 11.04 0.99
CA ILE A 93 -5.02 9.88 1.10
C ILE A 93 -5.80 8.71 1.69
N LEU A 94 -6.51 8.98 2.77
CA LEU A 94 -7.29 7.95 3.46
C LEU A 94 -8.35 7.35 2.55
N ALA A 95 -8.99 8.20 1.74
CA ALA A 95 -10.01 7.73 0.80
C ALA A 95 -9.40 6.79 -0.22
N GLU A 96 -8.21 7.14 -0.71
CA GLU A 96 -7.50 6.32 -1.67
C GLU A 96 -7.08 5.00 -1.02
N LEU A 97 -6.70 5.08 0.25
CA LEU A 97 -6.32 3.90 1.02
C LEU A 97 -7.50 2.96 1.21
N GLU A 98 -8.67 3.52 1.52
CA GLU A 98 -9.89 2.73 1.63
C GLU A 98 -10.18 1.99 0.34
N LYS A 99 -9.85 2.61 -0.78
CA LYS A 99 -10.03 2.01 -2.10
C LYS A 99 -9.03 0.87 -2.29
N LEU A 100 -7.80 1.10 -1.84
CA LEU A 100 -6.74 0.11 -1.93
C LEU A 100 -7.04 -1.09 -1.05
N ASP A 101 -7.39 -0.83 0.21
CA ASP A 101 -7.74 -1.89 1.15
C ASP A 101 -8.86 -2.76 0.60
N ALA A 102 -9.80 -2.13 -0.11
CA ALA A 102 -10.91 -2.83 -0.72
C ALA A 102 -10.44 -3.81 -1.79
N LEU A 103 -9.34 -3.47 -2.45
CA LEU A 103 -8.78 -4.34 -3.48
C LEU A 103 -8.12 -5.56 -2.84
N PHE A 104 -7.56 -5.37 -1.66
CA PHE A 104 -6.95 -6.48 -0.92
C PHE A 104 -8.02 -7.37 -0.30
N ALA A 105 -9.27 -6.93 -0.38
CA ALA A 105 -10.39 -7.73 0.05
C ALA A 105 -11.12 -8.33 -1.16
N ASP A 106 -10.66 -7.96 -2.34
CA ASP A 106 -11.26 -8.44 -3.59
C ASP A 106 -10.54 -9.68 -4.08
N ASP A 107 -9.23 -9.56 -4.27
CA ASP A 107 -8.40 -10.71 -4.63
C ASP A 107 -8.21 -11.56 -3.38
N ALA A 108 -9.00 -12.61 -3.27
CA ALA A 108 -9.10 -13.34 -2.03
C ALA A 108 -8.10 -14.48 -1.94
N SER A 109 -7.55 -14.65 -0.75
CA SER A 109 -6.74 -15.81 -0.44
C SER A 109 -7.64 -16.89 0.14
N LEU A 110 -7.47 -18.13 -0.31
CA LEU A 110 -8.26 -19.24 0.19
C LEU A 110 -7.93 -19.50 1.65
N GLU A 111 -6.67 -19.28 2.01
CA GLU A 111 -6.25 -19.35 3.40
C GLU A 111 -6.34 -17.97 4.05
N HIS A 112 -6.66 -17.96 5.33
CA HIS A 112 -6.95 -16.71 6.03
C HIS A 112 -5.82 -16.31 6.97
N HIS A 113 -5.45 -15.03 6.93
CA HIS A 113 -4.59 -14.46 7.96
C HIS A 113 -5.46 -13.94 9.10
N HIS A 114 -6.72 -13.67 8.77
CA HIS A 114 -7.75 -13.41 9.76
C HIS A 114 -8.87 -14.41 9.54
N HIS A 115 -9.22 -15.14 10.58
CA HIS A 115 -10.09 -16.31 10.46
C HIS A 115 -11.45 -15.97 9.85
N HIS A 116 -12.00 -14.83 10.20
CA HIS A 116 -13.26 -14.40 9.63
C HIS A 116 -13.04 -13.17 8.76
N HIS A 117 -13.05 -12.00 9.41
CA HIS A 117 -12.83 -10.74 8.72
C HIS A 117 -12.20 -9.75 9.68
N MET A 1 -8.93 -11.96 -13.43
CA MET A 1 -7.60 -11.51 -13.90
C MET A 1 -7.38 -10.02 -13.65
N THR A 2 -8.43 -9.24 -13.84
CA THR A 2 -8.33 -7.78 -13.81
C THR A 2 -8.15 -7.24 -12.40
N THR A 3 -8.50 -8.03 -11.39
CA THR A 3 -8.42 -7.58 -10.00
C THR A 3 -6.99 -7.23 -9.61
N HIS A 4 -6.04 -8.08 -9.98
CA HIS A 4 -4.63 -7.82 -9.69
C HIS A 4 -4.19 -6.53 -10.38
N ASP A 5 -4.53 -6.42 -11.66
CA ASP A 5 -4.19 -5.26 -12.46
C ASP A 5 -4.87 -4.01 -11.94
N ARG A 6 -6.05 -4.18 -11.35
CA ARG A 6 -6.78 -3.07 -10.79
C ARG A 6 -6.04 -2.51 -9.58
N VAL A 7 -5.42 -3.39 -8.82
CA VAL A 7 -4.56 -2.99 -7.71
C VAL A 7 -3.36 -2.22 -8.25
N ARG A 8 -2.81 -2.72 -9.35
CA ARG A 8 -1.69 -2.08 -10.04
C ARG A 8 -2.07 -0.66 -10.46
N LEU A 9 -3.26 -0.52 -11.03
CA LEU A 9 -3.77 0.78 -11.45
C LEU A 9 -3.99 1.70 -10.26
N GLN A 10 -4.44 1.12 -9.16
CA GLN A 10 -4.70 1.91 -7.95
C GLN A 10 -3.39 2.39 -7.35
N LEU A 11 -2.35 1.56 -7.45
CA LEU A 11 -1.02 1.94 -7.00
C LEU A 11 -0.54 3.16 -7.77
N GLN A 12 -0.87 3.20 -9.05
CA GLN A 12 -0.55 4.35 -9.90
C GLN A 12 -1.32 5.58 -9.42
N ALA A 13 -2.57 5.38 -9.05
CA ALA A 13 -3.41 6.44 -8.52
C ALA A 13 -2.84 6.96 -7.20
N LEU A 14 -2.38 6.03 -6.37
CA LEU A 14 -1.75 6.36 -5.10
C LEU A 14 -0.49 7.18 -5.36
N GLU A 15 0.33 6.71 -6.30
CA GLU A 15 1.53 7.42 -6.72
C GLU A 15 1.17 8.83 -7.19
N ALA A 16 0.15 8.91 -8.04
CA ALA A 16 -0.32 10.18 -8.58
C ALA A 16 -0.73 11.13 -7.45
N LEU A 17 -1.44 10.60 -6.46
CA LEU A 17 -1.91 11.39 -5.34
C LEU A 17 -0.73 11.99 -4.57
N LEU A 18 0.27 11.15 -4.31
CA LEU A 18 1.47 11.61 -3.62
C LEU A 18 2.25 12.59 -4.48
N ARG A 19 2.24 12.35 -5.78
CA ARG A 19 2.92 13.19 -6.75
C ARG A 19 2.28 14.59 -6.78
N GLU A 20 0.95 14.62 -6.78
CA GLU A 20 0.21 15.88 -6.80
C GLU A 20 0.60 16.77 -5.62
N HIS A 21 0.71 16.17 -4.45
CA HIS A 21 1.00 16.92 -3.24
C HIS A 21 2.49 16.89 -2.94
N GLN A 22 3.28 16.42 -3.91
CA GLN A 22 4.74 16.38 -3.82
C GLN A 22 5.22 15.73 -2.53
N HIS A 23 4.62 14.61 -2.19
CA HIS A 23 5.04 13.82 -1.03
C HIS A 23 5.86 12.63 -1.48
N TRP A 24 6.26 12.63 -2.75
CA TRP A 24 7.09 11.56 -3.28
C TRP A 24 8.47 12.12 -3.60
N ARG A 25 9.48 11.59 -2.93
CA ARG A 25 10.85 12.06 -3.13
C ARG A 25 11.67 10.95 -3.75
N ASN A 26 12.47 11.28 -4.76
CA ASN A 26 13.35 10.29 -5.36
C ASN A 26 14.55 10.07 -4.46
N ASP A 27 14.49 9.00 -3.67
CA ASP A 27 15.54 8.72 -2.70
C ASP A 27 15.87 7.23 -2.72
N GLU A 28 17.08 6.88 -2.34
CA GLU A 28 17.48 5.49 -2.32
C GLU A 28 17.59 4.98 -0.88
N PRO A 29 16.69 4.08 -0.48
CA PRO A 29 16.72 3.48 0.85
C PRO A 29 17.92 2.55 1.00
N GLN A 30 18.86 2.97 1.83
CA GLN A 30 20.08 2.20 2.04
C GLN A 30 19.78 0.92 2.81
N PRO A 31 20.65 -0.10 2.69
CA PRO A 31 20.47 -1.39 3.35
C PRO A 31 20.13 -1.27 4.84
N HIS A 32 20.77 -0.32 5.52
CA HIS A 32 20.56 -0.15 6.96
C HIS A 32 19.10 0.19 7.25
N GLN A 33 18.47 0.91 6.35
CA GLN A 33 17.07 1.28 6.50
C GLN A 33 16.20 0.03 6.53
N PHE A 34 16.57 -0.96 5.75
CA PHE A 34 15.82 -2.21 5.67
C PHE A 34 16.22 -3.18 6.76
N ASN A 35 17.35 -2.91 7.42
CA ASN A 35 17.85 -3.78 8.49
C ASN A 35 16.88 -3.82 9.66
N SER A 36 15.99 -2.83 9.73
CA SER A 36 14.94 -2.82 10.74
C SER A 36 14.06 -4.06 10.57
N THR A 37 13.78 -4.38 9.30
CA THR A 37 12.99 -5.56 8.93
C THR A 37 11.68 -5.62 9.72
N GLN A 38 10.84 -4.62 9.49
CA GLN A 38 9.54 -4.55 10.15
C GLN A 38 8.47 -4.31 9.09
N PRO A 39 7.22 -4.73 9.33
CA PRO A 39 6.12 -4.65 8.35
C PRO A 39 6.05 -3.30 7.63
N PHE A 40 6.08 -2.23 8.41
CA PHE A 40 6.04 -0.88 7.86
C PHE A 40 7.39 -0.18 8.08
N PHE A 41 8.37 -0.95 8.54
CA PHE A 41 9.68 -0.42 8.89
C PHE A 41 9.56 0.77 9.83
N MET A 42 8.59 0.67 10.75
CA MET A 42 8.23 1.77 11.66
C MET A 42 9.28 1.98 12.75
N ASP A 43 10.53 2.13 12.34
CA ASP A 43 11.62 2.35 13.26
C ASP A 43 12.72 3.15 12.59
N THR A 44 13.37 2.53 11.61
CA THR A 44 14.49 3.15 10.92
C THR A 44 14.03 4.15 9.86
N MET A 45 12.80 3.98 9.38
CA MET A 45 12.25 4.89 8.37
C MET A 45 10.88 5.40 8.80
N GLU A 46 10.45 6.48 8.17
CA GLU A 46 9.13 7.03 8.43
C GLU A 46 8.05 6.18 7.77
N PRO A 47 6.95 5.91 8.50
CA PRO A 47 5.83 5.12 7.96
C PRO A 47 5.24 5.75 6.70
N LEU A 48 5.46 7.04 6.51
CA LEU A 48 4.98 7.75 5.34
C LEU A 48 5.81 7.40 4.10
N GLU A 49 7.10 7.19 4.31
CA GLU A 49 8.02 6.86 3.22
C GLU A 49 7.74 5.44 2.73
N TRP A 50 7.11 4.64 3.60
CA TRP A 50 6.79 3.26 3.30
C TRP A 50 5.87 3.18 2.07
N LEU A 51 5.02 4.19 1.90
CA LEU A 51 4.11 4.24 0.76
C LEU A 51 4.86 4.35 -0.56
N GLN A 52 5.94 5.13 -0.54
CA GLN A 52 6.65 5.50 -1.76
C GLN A 52 7.45 4.34 -2.33
N TRP A 53 8.55 4.01 -1.67
CA TRP A 53 9.52 3.09 -2.23
C TRP A 53 9.37 1.67 -1.70
N VAL A 54 8.34 1.43 -0.90
CA VAL A 54 8.11 0.09 -0.39
C VAL A 54 6.77 -0.46 -0.86
N LEU A 55 5.68 0.05 -0.29
CA LEU A 55 4.34 -0.51 -0.52
C LEU A 55 4.02 -0.68 -2.00
N ILE A 56 4.06 0.41 -2.76
CA ILE A 56 3.68 0.37 -4.16
C ILE A 56 4.57 -0.57 -4.99
N PRO A 57 5.91 -0.41 -4.96
CA PRO A 57 6.82 -1.34 -5.66
C PRO A 57 6.64 -2.78 -5.19
N ARG A 58 6.44 -2.96 -3.89
CA ARG A 58 6.25 -4.29 -3.31
C ARG A 58 5.02 -4.96 -3.88
N MET A 59 3.89 -4.25 -3.84
CA MET A 59 2.63 -4.79 -4.33
C MET A 59 2.67 -4.99 -5.84
N HIS A 60 3.43 -4.14 -6.53
CA HIS A 60 3.62 -4.30 -7.97
C HIS A 60 4.14 -5.68 -8.30
N ASP A 61 5.11 -6.14 -7.52
CA ASP A 61 5.71 -7.45 -7.74
C ASP A 61 4.79 -8.56 -7.25
N LEU A 62 4.07 -8.28 -6.16
CA LEU A 62 3.08 -9.23 -5.63
C LEU A 62 2.04 -9.56 -6.70
N LEU A 63 1.61 -8.53 -7.41
CA LEU A 63 0.65 -8.67 -8.49
C LEU A 63 1.29 -9.39 -9.67
N ASP A 64 2.55 -9.08 -9.92
CA ASP A 64 3.32 -9.71 -10.99
C ASP A 64 3.45 -11.22 -10.74
N ASN A 65 3.58 -11.59 -9.46
CA ASN A 65 3.67 -12.99 -9.08
C ASN A 65 2.31 -13.68 -9.25
N LYS A 66 1.26 -12.87 -9.39
CA LYS A 66 -0.11 -13.36 -9.55
C LYS A 66 -0.57 -14.14 -8.32
N GLN A 67 -0.14 -13.68 -7.16
CA GLN A 67 -0.53 -14.31 -5.90
C GLN A 67 -1.98 -13.98 -5.57
N PRO A 68 -2.67 -14.86 -4.81
CA PRO A 68 -4.08 -14.65 -4.40
C PRO A 68 -4.24 -13.55 -3.36
N LEU A 69 -3.26 -12.64 -3.31
CA LEU A 69 -3.30 -11.46 -2.45
C LEU A 69 -3.31 -11.81 -0.96
N PRO A 70 -3.00 -10.82 -0.09
CA PRO A 70 -3.04 -11.01 1.36
C PRO A 70 -4.46 -11.26 1.87
N GLY A 71 -5.44 -10.63 1.22
CA GLY A 71 -6.84 -10.89 1.56
C GLY A 71 -7.53 -9.68 2.15
N ALA A 72 -6.91 -9.08 3.15
CA ALA A 72 -7.50 -7.93 3.83
C ALA A 72 -6.40 -6.96 4.22
N PHE A 73 -5.87 -6.27 3.23
CA PHE A 73 -4.77 -5.34 3.45
C PHE A 73 -5.30 -3.92 3.62
N ALA A 74 -5.59 -3.56 4.85
CA ALA A 74 -6.11 -2.23 5.15
C ALA A 74 -5.10 -1.42 5.95
N VAL A 75 -4.44 -0.49 5.29
CA VAL A 75 -3.46 0.36 5.96
C VAL A 75 -4.06 1.70 6.35
N ALA A 76 -5.31 1.92 5.96
CA ALA A 76 -6.00 3.17 6.28
C ALA A 76 -6.09 3.40 7.80
N PRO A 77 -6.52 2.42 8.61
CA PRO A 77 -6.56 2.57 10.07
C PRO A 77 -5.17 2.80 10.66
N TYR A 78 -4.17 2.20 10.02
CA TYR A 78 -2.79 2.34 10.47
C TYR A 78 -2.29 3.77 10.25
N TYR A 79 -2.55 4.30 9.07
CA TYR A 79 -2.09 5.63 8.72
C TYR A 79 -2.91 6.71 9.40
N GLU A 80 -4.04 6.32 9.98
CA GLU A 80 -4.82 7.24 10.80
C GLU A 80 -4.12 7.45 12.13
N MET A 81 -3.11 6.61 12.40
CA MET A 81 -2.31 6.72 13.60
C MET A 81 -0.89 7.15 13.26
N ALA A 82 -0.35 6.56 12.19
CA ALA A 82 1.00 6.88 11.73
C ALA A 82 1.09 8.34 11.30
N LEU A 83 0.02 8.84 10.72
CA LEU A 83 -0.06 10.24 10.34
C LEU A 83 -0.96 10.97 11.32
N ALA A 84 -0.80 12.28 11.42
CA ALA A 84 -1.59 13.08 12.34
C ALA A 84 -3.05 13.11 11.90
N THR A 85 -3.94 13.16 12.89
CA THR A 85 -5.38 13.22 12.62
C THR A 85 -5.78 14.63 12.21
N ASP A 86 -4.85 15.55 12.31
CA ASP A 86 -5.05 16.92 11.86
C ASP A 86 -4.84 16.98 10.35
N HIS A 87 -5.21 18.10 9.73
CA HIS A 87 -5.01 18.31 8.29
C HIS A 87 -5.94 17.38 7.49
N PRO A 88 -7.18 17.86 7.24
CA PRO A 88 -8.25 17.06 6.60
C PRO A 88 -7.87 16.47 5.24
N GLN A 89 -6.81 16.98 4.63
CA GLN A 89 -6.34 16.49 3.35
C GLN A 89 -5.94 15.02 3.44
N ARG A 90 -5.70 14.54 4.65
CA ARG A 90 -5.34 13.14 4.89
C ARG A 90 -6.47 12.21 4.43
N ALA A 91 -7.69 12.75 4.36
CA ALA A 91 -8.85 11.95 3.97
C ALA A 91 -8.70 11.42 2.54
N LEU A 92 -8.04 12.21 1.69
CA LEU A 92 -7.81 11.80 0.30
C LEU A 92 -6.90 10.58 0.26
N ILE A 93 -5.88 10.59 1.09
CA ILE A 93 -4.93 9.48 1.16
C ILE A 93 -5.62 8.24 1.71
N LEU A 94 -6.38 8.42 2.78
CA LEU A 94 -7.09 7.31 3.41
C LEU A 94 -8.10 6.69 2.45
N ALA A 95 -8.83 7.53 1.73
CA ALA A 95 -9.82 7.06 0.77
C ALA A 95 -9.16 6.21 -0.32
N GLU A 96 -7.97 6.61 -0.73
CA GLU A 96 -7.22 5.88 -1.73
C GLU A 96 -6.82 4.51 -1.16
N LEU A 97 -6.40 4.51 0.10
CA LEU A 97 -6.00 3.28 0.78
C LEU A 97 -7.19 2.35 0.97
N GLU A 98 -8.36 2.93 1.22
CA GLU A 98 -9.59 2.15 1.37
C GLU A 98 -9.96 1.46 0.07
N LYS A 99 -9.72 2.14 -1.05
CA LYS A 99 -9.94 1.55 -2.36
C LYS A 99 -9.02 0.35 -2.55
N LEU A 100 -7.76 0.54 -2.18
CA LEU A 100 -6.76 -0.51 -2.26
C LEU A 100 -7.19 -1.72 -1.43
N ASP A 101 -7.70 -1.44 -0.22
CA ASP A 101 -8.22 -2.48 0.67
C ASP A 101 -9.31 -3.31 -0.01
N ALA A 102 -10.25 -2.63 -0.66
CA ALA A 102 -11.35 -3.30 -1.33
C ALA A 102 -10.86 -4.20 -2.45
N LEU A 103 -9.78 -3.77 -3.11
CA LEU A 103 -9.22 -4.50 -4.23
C LEU A 103 -8.57 -5.81 -3.75
N PHE A 104 -7.90 -5.75 -2.60
CA PHE A 104 -7.25 -6.92 -2.04
C PHE A 104 -8.28 -7.93 -1.52
N ALA A 105 -9.50 -7.45 -1.30
CA ALA A 105 -10.56 -8.29 -0.78
C ALA A 105 -11.37 -8.93 -1.91
N ASP A 106 -11.09 -8.52 -3.14
CA ASP A 106 -11.84 -9.03 -4.28
C ASP A 106 -11.19 -10.30 -4.83
N ASP A 107 -9.87 -10.32 -4.90
CA ASP A 107 -9.16 -11.46 -5.46
C ASP A 107 -8.88 -12.50 -4.38
N ALA A 108 -9.49 -13.66 -4.54
CA ALA A 108 -9.32 -14.75 -3.59
C ALA A 108 -9.80 -16.05 -4.21
N SER A 109 -9.68 -17.13 -3.47
CA SER A 109 -10.14 -18.42 -3.94
C SER A 109 -11.53 -18.70 -3.39
N LEU A 110 -12.10 -19.83 -3.76
CA LEU A 110 -13.40 -20.24 -3.25
C LEU A 110 -13.24 -20.89 -1.88
N GLU A 111 -11.99 -21.14 -1.52
CA GLU A 111 -11.67 -21.74 -0.25
C GLU A 111 -11.34 -20.68 0.79
N HIS A 112 -11.31 -21.08 2.05
CA HIS A 112 -11.19 -20.13 3.15
C HIS A 112 -9.74 -19.85 3.51
N HIS A 113 -8.82 -20.50 2.81
CA HIS A 113 -7.40 -20.27 3.01
C HIS A 113 -6.73 -19.95 1.68
N HIS A 114 -5.80 -19.01 1.70
CA HIS A 114 -5.12 -18.56 0.49
C HIS A 114 -4.17 -19.64 -0.02
N HIS A 115 -3.52 -20.32 0.92
CA HIS A 115 -2.64 -21.43 0.57
C HIS A 115 -2.65 -22.46 1.70
N HIS A 116 -2.92 -23.71 1.34
CA HIS A 116 -3.01 -24.79 2.32
C HIS A 116 -1.64 -25.35 2.65
N HIS A 117 -1.62 -26.40 3.45
CA HIS A 117 -0.38 -27.04 3.84
C HIS A 117 -0.44 -28.53 3.52
#